data_6R2J
#
_entry.id   6R2J
#
_cell.length_a   70.250
_cell.length_b   82.820
_cell.length_c   104.680
_cell.angle_alpha   90.000
_cell.angle_beta   91.970
_cell.angle_gamma   90.000
#
_symmetry.space_group_name_H-M   'P 1 21 1'
#
loop_
_entity.id
_entity.type
_entity.pdbx_description
1 polymer Endoglucanase(Endo-1,4-beta-glucanase)protein
2 branched beta-D-glucopyranose-(1-4)-beta-D-glucopyranose
3 non-polymer 2-AMINO-2-HYDROXYMETHYL-PROPANE-1,3-DIOL
4 water water
#
_entity_poly.entity_id   1
_entity_poly.type   'polypeptide(L)'
_entity_poly.pdbx_seq_one_letter_code
;ADWPVNDEGGLALHGVNISGAGFAPHITPGKNGTHYFYPEKKHFKYYADQGIRLIRFPFIWERVQHSLDSGLNFDQIRLL
KKTLDLAAQNGQKVILDMHNYGRYHGELIGSSKVPYEAYASVWRKLAERFKGHPGLLGYDIMNEPHSTVGLWPGAAQAAV
DAIREVDDQTLIFIEGERWSSAYHWPLVNANFLINDPADRLIYEAHLYFDDDFSGKYMAQTSRNIDPMIGVERARPFIEW
LQKHGQKGFLGEYGIPDDLPEAAQAMDNLLAYLNDNCVPSAYWAGGPGWGTYKLAIEPRNGKDRPQMELMRKHLANDCTA
IGPTPAQIAD
;
_entity_poly.pdbx_strand_id   A,B,C,D
#
loop_
_chem_comp.id
_chem_comp.type
_chem_comp.name
_chem_comp.formula
BGC D-saccharide, beta linking beta-D-glucopyranose 'C6 H12 O6'
TRS non-polymer 2-AMINO-2-HYDROXYMETHYL-PROPANE-1,3-DIOL 'C4 H12 N O3 1'
#
# COMPACT_ATOMS: atom_id res chain seq x y z
N ALA A 1 -18.59 17.30 -8.28
CA ALA A 1 -17.16 17.72 -8.27
C ALA A 1 -16.48 16.97 -9.41
N ASP A 2 -16.01 15.74 -9.12
CA ASP A 2 -15.33 14.88 -10.09
C ASP A 2 -16.33 14.29 -11.07
N TRP A 3 -17.24 15.13 -11.57
CA TRP A 3 -18.24 14.68 -12.52
C TRP A 3 -17.57 14.24 -13.81
N PRO A 4 -18.03 13.15 -14.42
CA PRO A 4 -17.40 12.70 -15.69
C PRO A 4 -17.52 13.78 -16.75
N VAL A 5 -16.51 13.84 -17.61
CA VAL A 5 -16.42 14.86 -18.66
C VAL A 5 -16.51 14.17 -20.01
N ASN A 6 -17.01 14.91 -21.00
CA ASN A 6 -17.03 14.45 -22.38
C ASN A 6 -15.67 14.73 -23.03
N ASP A 7 -15.37 13.95 -24.06
CA ASP A 7 -14.07 14.09 -24.74
C ASP A 7 -13.89 15.46 -25.41
N GLU A 8 -14.88 15.90 -26.17
CA GLU A 8 -14.75 17.17 -26.88
C GLU A 8 -15.15 18.35 -26.02
N GLY A 9 -15.20 18.18 -24.69
CA GLY A 9 -15.54 19.28 -23.83
C GLY A 9 -16.95 19.15 -23.26
N GLY A 10 -17.19 19.88 -22.19
CA GLY A 10 -18.44 19.76 -21.46
C GLY A 10 -18.43 18.61 -20.46
N LEU A 11 -19.61 18.39 -19.86
CA LEU A 11 -19.77 17.33 -18.88
C LEU A 11 -20.60 16.18 -19.44
N ALA A 12 -20.35 14.97 -18.91
CA ALA A 12 -21.21 13.80 -19.18
C ALA A 12 -22.45 13.96 -18.33
N LEU A 13 -23.47 14.64 -18.89
CA LEU A 13 -24.68 14.98 -18.15
C LEU A 13 -25.73 13.89 -18.25
N HIS A 14 -25.88 13.29 -19.43
CA HIS A 14 -27.03 12.44 -19.73
C HIS A 14 -26.62 11.00 -19.85
N GLY A 15 -27.08 10.21 -18.89
CA GLY A 15 -26.64 8.86 -18.74
C GLY A 15 -27.82 7.93 -18.75
N VAL A 16 -27.63 6.75 -18.15
CA VAL A 16 -28.59 5.66 -18.23
C VAL A 16 -28.65 4.95 -16.90
N ASN A 17 -29.84 4.53 -16.52
CA ASN A 17 -29.96 3.55 -15.47
C ASN A 17 -29.69 2.16 -16.06
N ILE A 18 -28.93 1.33 -15.31
CA ILE A 18 -28.53 0.00 -15.76
C ILE A 18 -29.04 -1.08 -14.81
N SER A 19 -29.78 -2.06 -15.37
CA SER A 19 -30.37 -3.17 -14.66
C SER A 19 -29.27 -4.14 -14.22
N GLY A 20 -29.63 -5.11 -13.34
CA GLY A 20 -31.01 -5.38 -12.88
C GLY A 20 -30.95 -5.91 -11.47
N ALA A 21 -30.08 -5.35 -10.62
CA ALA A 21 -29.82 -5.83 -9.26
C ALA A 21 -30.94 -5.52 -8.28
N GLY A 22 -31.87 -4.64 -8.66
CA GLY A 22 -33.05 -4.37 -7.88
C GLY A 22 -34.30 -5.03 -8.39
N PHE A 23 -34.20 -5.90 -9.38
CA PHE A 23 -35.35 -6.59 -9.93
C PHE A 23 -36.01 -7.51 -8.89
N ALA A 24 -37.32 -7.69 -9.07
CA ALA A 24 -38.12 -8.62 -8.26
C ALA A 24 -37.85 -8.38 -6.77
N PRO A 25 -38.04 -7.15 -6.29
CA PRO A 25 -37.64 -6.84 -4.90
C PRO A 25 -38.42 -7.57 -3.85
N HIS A 26 -39.61 -8.12 -4.16
CA HIS A 26 -40.35 -8.91 -3.17
C HIS A 26 -39.71 -10.27 -2.91
N ILE A 27 -38.87 -10.73 -3.83
CA ILE A 27 -38.12 -11.97 -3.67
C ILE A 27 -36.77 -11.59 -3.06
N THR A 28 -36.65 -11.79 -1.74
CA THR A 28 -35.38 -11.59 -1.07
C THR A 28 -34.95 -12.84 -0.31
N PRO A 29 -33.68 -13.19 -0.34
CA PRO A 29 -32.66 -12.44 -1.09
C PRO A 29 -32.76 -12.72 -2.60
N GLY A 30 -33.47 -13.79 -2.95
CA GLY A 30 -33.48 -14.23 -4.32
C GLY A 30 -32.10 -14.70 -4.77
N LYS A 31 -32.01 -15.08 -6.05
CA LYS A 31 -30.76 -15.54 -6.62
C LYS A 31 -30.33 -14.67 -7.80
N ASN A 32 -29.07 -14.25 -7.79
CA ASN A 32 -28.50 -13.64 -8.97
C ASN A 32 -28.61 -14.58 -10.15
N GLY A 33 -29.05 -14.05 -11.27
CA GLY A 33 -29.21 -14.84 -12.47
C GLY A 33 -30.61 -15.39 -12.68
N THR A 34 -31.47 -15.31 -11.68
CA THR A 34 -32.84 -15.80 -11.77
C THR A 34 -33.80 -14.66 -11.53
N HIS A 35 -33.73 -14.03 -10.36
CA HIS A 35 -34.62 -12.98 -9.93
C HIS A 35 -34.08 -11.60 -10.22
N TYR A 36 -32.77 -11.46 -10.19
CA TYR A 36 -32.11 -10.20 -10.50
C TYR A 36 -30.82 -10.55 -11.24
N PHE A 37 -30.20 -9.52 -11.78
CA PHE A 37 -29.10 -9.68 -12.73
C PHE A 37 -28.17 -8.50 -12.57
N TYR A 38 -26.94 -8.74 -12.80
CA TYR A 38 -25.87 -7.77 -12.89
C TYR A 38 -25.33 -7.67 -14.32
N PRO A 39 -24.95 -6.47 -14.74
CA PRO A 39 -24.49 -6.28 -16.10
C PRO A 39 -23.08 -6.86 -16.29
N GLU A 40 -22.72 -7.00 -17.56
CA GLU A 40 -21.45 -7.51 -18.01
C GLU A 40 -20.69 -6.44 -18.77
N LYS A 41 -19.45 -6.75 -19.16
CA LYS A 41 -18.63 -5.78 -19.86
C LYS A 41 -19.31 -5.26 -21.14
N LYS A 42 -20.14 -6.09 -21.78
CA LYS A 42 -20.76 -5.67 -23.03
C LYS A 42 -21.64 -4.45 -22.83
N HIS A 43 -22.34 -4.38 -21.70
CA HIS A 43 -23.22 -3.25 -21.44
C HIS A 43 -22.42 -1.97 -21.28
N PHE A 44 -21.38 -1.99 -20.46
CA PHE A 44 -20.64 -0.76 -20.24
C PHE A 44 -19.94 -0.31 -21.52
N LYS A 45 -19.45 -1.27 -22.31
CA LYS A 45 -18.81 -0.97 -23.59
C LYS A 45 -19.81 -0.38 -24.57
N TYR A 46 -21.00 -0.96 -24.68
CA TYR A 46 -22.01 -0.40 -25.56
C TYR A 46 -22.29 1.07 -25.22
N TYR A 47 -22.59 1.36 -23.96
CA TYR A 47 -23.01 2.73 -23.64
C TYR A 47 -21.83 3.69 -23.75
N ALA A 48 -20.65 3.26 -23.35
CA ALA A 48 -19.46 4.06 -23.63
C ALA A 48 -19.33 4.34 -25.13
N ASP A 49 -19.57 3.32 -25.96
CA ASP A 49 -19.43 3.52 -27.40
C ASP A 49 -20.40 4.58 -27.90
N GLN A 50 -21.54 4.73 -27.24
CA GLN A 50 -22.54 5.74 -27.57
C GLN A 50 -22.23 7.10 -26.95
N GLY A 51 -21.08 7.27 -26.32
CA GLY A 51 -20.72 8.53 -25.71
C GLY A 51 -21.26 8.78 -24.32
N ILE A 52 -21.72 7.73 -23.63
CA ILE A 52 -22.36 7.84 -22.33
C ILE A 52 -21.33 7.44 -21.30
N ARG A 53 -21.08 8.35 -20.35
CA ARG A 53 -20.13 8.13 -19.28
CA ARG A 53 -20.13 8.13 -19.27
C ARG A 53 -20.76 8.14 -17.90
N LEU A 54 -22.08 8.31 -17.81
CA LEU A 54 -22.80 8.37 -16.55
C LEU A 54 -23.75 7.18 -16.45
N ILE A 55 -23.72 6.51 -15.30
CA ILE A 55 -24.53 5.34 -15.03
C ILE A 55 -25.13 5.48 -13.63
N ARG A 56 -26.43 5.26 -13.52
CA ARG A 56 -27.10 5.10 -12.24
C ARG A 56 -27.41 3.62 -12.08
N PHE A 57 -27.00 3.05 -10.96
CA PHE A 57 -27.12 1.60 -10.79
C PHE A 57 -27.93 1.22 -9.56
N PRO A 58 -29.21 0.84 -9.72
CA PRO A 58 -30.01 0.40 -8.56
C PRO A 58 -29.58 -0.96 -7.99
N PHE A 59 -29.61 -1.05 -6.66
CA PHE A 59 -29.47 -2.27 -5.89
C PHE A 59 -30.45 -2.12 -4.72
N ILE A 60 -30.67 -3.21 -4.00
CA ILE A 60 -31.53 -3.13 -2.82
C ILE A 60 -30.77 -3.47 -1.54
N TRP A 61 -31.15 -2.79 -0.47
CA TRP A 61 -30.54 -3.02 0.83
C TRP A 61 -30.66 -4.49 1.27
N GLU A 62 -31.82 -5.11 0.98
CA GLU A 62 -32.09 -6.47 1.43
C GLU A 62 -31.11 -7.48 0.85
N ARG A 63 -30.47 -7.17 -0.27
CA ARG A 63 -29.50 -8.10 -0.85
C ARG A 63 -28.08 -7.83 -0.39
N VAL A 64 -27.78 -6.59 0.07
CA VAL A 64 -26.46 -6.32 0.66
CA VAL A 64 -26.46 -6.31 0.66
C VAL A 64 -26.44 -6.65 2.15
N GLN A 65 -27.60 -6.60 2.81
CA GLN A 65 -27.74 -6.93 4.23
C GLN A 65 -29.06 -7.70 4.39
N HIS A 66 -28.97 -9.02 4.52
CA HIS A 66 -30.19 -9.81 4.61
C HIS A 66 -31.01 -9.52 5.85
N SER A 67 -30.36 -9.08 6.93
CA SER A 67 -31.05 -8.71 8.16
C SER A 67 -30.22 -7.66 8.87
N LEU A 68 -30.88 -6.89 9.74
CA LEU A 68 -30.20 -5.83 10.48
C LEU A 68 -29.16 -6.38 11.47
N ASP A 69 -29.31 -7.63 11.93
CA ASP A 69 -28.33 -8.28 12.80
C ASP A 69 -27.23 -8.99 12.03
N SER A 70 -27.28 -8.95 10.71
CA SER A 70 -26.28 -9.54 9.85
C SER A 70 -25.31 -8.48 9.34
N GLY A 71 -24.10 -8.91 9.01
CA GLY A 71 -23.17 -8.09 8.27
C GLY A 71 -23.58 -8.06 6.81
N LEU A 72 -22.72 -7.44 6.01
CA LEU A 72 -22.97 -7.31 4.58
C LEU A 72 -22.70 -8.63 3.87
N ASN A 73 -23.46 -8.85 2.81
CA ASN A 73 -23.26 -10.02 1.96
C ASN A 73 -22.03 -9.81 1.06
N PHE A 74 -21.00 -10.65 1.27
CA PHE A 74 -19.74 -10.56 0.53
C PHE A 74 -19.95 -10.65 -0.97
N ASP A 75 -20.75 -11.60 -1.43
CA ASP A 75 -20.91 -11.76 -2.88
C ASP A 75 -21.63 -10.57 -3.50
N GLN A 76 -22.59 -9.96 -2.79
CA GLN A 76 -23.30 -8.81 -3.35
C GLN A 76 -22.36 -7.62 -3.44
N ILE A 77 -21.54 -7.43 -2.41
CA ILE A 77 -20.53 -6.38 -2.47
C ILE A 77 -19.57 -6.62 -3.66
N ARG A 78 -19.09 -7.85 -3.80
CA ARG A 78 -18.24 -8.25 -4.92
C ARG A 78 -18.93 -7.94 -6.25
N LEU A 79 -20.25 -8.15 -6.32
CA LEU A 79 -20.97 -7.88 -7.56
C LEU A 79 -21.05 -6.38 -7.84
N LEU A 80 -21.23 -5.58 -6.79
CA LEU A 80 -21.22 -4.13 -6.96
C LEU A 80 -19.82 -3.63 -7.30
N LYS A 81 -18.78 -4.21 -6.69
CA LYS A 81 -17.41 -3.81 -7.02
C LYS A 81 -17.09 -4.08 -8.49
N LYS A 82 -17.50 -5.25 -8.98
CA LYS A 82 -17.36 -5.59 -10.38
C LYS A 82 -18.01 -4.53 -11.25
N THR A 83 -19.24 -4.12 -10.88
CA THR A 83 -19.97 -3.10 -11.64
C THR A 83 -19.16 -1.81 -11.70
N LEU A 84 -18.65 -1.37 -10.55
CA LEU A 84 -17.82 -0.16 -10.52
C LEU A 84 -16.55 -0.36 -11.31
N ASP A 85 -15.95 -1.56 -11.24
CA ASP A 85 -14.73 -1.83 -11.99
C ASP A 85 -14.95 -1.71 -13.48
N LEU A 86 -16.02 -2.35 -13.97
CA LEU A 86 -16.28 -2.38 -15.41
C LEU A 86 -16.67 -1.01 -15.91
N ALA A 87 -17.45 -0.25 -15.12
CA ALA A 87 -17.75 1.13 -15.47
C ALA A 87 -16.46 1.93 -15.64
N ALA A 88 -15.57 1.85 -14.66
CA ALA A 88 -14.38 2.73 -14.64
C ALA A 88 -13.41 2.36 -15.77
N GLN A 89 -13.27 1.07 -16.06
CA GLN A 89 -12.42 0.68 -17.17
C GLN A 89 -12.91 1.29 -18.47
N ASN A 90 -14.21 1.51 -18.58
CA ASN A 90 -14.81 2.09 -19.78
C ASN A 90 -15.03 3.58 -19.65
N GLY A 91 -14.27 4.25 -18.79
CA GLY A 91 -14.36 5.70 -18.66
C GLY A 91 -15.66 6.23 -18.14
N GLN A 92 -16.41 5.41 -17.38
CA GLN A 92 -17.69 5.79 -16.80
C GLN A 92 -17.60 5.91 -15.28
N LYS A 93 -18.55 6.65 -14.69
CA LYS A 93 -18.69 6.78 -13.25
CA LYS A 93 -18.68 6.77 -13.25
C LYS A 93 -20.13 6.47 -12.87
N VAL A 94 -20.30 5.84 -11.72
CA VAL A 94 -21.55 5.20 -11.36
C VAL A 94 -22.15 5.84 -10.13
N ILE A 95 -23.47 6.02 -10.15
CA ILE A 95 -24.25 6.38 -8.99
C ILE A 95 -24.87 5.09 -8.47
N LEU A 96 -24.39 4.64 -7.32
CA LEU A 96 -25.01 3.52 -6.64
C LEU A 96 -26.31 3.96 -5.97
N ASP A 97 -27.40 3.29 -6.30
CA ASP A 97 -28.74 3.73 -5.90
C ASP A 97 -29.33 2.65 -5.04
N MET A 98 -29.52 2.94 -3.74
CA MET A 98 -30.23 2.01 -2.85
C MET A 98 -31.73 2.16 -3.16
N HIS A 99 -32.26 1.21 -3.91
CA HIS A 99 -33.54 1.36 -4.61
C HIS A 99 -34.69 0.88 -3.72
N ASN A 100 -34.83 1.56 -2.56
CA ASN A 100 -35.62 0.98 -1.47
C ASN A 100 -36.89 1.71 -1.02
N TYR A 101 -37.26 2.84 -1.62
CA TYR A 101 -38.60 3.40 -1.41
C TYR A 101 -38.90 3.77 0.04
N GLY A 102 -37.87 4.16 0.80
CA GLY A 102 -38.04 4.48 2.21
C GLY A 102 -38.23 3.29 3.14
N ARG A 103 -37.94 2.06 2.69
CA ARG A 103 -38.33 0.88 3.44
C ARG A 103 -37.26 -0.20 3.41
N TYR A 104 -37.28 -1.06 4.45
CA TYR A 104 -36.41 -2.22 4.58
C TYR A 104 -37.28 -3.42 4.97
N HIS A 105 -37.29 -4.46 4.14
CA HIS A 105 -38.17 -5.62 4.33
C HIS A 105 -39.60 -5.16 4.57
N GLY A 106 -40.00 -4.11 3.83
CA GLY A 106 -41.36 -3.60 3.86
C GLY A 106 -41.69 -2.63 4.96
N GLU A 107 -40.80 -2.42 5.93
CA GLU A 107 -41.05 -1.56 7.07
C GLU A 107 -40.34 -0.25 6.83
N LEU A 108 -40.88 0.83 7.42
CA LEU A 108 -40.38 2.18 7.17
C LEU A 108 -39.06 2.44 7.92
N ILE A 109 -38.08 2.99 7.20
CA ILE A 109 -36.86 3.46 7.85
C ILE A 109 -37.22 4.60 8.79
N GLY A 110 -36.88 4.45 10.07
CA GLY A 110 -37.31 5.37 11.10
C GLY A 110 -38.41 4.81 11.98
N SER A 111 -38.96 3.66 11.60
CA SER A 111 -39.89 2.91 12.40
C SER A 111 -39.13 2.18 13.50
N SER A 112 -39.88 1.75 14.52
CA SER A 112 -39.25 0.97 15.58
C SER A 112 -38.51 -0.23 14.98
N LYS A 113 -39.06 -0.82 13.90
CA LYS A 113 -38.49 -2.04 13.34
C LYS A 113 -37.22 -1.76 12.51
N VAL A 114 -37.07 -0.56 12.02
CA VAL A 114 -35.89 -0.23 11.20
C VAL A 114 -35.38 1.13 11.64
N PRO A 115 -34.62 1.23 12.73
CA PRO A 115 -34.23 2.56 13.22
C PRO A 115 -33.31 3.27 12.25
N TYR A 116 -33.29 4.59 12.39
CA TYR A 116 -32.36 5.41 11.65
C TYR A 116 -30.93 4.92 11.76
N GLU A 117 -30.53 4.42 12.94
CA GLU A 117 -29.17 3.93 13.14
C GLU A 117 -28.86 2.72 12.25
N ALA A 118 -29.86 1.93 11.90
CA ALA A 118 -29.61 0.77 11.03
C ALA A 118 -29.29 1.20 9.61
N TYR A 119 -29.99 2.23 9.14
CA TYR A 119 -29.74 2.82 7.83
C TYR A 119 -28.38 3.52 7.79
N ALA A 120 -28.11 4.39 8.78
CA ALA A 120 -26.79 5.01 8.87
C ALA A 120 -25.65 3.98 8.80
N SER A 121 -25.76 2.89 9.56
CA SER A 121 -24.67 1.91 9.63
C SER A 121 -24.44 1.25 8.27
N VAL A 122 -25.53 0.84 7.61
CA VAL A 122 -25.38 0.17 6.32
C VAL A 122 -24.70 1.10 5.33
N TRP A 123 -25.00 2.41 5.39
CA TRP A 123 -24.35 3.33 4.46
C TRP A 123 -22.91 3.59 4.88
N ARG A 124 -22.69 3.71 6.18
CA ARG A 124 -21.31 3.78 6.66
C ARG A 124 -20.54 2.56 6.20
N LYS A 125 -21.12 1.37 6.38
CA LYS A 125 -20.43 0.15 5.97
C LYS A 125 -20.23 0.09 4.47
N LEU A 126 -21.26 0.46 3.69
CA LEU A 126 -21.10 0.48 2.23
C LEU A 126 -20.03 1.49 1.80
N ALA A 127 -20.02 2.68 2.40
CA ALA A 127 -19.03 3.68 2.02
C ALA A 127 -17.61 3.21 2.35
N GLU A 128 -17.44 2.44 3.43
CA GLU A 128 -16.14 1.84 3.71
CA GLU A 128 -16.15 1.82 3.73
C GLU A 128 -15.73 0.84 2.64
N ARG A 129 -16.69 0.13 2.03
CA ARG A 129 -16.32 -0.82 0.99
C ARG A 129 -15.91 -0.14 -0.32
N PHE A 130 -16.55 0.98 -0.69
CA PHE A 130 -16.37 1.58 -2.01
C PHE A 130 -15.64 2.92 -2.04
N LYS A 131 -15.32 3.49 -0.89
CA LYS A 131 -14.50 4.68 -0.77
C LYS A 131 -13.30 4.65 -1.71
N GLY A 132 -13.22 5.65 -2.57
CA GLY A 132 -12.05 5.84 -3.41
C GLY A 132 -12.08 5.10 -4.74
N HIS A 133 -13.15 4.39 -5.04
CA HIS A 133 -13.18 3.60 -6.25
C HIS A 133 -13.25 4.53 -7.45
N PRO A 134 -12.44 4.30 -8.49
CA PRO A 134 -12.45 5.27 -9.62
C PRO A 134 -13.78 5.35 -10.37
N GLY A 135 -14.50 4.24 -10.45
CA GLY A 135 -15.76 4.22 -11.15
C GLY A 135 -16.92 4.67 -10.33
N LEU A 136 -16.69 5.14 -9.11
CA LEU A 136 -17.77 5.61 -8.26
C LEU A 136 -17.92 7.12 -8.42
N LEU A 137 -19.11 7.56 -8.78
CA LEU A 137 -19.44 8.98 -8.74
C LEU A 137 -20.11 9.37 -7.44
N GLY A 138 -21.00 8.54 -6.90
CA GLY A 138 -21.63 8.89 -5.64
C GLY A 138 -22.71 7.92 -5.24
N TYR A 139 -23.39 8.30 -4.15
CA TYR A 139 -24.36 7.44 -3.47
C TYR A 139 -25.74 8.08 -3.52
N ASP A 140 -26.65 7.44 -4.24
CA ASP A 140 -28.07 7.80 -4.24
C ASP A 140 -28.64 6.97 -3.08
N ILE A 141 -28.66 7.60 -1.91
CA ILE A 141 -28.91 6.85 -0.68
C ILE A 141 -30.33 6.29 -0.59
N MET A 142 -31.28 6.78 -1.37
CA MET A 142 -32.60 6.15 -1.37
C MET A 142 -33.37 6.54 -2.62
N ASN A 143 -33.92 5.55 -3.29
CA ASN A 143 -34.85 5.75 -4.41
C ASN A 143 -36.29 5.96 -3.94
N GLU A 144 -36.89 7.04 -4.43
CA GLU A 144 -38.33 7.28 -4.36
C GLU A 144 -38.98 7.01 -2.99
N PRO A 145 -38.56 7.75 -1.96
CA PRO A 145 -39.33 7.74 -0.71
C PRO A 145 -40.78 8.08 -0.97
N HIS A 146 -41.68 7.36 -0.31
CA HIS A 146 -43.07 7.71 -0.41
C HIS A 146 -43.80 7.22 0.82
N SER A 147 -44.83 7.98 1.21
CA SER A 147 -45.67 7.64 2.35
CA SER A 147 -45.67 7.68 2.37
C SER A 147 -44.82 7.24 3.54
N THR A 148 -43.85 8.09 3.88
CA THR A 148 -42.94 7.78 4.99
C THR A 148 -43.36 8.38 6.32
N VAL A 149 -44.58 8.92 6.41
CA VAL A 149 -45.11 9.62 7.59
C VAL A 149 -44.05 10.43 8.34
N GLY A 150 -43.40 11.34 7.61
CA GLY A 150 -42.49 12.32 8.18
C GLY A 150 -41.13 11.78 8.50
N LEU A 151 -40.82 10.55 8.11
CA LEU A 151 -39.60 9.90 8.53
C LEU A 151 -38.46 10.08 7.55
N TRP A 152 -38.74 10.39 6.27
CA TRP A 152 -37.66 10.44 5.28
C TRP A 152 -36.58 11.49 5.60
N PRO A 153 -36.91 12.74 5.97
CA PRO A 153 -35.83 13.75 6.14
C PRO A 153 -34.81 13.39 7.21
N GLY A 154 -35.26 12.86 8.36
CA GLY A 154 -34.33 12.40 9.38
C GLY A 154 -33.48 11.23 8.93
N ALA A 155 -34.05 10.32 8.14
CA ALA A 155 -33.29 9.17 7.66
C ALA A 155 -32.20 9.61 6.71
N ALA A 156 -32.52 10.57 5.82
CA ALA A 156 -31.54 11.09 4.87
C ALA A 156 -30.36 11.74 5.59
N GLN A 157 -30.63 12.54 6.63
CA GLN A 157 -29.53 13.13 7.39
C GLN A 157 -28.72 12.10 8.18
N ALA A 158 -29.38 11.06 8.70
CA ALA A 158 -28.64 10.02 9.42
C ALA A 158 -27.64 9.33 8.49
N ALA A 159 -28.06 9.01 7.27
CA ALA A 159 -27.16 8.35 6.32
C ALA A 159 -26.04 9.29 5.87
N VAL A 160 -26.36 10.57 5.63
CA VAL A 160 -25.34 11.51 5.19
C VAL A 160 -24.28 11.69 6.28
N ASP A 161 -24.71 11.95 7.51
CA ASP A 161 -23.75 12.09 8.60
C ASP A 161 -22.82 10.89 8.64
N ALA A 162 -23.40 9.69 8.57
CA ALA A 162 -22.63 8.46 8.67
C ALA A 162 -21.65 8.31 7.51
N ILE A 163 -22.11 8.60 6.29
CA ILE A 163 -21.24 8.50 5.12
C ILE A 163 -20.04 9.44 5.28
N ARG A 164 -20.28 10.66 5.75
CA ARG A 164 -19.25 11.66 5.83
C ARG A 164 -18.29 11.41 6.98
N GLU A 165 -18.61 10.43 7.84
CA GLU A 165 -17.67 9.97 8.86
C GLU A 165 -16.55 9.15 8.24
N VAL A 166 -16.80 8.54 7.10
CA VAL A 166 -15.81 7.71 6.44
C VAL A 166 -15.39 8.25 5.08
N ASP A 167 -16.21 9.06 4.40
CA ASP A 167 -15.92 9.52 3.04
C ASP A 167 -16.43 10.94 2.88
N ASP A 168 -15.51 11.91 2.77
CA ASP A 168 -15.87 13.30 2.51
C ASP A 168 -15.65 13.73 1.06
N GLN A 169 -15.50 12.76 0.16
CA GLN A 169 -15.18 13.03 -1.22
C GLN A 169 -16.27 12.60 -2.18
N THR A 170 -16.97 11.51 -1.90
CA THR A 170 -18.00 11.04 -2.81
C THR A 170 -19.22 11.97 -2.76
N LEU A 171 -19.78 12.23 -3.95
CA LEU A 171 -21.08 12.88 -4.06
C LEU A 171 -22.17 12.04 -3.39
N ILE A 172 -23.18 12.72 -2.87
CA ILE A 172 -24.36 12.07 -2.32
C ILE A 172 -25.58 12.70 -2.99
N PHE A 173 -26.50 11.84 -3.45
CA PHE A 173 -27.73 12.23 -4.15
C PHE A 173 -28.93 12.04 -3.23
N ILE A 174 -29.67 13.12 -3.05
CA ILE A 174 -30.80 13.19 -2.14
C ILE A 174 -32.09 13.29 -2.96
N GLU A 175 -32.94 12.29 -2.81
CA GLU A 175 -34.31 12.33 -3.29
C GLU A 175 -35.27 12.84 -2.21
N GLY A 176 -36.45 13.26 -2.66
CA GLY A 176 -37.50 13.73 -1.81
C GLY A 176 -38.74 12.84 -1.84
N GLU A 177 -39.71 13.25 -1.05
CA GLU A 177 -40.97 12.55 -0.85
C GLU A 177 -41.83 12.62 -2.13
N ARG A 178 -42.99 11.96 -2.03
CA ARG A 178 -43.89 11.80 -3.16
C ARG A 178 -43.19 11.16 -4.35
N TRP A 179 -42.45 10.10 -4.09
CA TRP A 179 -41.74 9.33 -5.11
C TRP A 179 -40.66 10.16 -5.81
N SER A 180 -40.15 11.17 -5.12
CA SER A 180 -39.19 12.13 -5.69
C SER A 180 -39.66 12.68 -7.03
N SER A 181 -40.96 12.96 -7.12
CA SER A 181 -41.54 13.66 -8.25
C SER A 181 -40.95 15.06 -8.43
N ALA A 182 -40.52 15.36 -9.66
CA ALA A 182 -40.01 16.67 -9.97
C ALA A 182 -41.12 17.72 -10.01
N TYR A 183 -42.27 17.37 -10.59
CA TYR A 183 -43.37 18.32 -10.71
C TYR A 183 -43.86 18.77 -9.33
N HIS A 184 -43.93 17.82 -8.39
CA HIS A 184 -44.48 18.07 -7.07
C HIS A 184 -43.45 18.59 -6.08
N TRP A 185 -42.18 18.64 -6.48
CA TRP A 185 -41.07 18.93 -5.57
C TRP A 185 -41.30 20.18 -4.71
N PRO A 186 -41.69 21.32 -5.29
CA PRO A 186 -41.76 22.56 -4.47
C PRO A 186 -42.87 22.52 -3.47
N LEU A 187 -43.85 21.65 -3.67
CA LEU A 187 -44.94 21.55 -2.71
C LEU A 187 -44.63 20.49 -1.67
N VAL A 188 -44.01 19.37 -2.06
CA VAL A 188 -43.77 18.25 -1.14
C VAL A 188 -42.54 18.47 -0.28
N ASN A 189 -41.53 19.11 -0.84
CA ASN A 189 -40.23 19.29 -0.24
C ASN A 189 -39.89 20.78 -0.10
N ALA A 190 -40.89 21.59 0.26
CA ALA A 190 -40.72 23.03 0.14
C ALA A 190 -39.55 23.51 0.98
N ASN A 191 -39.42 22.94 2.20
CA ASN A 191 -38.35 23.26 3.13
C ASN A 191 -37.45 22.07 3.41
N PHE A 192 -37.05 21.34 2.37
CA PHE A 192 -36.23 20.16 2.49
C PHE A 192 -34.77 20.58 2.37
N LEU A 193 -33.94 20.15 3.32
CA LEU A 193 -32.53 20.55 3.34
C LEU A 193 -31.73 19.61 4.20
N ILE A 194 -30.80 18.92 3.59
CA ILE A 194 -29.86 18.04 4.27
C ILE A 194 -28.53 18.75 4.41
N ASN A 195 -27.88 18.55 5.55
CA ASN A 195 -26.64 19.23 5.85
C ASN A 195 -25.46 18.39 5.38
N ASP A 196 -24.61 18.99 4.55
CA ASP A 196 -23.39 18.36 4.06
C ASP A 196 -22.28 19.41 4.09
N PRO A 197 -21.44 19.40 5.12
CA PRO A 197 -20.33 20.36 5.17
C PRO A 197 -19.30 20.12 4.06
N ALA A 198 -19.34 18.97 3.37
CA ALA A 198 -18.41 18.70 2.28
C ALA A 198 -18.81 19.48 1.02
N ASP A 199 -20.04 20.02 0.98
CA ASP A 199 -20.59 20.64 -0.22
C ASP A 199 -20.54 19.68 -1.42
N ARG A 200 -20.93 18.43 -1.17
CA ARG A 200 -20.94 17.43 -2.22
C ARG A 200 -22.24 16.68 -2.22
N LEU A 201 -23.32 17.44 -2.24
CA LEU A 201 -24.69 16.90 -2.25
C LEU A 201 -25.41 17.44 -3.47
N ILE A 202 -26.23 16.57 -4.08
CA ILE A 202 -27.07 16.95 -5.21
C ILE A 202 -28.46 16.38 -4.97
N TYR A 203 -29.47 17.16 -5.33
CA TYR A 203 -30.87 16.77 -5.16
C TYR A 203 -31.37 16.17 -6.46
N GLU A 204 -32.25 15.20 -6.34
CA GLU A 204 -32.55 14.33 -7.46
C GLU A 204 -34.03 14.04 -7.44
N ALA A 205 -34.67 14.26 -8.59
CA ALA A 205 -36.08 13.99 -8.81
C ALA A 205 -36.22 13.09 -10.04
N HIS A 206 -37.42 12.53 -10.17
CA HIS A 206 -37.84 11.65 -11.25
C HIS A 206 -38.98 12.30 -11.97
N LEU A 207 -39.13 11.97 -13.25
CA LEU A 207 -40.10 12.66 -14.07
C LEU A 207 -40.49 11.78 -15.24
N TYR A 208 -41.78 11.48 -15.35
CA TYR A 208 -42.33 10.74 -16.45
C TYR A 208 -43.45 11.56 -17.10
N PHE A 209 -43.92 11.09 -18.23
CA PHE A 209 -44.79 11.90 -19.08
C PHE A 209 -46.25 11.50 -19.07
N ASP A 210 -46.63 10.40 -18.38
CA ASP A 210 -48.02 9.96 -18.38
C ASP A 210 -48.84 10.73 -17.35
N ASP A 211 -50.17 10.61 -17.50
CA ASP A 211 -51.12 11.50 -16.84
C ASP A 211 -51.08 11.36 -15.34
N ASP A 212 -50.63 10.21 -14.85
CA ASP A 212 -50.57 9.94 -13.42
C ASP A 212 -49.15 10.02 -12.89
N PHE A 213 -48.22 10.55 -13.69
CA PHE A 213 -46.84 10.78 -13.30
C PHE A 213 -46.04 9.47 -13.06
N SER A 214 -46.63 8.29 -13.25
CA SER A 214 -46.02 7.07 -12.72
C SER A 214 -44.91 6.49 -13.58
N GLY A 215 -44.93 6.74 -14.88
CA GLY A 215 -43.99 6.07 -15.75
C GLY A 215 -44.40 4.67 -16.15
N LYS A 216 -45.60 4.22 -15.75
CA LYS A 216 -46.12 2.93 -16.21
C LYS A 216 -46.66 3.01 -17.64
N TYR A 217 -47.08 4.20 -18.06
CA TYR A 217 -47.55 4.43 -19.42
C TYR A 217 -48.69 3.48 -19.78
N MET A 218 -49.69 3.41 -18.92
CA MET A 218 -50.90 2.71 -19.25
C MET A 218 -51.61 3.42 -20.41
N ALA A 219 -52.42 2.65 -21.13
CA ALA A 219 -53.01 3.16 -22.37
C ALA A 219 -53.89 4.38 -22.10
N GLN A 220 -54.74 4.31 -21.08
CA GLN A 220 -55.68 5.39 -20.84
C GLN A 220 -55.00 6.68 -20.38
N THR A 221 -53.79 6.58 -19.82
CA THR A 221 -53.11 7.72 -19.23
C THR A 221 -51.98 8.24 -20.11
N SER A 222 -51.85 7.70 -21.33
CA SER A 222 -50.76 8.05 -22.22
C SER A 222 -51.25 8.49 -23.58
N ARG A 223 -52.50 8.94 -23.67
CA ARG A 223 -53.12 9.23 -24.94
C ARG A 223 -52.92 10.66 -25.41
N ASN A 224 -52.52 11.57 -24.52
CA ASN A 224 -52.39 12.96 -24.90
C ASN A 224 -51.18 13.54 -24.19
N ILE A 225 -49.99 13.27 -24.74
CA ILE A 225 -48.75 13.75 -24.17
C ILE A 225 -48.36 15.06 -24.84
N ASP A 226 -48.39 16.18 -24.09
CA ASP A 226 -47.95 17.46 -24.64
C ASP A 226 -46.45 17.43 -24.93
N PRO A 227 -45.99 18.00 -26.04
CA PRO A 227 -44.53 18.01 -26.30
C PRO A 227 -43.71 18.73 -25.22
N MET A 228 -44.34 19.56 -24.40
CA MET A 228 -43.63 20.33 -23.38
C MET A 228 -43.87 19.83 -21.95
N ILE A 229 -44.61 18.74 -21.79
CA ILE A 229 -44.91 18.21 -20.46
C ILE A 229 -43.63 17.87 -19.71
N GLY A 230 -42.57 17.49 -20.42
CA GLY A 230 -41.33 17.23 -19.73
C GLY A 230 -40.73 18.50 -19.18
N VAL A 231 -40.74 19.57 -19.97
CA VAL A 231 -40.22 20.84 -19.46
C VAL A 231 -41.08 21.40 -18.33
N GLU A 232 -42.40 21.25 -18.46
CA GLU A 232 -43.31 21.74 -17.44
C GLU A 232 -43.14 20.98 -16.13
N ARG A 233 -42.87 19.67 -16.19
CA ARG A 233 -42.65 18.88 -15.00
C ARG A 233 -41.24 19.03 -14.45
N ALA A 234 -40.28 19.45 -15.27
CA ALA A 234 -38.95 19.70 -14.73
C ALA A 234 -38.87 21.06 -14.04
N ARG A 235 -39.56 22.05 -14.58
CA ARG A 235 -39.33 23.44 -14.18
C ARG A 235 -39.59 23.70 -12.69
N PRO A 236 -40.64 23.18 -12.08
CA PRO A 236 -40.81 23.38 -10.64
C PRO A 236 -39.56 23.03 -9.86
N PHE A 237 -38.92 21.89 -10.24
CA PHE A 237 -37.75 21.33 -9.55
C PHE A 237 -36.52 22.21 -9.77
N ILE A 238 -36.23 22.53 -11.03
CA ILE A 238 -35.14 23.45 -11.40
C ILE A 238 -35.30 24.77 -10.64
N GLU A 239 -36.51 25.30 -10.61
CA GLU A 239 -36.74 26.59 -9.97
C GLU A 239 -36.51 26.50 -8.47
N TRP A 240 -36.93 25.40 -7.85
CA TRP A 240 -36.61 25.17 -6.45
C TRP A 240 -35.10 25.03 -6.24
N LEU A 241 -34.42 24.29 -7.12
CA LEU A 241 -32.95 24.22 -7.05
C LEU A 241 -32.31 25.61 -7.15
N GLN A 242 -32.68 26.39 -8.16
CA GLN A 242 -32.06 27.70 -8.29
C GLN A 242 -32.31 28.55 -7.06
N LYS A 243 -33.54 28.53 -6.53
CA LYS A 243 -33.86 29.40 -5.40
CA LYS A 243 -33.86 29.39 -5.40
C LYS A 243 -33.07 29.00 -4.16
N HIS A 244 -32.90 27.71 -3.93
CA HIS A 244 -32.14 27.24 -2.78
C HIS A 244 -30.64 27.13 -3.03
N GLY A 245 -30.17 27.53 -4.20
CA GLY A 245 -28.76 27.47 -4.53
C GLY A 245 -28.18 26.07 -4.57
N GLN A 246 -28.93 25.11 -5.08
CA GLN A 246 -28.53 23.70 -4.99
C GLN A 246 -28.44 23.09 -6.39
N LYS A 247 -27.74 21.95 -6.45
CA LYS A 247 -27.49 21.26 -7.70
CA LYS A 247 -27.47 21.24 -7.70
CA LYS A 247 -27.49 21.26 -7.70
C LYS A 247 -28.49 20.14 -7.90
N GLY A 248 -28.87 19.92 -9.17
CA GLY A 248 -29.87 18.91 -9.47
C GLY A 248 -29.46 17.74 -10.37
N PHE A 249 -30.30 16.72 -10.37
CA PHE A 249 -30.09 15.49 -11.13
C PHE A 249 -31.50 14.94 -11.39
N LEU A 250 -31.84 14.73 -12.67
CA LEU A 250 -33.08 14.04 -13.02
C LEU A 250 -32.79 12.56 -13.19
N GLY A 251 -32.87 11.82 -12.07
CA GLY A 251 -32.35 10.45 -12.01
C GLY A 251 -33.14 9.42 -12.76
N GLU A 252 -34.37 9.73 -13.11
CA GLU A 252 -35.12 8.84 -13.99
C GLU A 252 -36.11 9.61 -14.83
N TYR A 253 -36.32 9.09 -16.04
CA TYR A 253 -37.23 9.59 -17.06
C TYR A 253 -37.10 8.53 -18.16
N GLY A 254 -38.18 8.25 -18.90
CA GLY A 254 -38.12 7.25 -19.96
C GLY A 254 -39.40 7.32 -20.76
N ILE A 255 -39.35 6.73 -21.95
CA ILE A 255 -40.51 6.77 -22.83
C ILE A 255 -40.69 5.43 -23.51
N PRO A 256 -41.95 5.08 -23.79
CA PRO A 256 -42.17 3.91 -24.66
C PRO A 256 -41.79 4.20 -26.10
N ASP A 257 -41.41 3.14 -26.79
CA ASP A 257 -41.05 3.22 -28.20
C ASP A 257 -42.24 3.27 -29.16
N ASP A 258 -43.47 3.38 -28.68
CA ASP A 258 -44.64 3.38 -29.56
C ASP A 258 -45.52 4.61 -29.38
N LEU A 259 -44.98 5.65 -28.77
CA LEU A 259 -45.70 6.89 -28.52
C LEU A 259 -44.89 8.03 -29.13
N PRO A 260 -45.18 8.43 -30.38
CA PRO A 260 -44.47 9.59 -30.97
C PRO A 260 -44.48 10.86 -30.10
N GLU A 261 -45.58 11.13 -29.39
CA GLU A 261 -45.64 12.34 -28.55
C GLU A 261 -44.61 12.28 -27.41
N ALA A 262 -44.40 11.09 -26.83
CA ALA A 262 -43.38 10.92 -25.80
C ALA A 262 -41.99 11.24 -26.33
N ALA A 263 -41.70 10.87 -27.58
CA ALA A 263 -40.42 11.20 -28.20
C ALA A 263 -40.19 12.69 -28.22
N GLN A 264 -41.20 13.45 -28.64
CA GLN A 264 -41.08 14.89 -28.69
C GLN A 264 -40.81 15.44 -27.30
N ALA A 265 -41.55 14.94 -26.30
CA ALA A 265 -41.41 15.37 -24.92
C ALA A 265 -40.02 15.10 -24.38
N MET A 266 -39.39 14.00 -24.80
CA MET A 266 -38.04 13.69 -24.36
C MET A 266 -37.04 14.65 -24.97
N ASP A 267 -37.14 14.87 -26.28
CA ASP A 267 -36.27 15.84 -26.94
C ASP A 267 -36.33 17.22 -26.26
N ASN A 268 -37.53 17.70 -25.97
CA ASN A 268 -37.61 19.03 -25.37
C ASN A 268 -37.15 19.02 -23.93
N LEU A 269 -37.39 17.92 -23.20
CA LEU A 269 -36.88 17.83 -21.84
C LEU A 269 -35.35 17.87 -21.82
N LEU A 270 -34.70 17.00 -22.58
CA LEU A 270 -33.23 16.98 -22.58
C LEU A 270 -32.66 18.34 -23.01
N ALA A 271 -33.31 19.03 -23.95
CA ALA A 271 -32.85 20.35 -24.38
C ALA A 271 -32.89 21.32 -23.22
N TYR A 272 -34.00 21.31 -22.47
CA TYR A 272 -34.16 22.15 -21.28
C TYR A 272 -33.13 21.80 -20.22
N LEU A 273 -32.90 20.51 -20.00
CA LEU A 273 -31.87 20.11 -19.03
C LEU A 273 -30.51 20.66 -19.41
N ASN A 274 -30.14 20.56 -20.69
CA ASN A 274 -28.86 21.09 -21.14
C ASN A 274 -28.77 22.58 -20.88
N ASP A 275 -29.85 23.32 -21.15
CA ASP A 275 -29.82 24.77 -20.95
C ASP A 275 -29.49 25.14 -19.51
N ASN A 276 -29.78 24.24 -18.57
CA ASN A 276 -29.50 24.43 -17.15
C ASN A 276 -28.31 23.61 -16.64
N CYS A 277 -27.63 22.87 -17.53
CA CYS A 277 -26.49 21.98 -17.19
C CYS A 277 -26.91 20.98 -16.08
N VAL A 278 -28.10 20.39 -16.20
CA VAL A 278 -28.66 19.47 -15.20
C VAL A 278 -28.55 18.05 -15.79
N PRO A 279 -27.85 17.13 -15.12
CA PRO A 279 -27.73 15.77 -15.64
C PRO A 279 -29.00 14.96 -15.40
N SER A 280 -29.05 13.81 -16.07
CA SER A 280 -30.22 12.96 -16.07
C SER A 280 -29.78 11.53 -16.28
N ALA A 281 -30.67 10.59 -15.99
CA ALA A 281 -30.44 9.19 -16.28
C ALA A 281 -31.72 8.59 -16.83
N TYR A 282 -31.60 8.05 -18.05
CA TYR A 282 -32.70 7.39 -18.72
C TYR A 282 -33.05 6.09 -18.02
N TRP A 283 -34.34 5.77 -17.94
CA TRP A 283 -34.82 4.49 -17.42
C TRP A 283 -35.42 3.66 -18.55
N ALA A 284 -34.74 2.57 -18.97
CA ALA A 284 -33.49 2.08 -18.40
C ALA A 284 -32.84 1.23 -19.48
N GLY A 285 -31.54 0.95 -19.33
CA GLY A 285 -30.85 -0.05 -20.16
C GLY A 285 -30.33 -1.23 -19.35
N GLY A 286 -29.57 -2.13 -19.99
CA GLY A 286 -28.98 -3.24 -19.26
C GLY A 286 -29.64 -4.58 -19.52
N PRO A 287 -29.23 -5.62 -18.78
CA PRO A 287 -29.81 -6.95 -19.01
C PRO A 287 -31.18 -7.17 -18.37
N GLY A 288 -31.90 -8.12 -18.99
CA GLY A 288 -33.14 -8.60 -18.45
C GLY A 288 -34.39 -7.84 -18.77
N TRP A 289 -34.36 -6.87 -19.69
CA TRP A 289 -35.54 -6.09 -19.98
C TRP A 289 -36.43 -6.64 -21.11
N GLY A 290 -36.01 -7.70 -21.78
CA GLY A 290 -36.83 -8.25 -22.84
C GLY A 290 -37.30 -7.16 -23.79
N THR A 291 -38.61 -7.14 -24.06
CA THR A 291 -39.21 -6.16 -24.95
C THR A 291 -39.86 -5.00 -24.20
N TYR A 292 -39.44 -4.75 -22.95
CA TYR A 292 -39.91 -3.58 -22.23
C TYR A 292 -39.87 -2.34 -23.13
N LYS A 293 -41.04 -1.69 -23.25
CA LYS A 293 -41.21 -0.64 -24.26
C LYS A 293 -40.32 0.55 -23.97
N LEU A 294 -40.01 0.79 -22.69
CA LEU A 294 -39.14 1.91 -22.37
C LEU A 294 -37.66 1.56 -22.44
N ALA A 295 -37.32 0.29 -22.61
CA ALA A 295 -35.92 -0.12 -22.53
C ALA A 295 -35.09 0.51 -23.65
N ILE A 296 -33.91 1.03 -23.30
CA ILE A 296 -32.95 1.54 -24.27
C ILE A 296 -31.85 0.53 -24.62
N GLU A 297 -31.92 -0.69 -24.08
CA GLU A 297 -30.94 -1.71 -24.41
C GLU A 297 -31.13 -2.17 -25.85
N PRO A 298 -30.05 -2.19 -26.67
CA PRO A 298 -30.19 -2.63 -28.07
C PRO A 298 -30.56 -4.10 -28.21
N ARG A 299 -31.12 -4.38 -29.38
CA ARG A 299 -31.71 -5.67 -29.70
C ARG A 299 -31.20 -6.02 -31.09
N ASN A 300 -30.57 -7.18 -31.22
CA ASN A 300 -30.03 -7.60 -32.51
C ASN A 300 -28.95 -6.66 -32.98
N GLY A 301 -28.28 -6.00 -32.04
CA GLY A 301 -27.33 -4.97 -32.40
C GLY A 301 -27.96 -3.71 -32.98
N LYS A 302 -29.28 -3.61 -32.92
CA LYS A 302 -30.00 -2.45 -33.43
C LYS A 302 -30.22 -1.46 -32.28
N ASP A 303 -29.65 -0.27 -32.43
CA ASP A 303 -29.91 0.79 -31.48
C ASP A 303 -31.40 1.02 -31.37
N ARG A 304 -31.82 1.39 -30.16
CA ARG A 304 -33.20 1.71 -29.84
C ARG A 304 -33.52 3.14 -30.22
N PRO A 305 -34.80 3.44 -30.46
CA PRO A 305 -35.15 4.81 -30.85
C PRO A 305 -34.79 5.84 -29.78
N GLN A 306 -34.81 5.43 -28.52
CA GLN A 306 -34.49 6.36 -27.44
C GLN A 306 -33.00 6.66 -27.39
N MET A 307 -32.14 5.70 -27.75
CA MET A 307 -30.73 6.02 -27.89
C MET A 307 -30.50 7.02 -29.01
N GLU A 308 -31.13 6.80 -30.16
CA GLU A 308 -30.99 7.74 -31.26
CA GLU A 308 -31.00 7.74 -31.26
C GLU A 308 -31.51 9.13 -30.89
N LEU A 309 -32.56 9.21 -30.06
CA LEU A 309 -33.03 10.52 -29.65
C LEU A 309 -32.08 11.19 -28.66
N MET A 310 -31.41 10.39 -27.82
CA MET A 310 -30.50 10.95 -26.84
C MET A 310 -29.31 11.62 -27.50
N ARG A 311 -28.83 11.07 -28.62
CA ARG A 311 -27.53 11.46 -29.13
C ARG A 311 -27.43 12.96 -29.45
N LYS A 312 -28.50 13.58 -29.93
CA LYS A 312 -28.39 15.00 -30.27
C LYS A 312 -28.11 15.85 -29.04
N HIS A 313 -28.34 15.31 -27.83
CA HIS A 313 -28.29 16.09 -26.59
C HIS A 313 -27.07 15.87 -25.73
N LEU A 314 -26.16 14.96 -26.10
CA LEU A 314 -24.98 14.68 -25.27
C LEU A 314 -23.99 15.85 -25.21
N ALA A 315 -23.79 16.56 -26.31
CA ALA A 315 -22.79 17.62 -26.33
C ALA A 315 -23.22 18.81 -25.47
N ASN A 316 -22.26 19.38 -24.75
CA ASN A 316 -22.47 20.63 -24.05
C ASN A 316 -21.11 21.26 -23.76
N ASP A 317 -21.16 22.47 -23.22
CA ASP A 317 -19.97 23.20 -22.79
C ASP A 317 -20.12 23.61 -21.33
N CYS A 318 -20.82 22.81 -20.54
CA CYS A 318 -20.97 23.07 -19.11
C CYS A 318 -19.67 22.71 -18.40
N THR A 319 -19.32 23.50 -17.38
CA THR A 319 -18.20 23.17 -16.51
C THR A 319 -18.62 22.85 -15.08
N ALA A 320 -19.85 23.16 -14.69
CA ALA A 320 -20.35 22.78 -13.38
C ALA A 320 -21.77 22.23 -13.48
N ILE A 321 -22.10 21.34 -12.53
CA ILE A 321 -23.46 20.86 -12.40
C ILE A 321 -24.36 22.01 -11.97
N GLY A 322 -25.47 22.18 -12.70
CA GLY A 322 -26.44 23.20 -12.38
C GLY A 322 -27.62 22.63 -11.62
N PRO A 323 -28.75 23.37 -11.62
CA PRO A 323 -28.88 24.68 -12.31
C PRO A 323 -28.11 25.86 -11.66
N THR A 324 -28.06 26.97 -12.39
CA THR A 324 -27.36 28.15 -11.91
C THR A 324 -28.27 28.87 -10.93
N PRO A 325 -27.89 28.98 -9.64
CA PRO A 325 -28.72 29.73 -8.68
C PRO A 325 -29.05 31.13 -9.20
N ALA A 326 -30.12 31.74 -8.69
CA ALA A 326 -30.44 33.11 -9.04
C ALA A 326 -29.23 34.01 -8.83
N ALA B 1 17.57 -16.74 22.19
CA ALA B 1 17.29 -15.50 22.96
C ALA B 1 16.69 -14.38 22.11
N ASP B 2 17.33 -14.07 20.97
CA ASP B 2 16.88 -13.05 20.05
C ASP B 2 15.76 -13.56 19.12
N TRP B 3 14.98 -12.62 18.54
CA TRP B 3 13.85 -13.00 17.71
C TRP B 3 14.34 -13.55 16.37
N PRO B 4 13.73 -14.62 15.85
CA PRO B 4 14.15 -15.13 14.53
C PRO B 4 14.04 -14.06 13.45
N VAL B 5 15.05 -13.98 12.60
CA VAL B 5 15.08 -13.01 11.53
C VAL B 5 14.82 -13.72 10.21
N ASN B 6 14.41 -12.93 9.21
CA ASN B 6 14.38 -13.38 7.82
C ASN B 6 15.70 -13.13 7.14
N ASP B 7 15.99 -13.96 6.13
CA ASP B 7 17.30 -13.91 5.47
C ASP B 7 17.57 -12.55 4.83
N GLU B 8 16.53 -11.91 4.26
CA GLU B 8 16.72 -10.66 3.54
C GLU B 8 16.74 -9.45 4.46
N GLY B 9 16.50 -9.65 5.74
CA GLY B 9 16.20 -8.58 6.67
C GLY B 9 14.78 -8.70 7.22
N GLY B 10 14.52 -7.89 8.23
CA GLY B 10 13.28 -7.97 8.95
C GLY B 10 13.28 -9.19 9.86
N LEU B 11 12.17 -9.34 10.56
CA LEU B 11 11.99 -10.42 11.53
C LEU B 11 11.04 -11.48 10.99
N ALA B 12 11.20 -12.68 11.56
CA ALA B 12 10.27 -13.78 11.32
C ALA B 12 9.07 -13.53 12.21
N LEU B 13 8.08 -12.78 11.71
CA LEU B 13 6.93 -12.38 12.53
C LEU B 13 5.80 -13.41 12.53
N HIS B 14 5.56 -14.04 11.39
CA HIS B 14 4.35 -14.84 11.18
C HIS B 14 4.70 -16.31 11.14
N GLY B 15 4.19 -17.04 12.13
CA GLY B 15 4.55 -18.42 12.34
C GLY B 15 3.35 -19.32 12.41
N VAL B 16 3.55 -20.51 12.94
CA VAL B 16 2.50 -21.53 12.97
CA VAL B 16 2.51 -21.53 12.96
C VAL B 16 2.54 -22.25 14.31
N ASN B 17 1.34 -22.58 14.83
CA ASN B 17 1.16 -23.47 15.98
C ASN B 17 1.29 -24.89 15.45
N ILE B 18 2.12 -25.72 16.10
CA ILE B 18 2.40 -27.09 15.63
C ILE B 18 1.87 -28.08 16.65
N SER B 19 1.03 -29.04 16.21
CA SER B 19 0.47 -30.13 17.03
C SER B 19 1.54 -31.20 17.29
N GLY B 20 1.24 -32.17 18.15
CA GLY B 20 -0.04 -32.28 18.85
C GLY B 20 0.11 -32.85 20.24
N ALA B 21 1.04 -32.29 21.02
CA ALA B 21 1.34 -32.77 22.36
C ALA B 21 0.28 -32.39 23.39
N GLY B 22 -0.66 -31.50 23.02
CA GLY B 22 -1.76 -31.17 23.86
C GLY B 22 -3.04 -31.86 23.46
N PHE B 23 -3.00 -32.78 22.51
CA PHE B 23 -4.20 -33.44 22.04
C PHE B 23 -4.81 -34.30 23.14
N ALA B 24 -6.12 -34.49 23.06
CA ALA B 24 -6.87 -35.31 24.00
C ALA B 24 -6.49 -35.00 25.47
N PRO B 25 -6.66 -33.72 25.87
CA PRO B 25 -6.26 -33.39 27.25
C PRO B 25 -7.06 -34.11 28.31
N HIS B 26 -8.19 -34.74 27.94
CA HIS B 26 -8.99 -35.48 28.91
C HIS B 26 -8.37 -36.83 29.25
N ILE B 27 -7.34 -37.25 28.48
CA ILE B 27 -6.68 -38.55 28.65
C ILE B 27 -5.29 -38.25 29.16
N THR B 28 -5.11 -38.30 30.49
CA THR B 28 -3.79 -38.04 31.04
C THR B 28 -3.34 -39.22 31.89
N PRO B 29 -2.06 -39.60 31.83
CA PRO B 29 -1.03 -39.00 30.97
C PRO B 29 -1.20 -39.33 29.50
N GLY B 30 -2.10 -40.26 29.17
CA GLY B 30 -2.27 -40.69 27.81
C GLY B 30 -1.06 -41.41 27.26
N LYS B 31 -1.10 -41.84 25.98
CA LYS B 31 0.01 -42.57 25.37
C LYS B 31 0.54 -41.83 24.15
N ASN B 32 1.84 -41.55 24.15
CA ASN B 32 2.45 -40.93 22.99
C ASN B 32 2.33 -41.87 21.79
N GLY B 33 1.89 -41.34 20.65
CA GLY B 33 1.66 -42.13 19.47
C GLY B 33 0.22 -42.56 19.32
N THR B 34 -0.58 -42.51 20.39
CA THR B 34 -1.98 -42.95 20.37
C THR B 34 -2.95 -41.80 20.58
N HIS B 35 -2.88 -41.11 21.73
CA HIS B 35 -3.79 -40.00 22.06
C HIS B 35 -3.18 -38.63 21.79
N TYR B 36 -1.85 -38.51 21.82
CA TYR B 36 -1.18 -37.30 21.39
C TYR B 36 0.04 -37.67 20.56
N PHE B 37 0.57 -36.67 19.86
CA PHE B 37 1.59 -36.90 18.85
C PHE B 37 2.58 -35.76 18.86
N TYR B 38 3.86 -36.08 18.65
CA TYR B 38 4.85 -35.04 18.50
C TYR B 38 5.24 -34.90 17.04
N PRO B 39 5.59 -33.69 16.62
CA PRO B 39 5.97 -33.51 15.21
C PRO B 39 7.35 -34.07 14.92
N GLU B 40 7.63 -34.25 13.63
CA GLU B 40 8.89 -34.83 13.19
C GLU B 40 9.54 -33.89 12.18
N LYS B 41 10.70 -34.32 11.68
CA LYS B 41 11.50 -33.47 10.81
C LYS B 41 10.71 -32.95 9.63
N LYS B 42 9.84 -33.80 9.06
CA LYS B 42 9.13 -33.40 7.85
C LYS B 42 8.28 -32.15 8.06
N HIS B 43 7.73 -31.97 9.25
CA HIS B 43 6.87 -30.82 9.51
C HIS B 43 7.66 -29.52 9.59
N PHE B 44 8.71 -29.50 10.42
CA PHE B 44 9.56 -28.32 10.54
C PHE B 44 10.21 -28.00 9.21
N LYS B 45 10.65 -29.03 8.47
CA LYS B 45 11.25 -28.83 7.15
C LYS B 45 10.26 -28.16 6.20
N TYR B 46 8.99 -28.62 6.23
CA TYR B 46 7.98 -28.04 5.34
C TYR B 46 7.77 -26.55 5.62
N TYR B 47 7.57 -26.18 6.89
CA TYR B 47 7.34 -24.77 7.19
C TYR B 47 8.58 -23.92 6.91
N ALA B 48 9.77 -24.44 7.20
CA ALA B 48 11.00 -23.75 6.84
C ALA B 48 11.02 -23.51 5.34
N ASP B 49 10.58 -24.50 4.55
CA ASP B 49 10.62 -24.40 3.10
C ASP B 49 9.65 -23.35 2.58
N GLN B 50 8.65 -22.96 3.39
CA GLN B 50 7.72 -21.90 3.05
C GLN B 50 8.19 -20.53 3.50
N GLY B 51 9.27 -20.45 4.28
CA GLY B 51 9.79 -19.19 4.77
C GLY B 51 9.48 -18.91 6.21
N ILE B 52 8.95 -19.89 6.92
CA ILE B 52 8.41 -19.70 8.26
C ILE B 52 9.48 -20.15 9.26
N ARG B 53 9.85 -19.27 10.19
CA ARG B 53 10.86 -19.58 11.18
C ARG B 53 10.35 -19.45 12.61
N LEU B 54 9.07 -19.22 12.80
CA LEU B 54 8.46 -19.05 14.12
C LEU B 54 7.47 -20.18 14.33
N ILE B 55 7.64 -20.88 15.45
CA ILE B 55 6.79 -22.00 15.86
C ILE B 55 6.24 -21.75 17.27
N ARG B 56 4.95 -22.03 17.47
CA ARG B 56 4.37 -22.08 18.79
C ARG B 56 4.01 -23.52 19.05
N PHE B 57 4.47 -24.08 20.16
CA PHE B 57 4.29 -25.50 20.44
C PHE B 57 3.53 -25.76 21.74
N PRO B 58 2.25 -26.14 21.67
CA PRO B 58 1.51 -26.52 22.89
C PRO B 58 1.95 -27.85 23.47
N PHE B 59 2.00 -27.91 24.80
CA PHE B 59 2.19 -29.12 25.56
C PHE B 59 1.34 -28.93 26.81
N ILE B 60 1.09 -30.00 27.59
CA ILE B 60 0.28 -29.83 28.80
C ILE B 60 1.09 -30.23 30.04
N TRP B 61 0.93 -29.43 31.09
CA TRP B 61 1.53 -29.70 32.39
C TRP B 61 1.31 -31.15 32.81
N GLU B 62 0.09 -31.67 32.63
CA GLU B 62 -0.22 -33.02 33.15
C GLU B 62 0.68 -34.09 32.56
N ARG B 63 1.25 -33.84 31.37
CA ARG B 63 2.15 -34.77 30.71
C ARG B 63 3.61 -34.51 31.01
N VAL B 64 3.96 -33.31 31.49
CA VAL B 64 5.28 -33.05 32.07
C VAL B 64 5.39 -33.35 33.59
N GLN B 65 4.28 -33.39 34.29
CA GLN B 65 4.31 -33.64 35.72
C GLN B 65 2.95 -34.23 36.04
N HIS B 66 2.92 -35.57 36.24
CA HIS B 66 1.67 -36.32 36.38
C HIS B 66 0.83 -35.90 37.59
N SER B 67 1.48 -35.52 38.69
CA SER B 67 0.86 -35.02 39.91
C SER B 67 1.84 -34.05 40.56
N LEU B 68 1.35 -33.23 41.49
CA LEU B 68 2.22 -32.24 42.09
C LEU B 68 3.30 -32.88 42.91
N ASP B 69 3.16 -34.18 43.21
CA ASP B 69 4.17 -34.94 43.94
C ASP B 69 5.17 -35.59 43.02
N SER B 70 4.89 -35.60 41.72
CA SER B 70 5.76 -36.24 40.75
C SER B 70 6.99 -35.37 40.42
N GLY B 71 8.06 -36.04 40.04
CA GLY B 71 9.10 -35.37 39.28
C GLY B 71 8.60 -35.05 37.88
N LEU B 72 9.47 -34.39 37.12
CA LEU B 72 9.18 -34.10 35.72
C LEU B 72 9.33 -35.39 34.92
N ASN B 73 8.35 -35.70 34.09
CA ASN B 73 8.40 -36.91 33.28
C ASN B 73 9.57 -36.88 32.29
N PHE B 74 10.49 -37.84 32.43
CA PHE B 74 11.72 -37.76 31.66
C PHE B 74 11.44 -37.82 30.17
N ASP B 75 10.52 -38.67 29.76
CA ASP B 75 10.29 -38.89 28.33
C ASP B 75 9.61 -37.68 27.69
N GLN B 76 8.75 -36.98 28.42
CA GLN B 76 8.10 -35.80 27.87
C GLN B 76 9.10 -34.67 27.69
N ILE B 77 10.02 -34.51 28.66
CA ILE B 77 11.06 -33.49 28.53
C ILE B 77 11.98 -33.82 27.38
N ARG B 78 12.35 -35.10 27.23
CA ARG B 78 13.05 -35.53 26.03
C ARG B 78 12.30 -35.13 24.76
N LEU B 79 10.99 -35.40 24.71
CA LEU B 79 10.21 -35.10 23.51
C LEU B 79 10.18 -33.61 23.19
N LEU B 80 10.14 -32.78 24.23
CA LEU B 80 10.16 -31.33 24.04
C LEU B 80 11.54 -30.87 23.56
N LYS B 81 12.62 -31.46 24.11
CA LYS B 81 13.96 -31.11 23.68
C LYS B 81 14.16 -31.46 22.22
N LYS B 82 13.61 -32.60 21.79
CA LYS B 82 13.75 -33.00 20.40
C LYS B 82 12.99 -32.06 19.48
N THR B 83 11.79 -31.61 19.90
CA THR B 83 11.06 -30.58 19.17
C THR B 83 11.95 -29.35 18.93
N LEU B 84 12.61 -28.87 19.99
CA LEU B 84 13.50 -27.71 19.88
C LEU B 84 14.69 -28.02 18.97
N ASP B 85 15.24 -29.25 19.07
CA ASP B 85 16.35 -29.62 18.20
C ASP B 85 15.91 -29.64 16.75
N LEU B 86 14.70 -30.13 16.47
CA LEU B 86 14.23 -30.19 15.09
C LEU B 86 13.90 -28.79 14.56
N ALA B 87 13.36 -27.92 15.43
CA ALA B 87 13.24 -26.52 15.04
C ALA B 87 14.61 -25.93 14.69
N ALA B 88 15.61 -26.15 15.54
CA ALA B 88 16.89 -25.45 15.39
C ALA B 88 17.57 -25.83 14.10
N GLN B 89 17.52 -27.12 13.77
CA GLN B 89 18.19 -27.58 12.57
C GLN B 89 17.57 -26.97 11.32
N ASN B 90 16.33 -26.48 11.41
CA ASN B 90 15.60 -25.89 10.29
C ASN B 90 15.47 -24.39 10.41
N GLY B 91 16.29 -23.77 11.25
CA GLY B 91 16.37 -22.33 11.30
C GLY B 91 15.26 -21.67 12.07
N GLN B 92 14.50 -22.44 12.82
CA GLN B 92 13.32 -21.97 13.51
C GLN B 92 13.59 -21.83 15.01
N LYS B 93 12.75 -21.04 15.68
CA LYS B 93 12.71 -20.94 17.12
C LYS B 93 11.29 -21.16 17.66
N VAL B 94 11.20 -21.76 18.84
CA VAL B 94 9.95 -22.28 19.37
C VAL B 94 9.51 -21.55 20.66
N ILE B 95 8.24 -21.16 20.68
CA ILE B 95 7.57 -20.68 21.88
C ILE B 95 6.89 -21.92 22.48
N LEU B 96 7.36 -22.33 23.67
CA LEU B 96 6.81 -23.48 24.37
C LEU B 96 5.58 -23.02 25.15
N ASP B 97 4.42 -23.62 24.87
CA ASP B 97 3.14 -23.15 25.38
C ASP B 97 2.56 -24.20 26.31
N MET B 98 2.52 -23.91 27.62
CA MET B 98 1.84 -24.76 28.58
C MET B 98 0.35 -24.53 28.41
N HIS B 99 -0.32 -25.48 27.76
CA HIS B 99 -1.61 -25.28 27.10
C HIS B 99 -2.76 -25.63 28.04
N ASN B 100 -2.88 -24.89 29.14
CA ASN B 100 -3.55 -25.42 30.30
C ASN B 100 -4.76 -24.64 30.83
N TYR B 101 -5.09 -23.49 30.23
CA TYR B 101 -6.36 -22.80 30.46
C TYR B 101 -6.49 -22.32 31.90
N GLY B 102 -5.36 -22.13 32.57
CA GLY B 102 -5.41 -21.70 33.95
C GLY B 102 -5.67 -22.80 34.93
N ARG B 103 -5.58 -24.07 34.53
CA ARG B 103 -5.97 -25.20 35.36
C ARG B 103 -4.95 -26.33 35.30
N TYR B 104 -4.99 -27.16 36.35
CA TYR B 104 -4.17 -28.38 36.43
C TYR B 104 -5.04 -29.52 36.95
N HIS B 105 -5.20 -30.57 36.13
CA HIS B 105 -6.09 -31.68 36.46
C HIS B 105 -7.47 -31.17 36.87
N GLY B 106 -7.95 -30.15 36.16
CA GLY B 106 -9.29 -29.64 36.34
C GLY B 106 -9.46 -28.59 37.41
N GLU B 107 -8.46 -28.37 38.22
CA GLU B 107 -8.56 -27.44 39.33
C GLU B 107 -7.79 -26.17 38.98
N LEU B 108 -8.29 -25.03 39.44
CA LEU B 108 -7.74 -23.74 39.06
C LEU B 108 -6.37 -23.55 39.70
N ILE B 109 -5.44 -22.97 38.96
CA ILE B 109 -4.16 -22.59 39.55
C ILE B 109 -4.39 -21.42 40.51
N GLY B 110 -3.97 -21.59 41.74
CA GLY B 110 -4.22 -20.61 42.77
C GLY B 110 -5.26 -21.06 43.75
N SER B 111 -5.92 -22.20 43.48
CA SER B 111 -6.82 -22.88 44.39
C SER B 111 -6.04 -23.65 45.45
N SER B 112 -6.78 -24.19 46.43
CA SER B 112 -6.12 -24.94 47.48
C SER B 112 -5.40 -26.16 46.93
N LYS B 113 -5.92 -26.74 45.87
CA LYS B 113 -5.35 -27.98 45.34
C LYS B 113 -4.25 -27.77 44.31
N VAL B 114 -4.20 -26.61 43.69
CA VAL B 114 -3.10 -26.30 42.79
C VAL B 114 -2.51 -24.97 43.22
N PRO B 115 -1.69 -24.96 44.27
CA PRO B 115 -1.18 -23.66 44.76
C PRO B 115 -0.29 -22.96 43.73
N TYR B 116 -0.21 -21.65 43.84
CA TYR B 116 0.70 -20.90 42.99
C TYR B 116 2.10 -21.50 43.04
N GLU B 117 2.53 -21.92 44.21
CA GLU B 117 3.90 -22.41 44.38
C GLU B 117 4.21 -23.64 43.52
N ALA B 118 3.20 -24.48 43.24
CA ALA B 118 3.41 -25.63 42.39
C ALA B 118 3.55 -25.23 40.93
N TYR B 119 2.79 -24.23 40.50
CA TYR B 119 2.89 -23.75 39.12
C TYR B 119 4.19 -23.00 38.88
N ALA B 120 4.58 -22.14 39.83
CA ALA B 120 5.90 -21.53 39.76
C ALA B 120 7.01 -22.58 39.77
N SER B 121 6.81 -23.67 40.51
CA SER B 121 7.84 -24.67 40.64
C SER B 121 8.08 -25.42 39.33
N VAL B 122 7.02 -25.82 38.63
CA VAL B 122 7.23 -26.52 37.36
C VAL B 122 7.90 -25.61 36.33
N TRP B 123 7.52 -24.34 36.29
CA TRP B 123 8.12 -23.44 35.32
C TRP B 123 9.58 -23.15 35.68
N ARG B 124 9.91 -22.97 36.95
CA ARG B 124 11.31 -22.91 37.34
C ARG B 124 12.08 -24.15 36.84
N LYS B 125 11.52 -25.35 37.07
CA LYS B 125 12.20 -26.57 36.64
C LYS B 125 12.26 -26.69 35.12
N LEU B 126 11.17 -26.35 34.43
CA LEU B 126 11.24 -26.37 32.96
C LEU B 126 12.29 -25.39 32.44
N ALA B 127 12.42 -24.23 33.11
CA ALA B 127 13.33 -23.21 32.62
C ALA B 127 14.78 -23.62 32.79
N GLU B 128 15.10 -24.29 33.92
CA GLU B 128 16.45 -24.81 34.13
C GLU B 128 16.87 -25.73 32.99
N ARG B 129 15.92 -26.55 32.50
CA ARG B 129 16.23 -27.56 31.49
C ARG B 129 16.31 -27.01 30.08
N PHE B 130 15.55 -25.95 29.76
CA PHE B 130 15.47 -25.44 28.40
C PHE B 130 16.32 -24.20 28.15
N LYS B 131 16.68 -23.48 29.19
CA LYS B 131 17.49 -22.27 29.06
C LYS B 131 18.66 -22.50 28.13
N GLY B 132 18.80 -21.63 27.15
CA GLY B 132 19.93 -21.64 26.25
C GLY B 132 19.82 -22.58 25.07
N HIS B 133 18.74 -23.33 24.93
CA HIS B 133 18.60 -24.27 23.82
C HIS B 133 18.62 -23.53 22.49
N PRO B 134 19.28 -24.09 21.46
CA PRO B 134 19.33 -23.38 20.16
C PRO B 134 17.98 -23.13 19.55
N GLY B 135 17.03 -24.02 19.79
CA GLY B 135 15.70 -23.90 19.21
C GLY B 135 14.66 -23.16 20.03
N LEU B 136 15.06 -22.56 21.15
CA LEU B 136 14.10 -21.96 22.06
C LEU B 136 13.98 -20.46 21.85
N LEU B 137 12.75 -19.98 21.66
CA LEU B 137 12.49 -18.55 21.68
C LEU B 137 11.98 -18.06 23.02
N GLY B 138 10.99 -18.74 23.60
CA GLY B 138 10.48 -18.33 24.89
C GLY B 138 9.45 -19.24 25.49
N TYR B 139 8.98 -18.83 26.66
CA TYR B 139 8.06 -19.62 27.47
C TYR B 139 6.71 -18.90 27.49
N ASP B 140 5.71 -19.52 26.88
CA ASP B 140 4.30 -19.09 26.93
C ASP B 140 3.70 -19.83 28.13
N ILE B 141 3.68 -19.14 29.27
CA ILE B 141 3.47 -19.81 30.54
C ILE B 141 2.05 -20.35 30.73
N MET B 142 1.08 -19.90 29.93
CA MET B 142 -0.25 -20.46 30.07
C MET B 142 -1.08 -20.04 28.87
N ASN B 143 -1.78 -21.02 28.28
CA ASN B 143 -2.72 -20.81 27.20
C ASN B 143 -4.10 -20.49 27.75
N GLU B 144 -4.71 -19.37 27.25
CA GLU B 144 -6.11 -19.03 27.46
C GLU B 144 -6.61 -19.30 28.88
N PRO B 145 -6.10 -18.54 29.85
CA PRO B 145 -6.79 -18.46 31.14
C PRO B 145 -8.24 -18.02 30.93
N HIS B 146 -9.14 -18.65 31.67
CA HIS B 146 -10.52 -18.23 31.61
C HIS B 146 -11.23 -18.61 32.92
N SER B 147 -12.12 -17.73 33.37
CA SER B 147 -12.93 -18.01 34.58
CA SER B 147 -12.92 -18.00 34.58
C SER B 147 -12.05 -18.51 35.72
N THR B 148 -10.95 -17.81 35.96
CA THR B 148 -10.03 -18.13 37.03
C THR B 148 -10.37 -17.44 38.35
N VAL B 149 -11.51 -16.72 38.42
CA VAL B 149 -12.00 -16.07 39.63
C VAL B 149 -10.94 -15.18 40.27
N GLY B 150 -10.28 -14.37 39.45
CA GLY B 150 -9.27 -13.43 39.90
C GLY B 150 -7.93 -14.04 40.20
N LEU B 151 -7.74 -15.32 39.94
CA LEU B 151 -6.49 -15.98 40.33
C LEU B 151 -5.39 -15.92 39.28
N TRP B 152 -5.69 -15.56 38.02
CA TRP B 152 -4.67 -15.68 36.99
C TRP B 152 -3.50 -14.71 37.20
N PRO B 153 -3.73 -13.41 37.38
CA PRO B 153 -2.59 -12.47 37.42
C PRO B 153 -1.52 -12.86 38.41
N GLY B 154 -1.93 -13.37 39.57
CA GLY B 154 -0.96 -13.75 40.59
C GLY B 154 -0.26 -15.06 40.29
N ALA B 155 -0.92 -15.97 39.55
CA ALA B 155 -0.22 -17.14 39.03
C ALA B 155 0.87 -16.71 38.05
N ALA B 156 0.51 -15.83 37.10
CA ALA B 156 1.50 -15.31 36.17
C ALA B 156 2.71 -14.74 36.88
N GLN B 157 2.48 -13.89 37.90
CA GLN B 157 3.61 -13.25 38.57
C GLN B 157 4.48 -14.28 39.27
N ALA B 158 3.85 -15.26 39.90
CA ALA B 158 4.63 -16.28 40.59
C ALA B 158 5.49 -17.05 39.61
N ALA B 159 4.93 -17.36 38.42
CA ALA B 159 5.68 -18.12 37.42
C ALA B 159 6.85 -17.30 36.86
N VAL B 160 6.62 -16.01 36.63
CA VAL B 160 7.67 -15.14 36.14
C VAL B 160 8.77 -15.00 37.18
N ASP B 161 8.39 -14.72 38.44
CA ASP B 161 9.42 -14.56 39.46
C ASP B 161 10.32 -15.81 39.55
N ALA B 162 9.70 -17.00 39.52
CA ALA B 162 10.42 -18.25 39.69
C ALA B 162 11.29 -18.56 38.49
N ILE B 163 10.77 -18.32 37.28
CA ILE B 163 11.57 -18.49 36.07
C ILE B 163 12.79 -17.58 36.11
N ARG B 164 12.60 -16.31 36.52
CA ARG B 164 13.68 -15.33 36.57
C ARG B 164 14.76 -15.67 37.60
N GLU B 165 14.46 -16.50 38.61
CA GLU B 165 15.49 -16.95 39.53
C GLU B 165 16.52 -17.87 38.88
N VAL B 166 16.19 -18.52 37.76
CA VAL B 166 17.11 -19.39 37.05
C VAL B 166 17.38 -18.93 35.60
N ASP B 167 16.58 -18.02 35.03
CA ASP B 167 16.75 -17.66 33.63
C ASP B 167 16.37 -16.19 33.49
N ASP B 168 17.37 -15.34 33.40
CA ASP B 168 17.15 -13.93 33.58
C ASP B 168 16.88 -13.16 32.32
N GLN B 169 16.89 -13.83 31.18
CA GLN B 169 16.71 -13.07 29.97
C GLN B 169 15.69 -13.66 28.99
N THR B 170 15.45 -14.97 29.02
CA THR B 170 14.57 -15.60 28.04
C THR B 170 13.21 -14.93 28.02
N LEU B 171 12.70 -14.68 26.84
CA LEU B 171 11.37 -14.10 26.73
C LEU B 171 10.30 -14.99 27.35
N ILE B 172 9.37 -14.36 28.06
CA ILE B 172 8.18 -15.01 28.58
C ILE B 172 6.96 -14.36 27.93
N PHE B 173 6.03 -15.18 27.44
CA PHE B 173 4.81 -14.73 26.79
C PHE B 173 3.64 -14.82 27.76
N ILE B 174 3.00 -13.66 28.01
CA ILE B 174 2.01 -13.50 29.07
C ILE B 174 0.66 -13.35 28.41
N GLU B 175 -0.22 -14.35 28.57
CA GLU B 175 -1.60 -14.31 28.10
C GLU B 175 -2.49 -13.70 29.18
N GLY B 176 -3.70 -13.28 28.76
CA GLY B 176 -4.65 -12.63 29.64
C GLY B 176 -5.96 -13.39 29.77
N GLU B 177 -6.96 -12.75 30.41
CA GLU B 177 -8.18 -13.45 30.80
C GLU B 177 -9.16 -13.53 29.62
N ARG B 178 -10.30 -14.16 29.89
CA ARG B 178 -11.31 -14.43 28.86
C ARG B 178 -10.69 -15.05 27.62
N TRP B 179 -9.94 -16.14 27.84
CA TRP B 179 -9.29 -16.90 26.77
C TRP B 179 -8.32 -16.05 25.98
N SER B 180 -7.67 -15.10 26.64
CA SER B 180 -6.68 -14.23 25.99
C SER B 180 -7.25 -13.51 24.79
N SER B 181 -8.52 -13.16 24.86
CA SER B 181 -9.17 -12.53 23.74
C SER B 181 -8.54 -11.20 23.45
N ALA B 182 -8.13 -11.02 22.19
CA ALA B 182 -7.57 -9.76 21.74
C ALA B 182 -8.60 -8.63 21.83
N TYR B 183 -9.81 -8.89 21.31
CA TYR B 183 -10.80 -7.82 21.24
C TYR B 183 -11.19 -7.34 22.64
N HIS B 184 -11.31 -8.26 23.58
CA HIS B 184 -11.73 -7.92 24.93
C HIS B 184 -10.56 -7.56 25.85
N TRP B 185 -9.34 -7.51 25.30
CA TRP B 185 -8.17 -7.32 26.16
C TRP B 185 -8.30 -6.10 27.05
N PRO B 186 -8.59 -4.90 26.52
CA PRO B 186 -8.59 -3.70 27.39
C PRO B 186 -9.63 -3.78 28.51
N LEU B 187 -10.67 -4.59 28.29
CA LEU B 187 -11.82 -4.64 29.19
C LEU B 187 -11.59 -5.66 30.30
N VAL B 188 -10.92 -6.76 29.99
CA VAL B 188 -10.67 -7.81 30.97
C VAL B 188 -9.27 -7.75 31.57
N ASN B 189 -8.31 -7.09 30.89
CA ASN B 189 -6.93 -6.96 31.35
C ASN B 189 -6.50 -5.50 31.41
N ALA B 190 -7.41 -4.62 31.86
CA ALA B 190 -7.20 -3.18 31.78
C ALA B 190 -5.87 -2.78 32.43
N ASN B 191 -5.68 -3.16 33.68
CA ASN B 191 -4.50 -2.79 34.46
C ASN B 191 -3.60 -3.99 34.76
N PHE B 192 -3.72 -5.05 33.96
CA PHE B 192 -2.80 -6.17 33.97
C PHE B 192 -1.39 -5.67 33.66
N LEU B 193 -0.44 -6.10 34.48
CA LEU B 193 0.98 -5.79 34.29
C LEU B 193 1.74 -6.83 35.11
N ILE B 194 2.71 -7.52 34.49
CA ILE B 194 3.60 -8.42 35.21
C ILE B 194 4.95 -7.73 35.42
N ASN B 195 5.52 -7.90 36.61
CA ASN B 195 6.81 -7.32 36.93
C ASN B 195 7.91 -8.26 36.47
N ASP B 196 8.87 -7.71 35.73
CA ASP B 196 9.99 -8.48 35.18
C ASP B 196 11.15 -7.51 35.07
N PRO B 197 12.11 -7.54 35.99
CA PRO B 197 13.20 -6.55 35.92
C PRO B 197 14.00 -6.57 34.62
N ALA B 198 13.91 -7.63 33.83
CA ALA B 198 14.69 -7.75 32.61
C ALA B 198 14.02 -7.12 31.40
N ASP B 199 12.75 -6.74 31.50
CA ASP B 199 12.02 -6.18 30.36
C ASP B 199 12.02 -7.16 29.18
N ARG B 200 11.72 -8.41 29.48
CA ARG B 200 11.72 -9.52 28.51
C ARG B 200 10.40 -10.28 28.56
N LEU B 201 9.30 -9.55 28.67
CA LEU B 201 7.97 -10.11 28.55
C LEU B 201 7.35 -9.66 27.24
N ILE B 202 6.46 -10.49 26.70
CA ILE B 202 5.62 -10.16 25.56
C ILE B 202 4.22 -10.64 25.91
N TYR B 203 3.23 -9.77 25.73
CA TYR B 203 1.83 -10.08 25.97
C TYR B 203 1.23 -10.73 24.72
N GLU B 204 0.36 -11.70 24.95
CA GLU B 204 -0.10 -12.54 23.86
C GLU B 204 -1.61 -12.66 23.90
N ALA B 205 -2.25 -12.33 22.78
CA ALA B 205 -3.68 -12.45 22.63
C ALA B 205 -3.99 -13.36 21.44
N HIS B 206 -5.21 -13.87 21.46
CA HIS B 206 -5.78 -14.74 20.46
C HIS B 206 -7.00 -14.06 19.84
N LEU B 207 -7.26 -14.40 18.58
CA LEU B 207 -8.25 -13.69 17.80
C LEU B 207 -8.79 -14.60 16.71
N TYR B 208 -10.08 -14.86 16.74
CA TYR B 208 -10.77 -15.53 15.66
C TYR B 208 -11.88 -14.62 15.12
N PHE B 209 -12.42 -15.02 13.96
CA PHE B 209 -13.28 -14.17 13.17
C PHE B 209 -14.79 -14.48 13.31
N ASP B 210 -15.15 -15.55 14.00
CA ASP B 210 -16.54 -15.89 14.14
C ASP B 210 -17.19 -15.05 15.23
N ASP B 211 -18.52 -15.02 15.18
CA ASP B 211 -19.26 -14.00 15.92
C ASP B 211 -19.10 -14.15 17.41
N ASP B 212 -18.89 -15.39 17.88
CA ASP B 212 -18.74 -15.70 19.31
C ASP B 212 -17.28 -15.76 19.74
N PHE B 213 -16.35 -15.33 18.90
CA PHE B 213 -14.93 -15.22 19.23
C PHE B 213 -14.25 -16.57 19.52
N SER B 214 -14.96 -17.67 19.32
CA SER B 214 -14.42 -18.94 19.78
C SER B 214 -13.43 -19.57 18.80
N GLY B 215 -13.52 -19.26 17.51
CA GLY B 215 -12.74 -19.96 16.51
C GLY B 215 -13.29 -21.30 16.12
N LYS B 216 -14.53 -21.62 16.56
CA LYS B 216 -15.18 -22.87 16.19
C LYS B 216 -15.84 -22.77 14.81
N TYR B 217 -16.13 -21.54 14.34
CA TYR B 217 -16.67 -21.32 13.00
C TYR B 217 -17.86 -22.23 12.72
N MET B 218 -18.74 -22.33 13.70
CA MET B 218 -20.03 -22.95 13.46
C MET B 218 -20.73 -22.18 12.35
N ALA B 219 -21.66 -22.86 11.69
CA ALA B 219 -22.31 -22.27 10.52
C ALA B 219 -23.03 -20.98 10.87
N GLN B 220 -23.80 -20.97 11.98
CA GLN B 220 -24.64 -19.82 12.29
C GLN B 220 -23.84 -18.65 12.85
N THR B 221 -22.61 -18.89 13.29
CA THR B 221 -21.77 -17.83 13.85
C THR B 221 -20.70 -17.36 12.88
N SER B 222 -20.72 -17.85 11.63
CA SER B 222 -19.67 -17.52 10.69
C SER B 222 -20.21 -17.03 9.38
N ARG B 223 -21.39 -16.40 9.41
CA ARG B 223 -21.92 -15.78 8.20
C ARG B 223 -21.46 -14.34 8.10
N ASN B 224 -21.20 -13.89 6.88
CA ASN B 224 -21.08 -12.46 6.62
C ASN B 224 -19.93 -11.84 7.41
N ILE B 225 -18.91 -12.67 7.66
CA ILE B 225 -17.66 -12.20 8.24
C ILE B 225 -17.18 -11.01 7.45
N ASP B 226 -16.93 -9.89 8.17
CA ASP B 226 -16.46 -8.61 7.65
C ASP B 226 -14.98 -8.69 7.35
N PRO B 227 -14.54 -8.32 6.15
CA PRO B 227 -13.10 -8.42 5.84
C PRO B 227 -12.21 -7.70 6.84
N MET B 228 -12.76 -6.81 7.68
CA MET B 228 -11.98 -6.00 8.60
C MET B 228 -12.15 -6.45 10.05
N ILE B 229 -12.84 -7.55 10.29
CA ILE B 229 -13.03 -8.00 11.67
C ILE B 229 -11.72 -8.40 12.35
N GLY B 230 -10.74 -8.92 11.59
CA GLY B 230 -9.46 -9.25 12.19
C GLY B 230 -8.70 -8.03 12.65
N VAL B 231 -8.62 -7.02 11.78
CA VAL B 231 -8.01 -5.74 12.16
C VAL B 231 -8.79 -5.08 13.30
N GLU B 232 -10.13 -5.07 13.19
CA GLU B 232 -10.98 -4.45 14.19
C GLU B 232 -10.81 -5.12 15.55
N ARG B 233 -10.63 -6.45 15.55
CA ARG B 233 -10.45 -7.17 16.80
C ARG B 233 -9.02 -7.08 17.34
N ALA B 234 -8.03 -6.91 16.46
CA ALA B 234 -6.65 -6.77 16.94
C ALA B 234 -6.42 -5.38 17.53
N ARG B 235 -7.06 -4.38 16.91
CA ARG B 235 -6.81 -2.98 17.26
C ARG B 235 -6.87 -2.75 18.77
N PRO B 236 -7.91 -3.13 19.51
CA PRO B 236 -7.94 -2.82 20.96
C PRO B 236 -6.73 -3.38 21.75
N PHE B 237 -6.20 -4.52 21.32
CA PHE B 237 -5.03 -5.10 21.93
C PHE B 237 -3.78 -4.29 21.56
N ILE B 238 -3.65 -3.94 20.27
CA ILE B 238 -2.50 -3.12 19.84
C ILE B 238 -2.49 -1.77 20.54
N GLU B 239 -3.66 -1.13 20.65
CA GLU B 239 -3.70 0.17 21.31
C GLU B 239 -3.37 0.06 22.78
N TRP B 240 -3.84 -1.01 23.45
CA TRP B 240 -3.54 -1.22 24.85
C TRP B 240 -2.04 -1.33 25.07
N LEU B 241 -1.37 -2.09 24.18
CA LEU B 241 0.08 -2.28 24.26
C LEU B 241 0.80 -0.98 24.01
N GLN B 242 0.40 -0.26 22.97
CA GLN B 242 1.02 1.03 22.68
C GLN B 242 0.98 1.94 23.90
N LYS B 243 -0.19 2.07 24.52
CA LYS B 243 -0.38 2.94 25.68
C LYS B 243 0.43 2.49 26.89
N HIS B 244 0.63 1.20 27.07
CA HIS B 244 1.38 0.68 28.18
C HIS B 244 2.82 0.39 27.80
N GLY B 245 3.21 0.69 26.57
CA GLY B 245 4.60 0.53 26.15
C GLY B 245 5.08 -0.90 26.06
N GLN B 246 4.17 -1.84 25.85
CA GLN B 246 4.52 -3.25 25.86
C GLN B 246 4.51 -3.85 24.46
N LYS B 247 5.21 -4.99 24.32
CA LYS B 247 5.24 -5.77 23.08
C LYS B 247 4.10 -6.78 23.05
N GLY B 248 3.72 -7.19 21.82
CA GLY B 248 2.58 -8.09 21.64
C GLY B 248 2.86 -9.22 20.66
N PHE B 249 1.98 -10.22 20.72
CA PHE B 249 2.08 -11.42 19.89
C PHE B 249 0.67 -11.98 19.74
N LEU B 250 0.22 -12.10 18.49
CA LEU B 250 -1.10 -12.67 18.22
C LEU B 250 -0.91 -14.18 18.05
N GLY B 251 -0.97 -14.90 19.17
CA GLY B 251 -0.49 -16.28 19.24
C GLY B 251 -1.40 -17.32 18.62
N GLU B 252 -2.67 -16.96 18.40
CA GLU B 252 -3.56 -17.81 17.64
C GLU B 252 -4.50 -16.96 16.81
N TYR B 253 -4.70 -17.38 15.57
CA TYR B 253 -5.74 -16.95 14.65
C TYR B 253 -5.81 -18.06 13.63
N GLY B 254 -6.92 -18.14 12.92
CA GLY B 254 -7.05 -19.19 11.92
C GLY B 254 -8.43 -19.14 11.30
N ILE B 255 -8.54 -19.67 10.08
CA ILE B 255 -9.76 -19.56 9.30
C ILE B 255 -10.12 -20.92 8.72
N PRO B 256 -11.40 -21.19 8.49
CA PRO B 256 -11.78 -22.35 7.68
C PRO B 256 -11.49 -22.10 6.21
N ASP B 257 -11.33 -23.19 5.47
CA ASP B 257 -11.00 -23.14 4.06
C ASP B 257 -12.17 -22.82 3.17
N ASP B 258 -13.39 -22.75 3.70
CA ASP B 258 -14.60 -22.59 2.92
CA ASP B 258 -14.58 -22.57 2.88
C ASP B 258 -15.27 -21.22 3.08
N LEU B 259 -14.61 -20.25 3.70
CA LEU B 259 -15.22 -18.94 3.91
C LEU B 259 -14.43 -17.83 3.24
N PRO B 260 -14.87 -17.34 2.07
CA PRO B 260 -14.05 -16.39 1.33
C PRO B 260 -13.86 -15.05 2.04
N GLU B 261 -14.92 -14.54 2.69
CA GLU B 261 -14.78 -13.37 3.53
C GLU B 261 -13.69 -13.57 4.58
N ALA B 262 -13.48 -14.82 5.02
CA ALA B 262 -12.51 -15.09 6.07
C ALA B 262 -11.08 -15.07 5.55
N ALA B 263 -10.86 -15.52 4.31
CA ALA B 263 -9.56 -15.39 3.66
C ALA B 263 -9.18 -13.93 3.48
N GLN B 264 -10.15 -13.09 3.16
CA GLN B 264 -9.89 -11.65 3.08
C GLN B 264 -9.54 -11.09 4.46
N ALA B 265 -10.27 -11.52 5.51
CA ALA B 265 -9.98 -11.02 6.85
C ALA B 265 -8.60 -11.41 7.33
N MET B 266 -8.11 -12.59 6.93
CA MET B 266 -6.75 -12.97 7.28
C MET B 266 -5.73 -12.10 6.56
N ASP B 267 -5.92 -11.90 5.27
CA ASP B 267 -5.04 -11.03 4.49
CA ASP B 267 -5.03 -11.04 4.50
C ASP B 267 -4.90 -9.67 5.15
N ASN B 268 -6.02 -9.01 5.44
CA ASN B 268 -5.99 -7.67 6.02
C ASN B 268 -5.36 -7.67 7.41
N LEU B 269 -5.60 -8.74 8.17
CA LEU B 269 -5.04 -8.86 9.50
C LEU B 269 -3.52 -8.92 9.44
N LEU B 270 -2.99 -9.82 8.61
CA LEU B 270 -1.54 -9.98 8.53
C LEU B 270 -0.87 -8.72 8.03
N ALA B 271 -1.51 -7.97 7.12
CA ALA B 271 -1.00 -6.67 6.68
C ALA B 271 -0.97 -5.66 7.82
N TYR B 272 -2.06 -5.62 8.60
CA TYR B 272 -2.16 -4.75 9.77
C TYR B 272 -1.12 -5.08 10.81
N LEU B 273 -0.92 -6.36 11.07
CA LEU B 273 0.13 -6.75 12.03
C LEU B 273 1.52 -6.41 11.48
N ASN B 274 1.79 -6.68 10.21
CA ASN B 274 3.05 -6.26 9.62
C ASN B 274 3.29 -4.76 9.82
N ASP B 275 2.23 -3.96 9.62
CA ASP B 275 2.37 -2.52 9.74
C ASP B 275 2.78 -2.12 11.16
N ASN B 276 2.44 -2.94 12.15
CA ASN B 276 2.78 -2.66 13.52
C ASN B 276 3.90 -3.55 14.05
N CYS B 277 4.51 -4.36 13.16
CA CYS B 277 5.62 -5.24 13.51
C CYS B 277 5.25 -6.25 14.61
N VAL B 278 4.01 -6.74 14.59
CA VAL B 278 3.49 -7.63 15.64
C VAL B 278 3.48 -9.07 15.10
N PRO B 279 4.17 -10.00 15.76
CA PRO B 279 4.18 -11.38 15.27
C PRO B 279 2.87 -12.10 15.54
N SER B 280 2.73 -13.27 14.92
CA SER B 280 1.51 -14.07 14.98
C SER B 280 1.89 -15.54 14.84
N ALA B 281 0.93 -16.40 15.22
CA ALA B 281 1.08 -17.82 14.93
C ALA B 281 -0.26 -18.38 14.48
N TYR B 282 -0.25 -19.03 13.33
CA TYR B 282 -1.47 -19.61 12.76
C TYR B 282 -1.87 -20.88 13.49
N TRP B 283 -3.17 -21.01 13.80
CA TRP B 283 -3.74 -22.24 14.35
C TRP B 283 -4.48 -22.98 13.23
N ALA B 284 -3.91 -24.12 12.77
CA ALA B 284 -2.69 -24.75 13.30
C ALA B 284 -2.24 -25.77 12.24
N GLY B 285 -1.00 -26.26 12.38
CA GLY B 285 -0.52 -27.31 11.50
C GLY B 285 0.12 -28.41 12.32
N GLY B 286 0.85 -29.29 11.64
CA GLY B 286 1.48 -30.41 12.28
C GLY B 286 0.68 -31.67 12.09
N PRO B 287 1.03 -32.71 12.85
CA PRO B 287 0.39 -34.00 12.64
C PRO B 287 -0.93 -34.15 13.38
N GLY B 288 -1.78 -35.01 12.83
CA GLY B 288 -2.96 -35.45 13.52
C GLY B 288 -4.20 -34.63 13.30
N TRP B 289 -4.20 -33.75 12.32
CA TRP B 289 -5.35 -32.87 12.11
C TRP B 289 -6.40 -33.45 11.16
N GLY B 290 -6.06 -34.45 10.36
CA GLY B 290 -7.01 -34.93 9.37
C GLY B 290 -7.43 -33.81 8.43
N THR B 291 -8.75 -33.68 8.27
CA THR B 291 -9.35 -32.67 7.40
C THR B 291 -9.99 -31.52 8.20
N TYR B 292 -9.53 -31.29 9.42
CA TYR B 292 -9.87 -30.08 10.17
C TYR B 292 -9.81 -28.86 9.27
N LYS B 293 -10.92 -28.13 9.21
CA LYS B 293 -11.05 -27.08 8.20
C LYS B 293 -10.09 -25.92 8.44
N LEU B 294 -9.64 -25.70 9.66
CA LEU B 294 -8.66 -24.64 9.91
C LEU B 294 -7.23 -25.09 9.65
N ALA B 295 -6.96 -26.39 9.57
CA ALA B 295 -5.58 -26.87 9.56
C ALA B 295 -4.83 -26.36 8.34
N ILE B 296 -3.56 -26.00 8.56
CA ILE B 296 -2.70 -25.50 7.51
C ILE B 296 -1.72 -26.55 6.99
N GLU B 297 -1.81 -27.78 7.48
CA GLU B 297 -0.88 -28.83 7.12
C GLU B 297 -1.21 -29.33 5.70
N PRO B 298 -0.20 -29.45 4.83
CA PRO B 298 -0.50 -29.90 3.46
C PRO B 298 -1.17 -31.25 3.52
N ARG B 299 -1.97 -31.51 2.47
CA ARG B 299 -2.70 -32.77 2.31
C ARG B 299 -2.27 -33.41 0.99
N ASN B 300 -1.69 -34.62 1.09
CA ASN B 300 -1.25 -35.36 -0.09
C ASN B 300 -0.25 -34.56 -0.91
N GLY B 301 0.55 -33.74 -0.23
CA GLY B 301 1.53 -32.89 -0.86
C GLY B 301 0.99 -31.58 -1.39
N LYS B 302 -0.31 -31.35 -1.31
CA LYS B 302 -0.90 -30.12 -1.79
C LYS B 302 -0.86 -29.08 -0.67
N ASP B 303 -0.37 -27.89 -1.00
CA ASP B 303 -0.39 -26.80 -0.04
C ASP B 303 -1.82 -26.37 0.24
N ARG B 304 -2.07 -25.88 1.47
CA ARG B 304 -3.39 -25.43 1.86
C ARG B 304 -3.58 -23.97 1.47
N PRO B 305 -4.84 -23.52 1.35
CA PRO B 305 -5.07 -22.12 0.92
C PRO B 305 -4.60 -21.06 1.93
N GLN B 306 -4.65 -21.35 3.23
CA GLN B 306 -4.08 -20.49 4.26
C GLN B 306 -2.59 -20.29 4.12
N MET B 307 -1.87 -21.23 3.47
CA MET B 307 -0.44 -21.06 3.30
C MET B 307 -0.13 -19.96 2.27
N GLU B 308 -0.93 -19.87 1.21
CA GLU B 308 -0.73 -18.80 0.23
C GLU B 308 -0.99 -17.42 0.85
N LEU B 309 -1.96 -17.33 1.77
CA LEU B 309 -2.23 -16.05 2.44
C LEU B 309 -1.07 -15.71 3.37
N MET B 310 -0.58 -16.69 4.12
CA MET B 310 0.59 -16.48 4.95
C MET B 310 1.75 -15.99 4.10
N ARG B 311 2.06 -16.70 3.01
CA ARG B 311 3.31 -16.48 2.29
C ARG B 311 3.40 -15.08 1.69
N LYS B 312 2.27 -14.45 1.36
CA LYS B 312 2.36 -13.15 0.74
C LYS B 312 2.59 -12.05 1.76
N HIS B 313 2.69 -12.40 3.05
CA HIS B 313 2.92 -11.42 4.11
C HIS B 313 4.17 -11.68 4.95
N LEU B 314 5.07 -12.55 4.50
CA LEU B 314 6.25 -12.94 5.27
C LEU B 314 7.42 -11.95 5.21
N ALA B 315 7.42 -11.00 4.30
CA ALA B 315 8.47 -9.98 4.25
C ALA B 315 8.12 -8.79 5.14
N ASN B 316 9.13 -8.24 5.79
CA ASN B 316 8.99 -6.96 6.47
C ASN B 316 10.37 -6.33 6.62
N ASP B 317 10.39 -5.08 7.09
CA ASP B 317 11.61 -4.36 7.42
C ASP B 317 11.70 -4.05 8.91
N CYS B 318 10.89 -4.72 9.74
CA CYS B 318 10.90 -4.50 11.17
C CYS B 318 12.28 -4.73 11.78
N THR B 319 12.63 -3.92 12.76
CA THR B 319 13.88 -4.06 13.49
C THR B 319 13.66 -4.37 14.97
N ALA B 320 12.42 -4.45 15.43
CA ALA B 320 12.10 -4.84 16.80
C ALA B 320 10.62 -5.23 16.85
N ILE B 321 10.26 -6.04 17.83
CA ILE B 321 8.87 -6.46 17.99
C ILE B 321 8.04 -5.25 18.42
N GLY B 322 6.86 -5.10 17.81
CA GLY B 322 6.01 -3.98 18.10
C GLY B 322 4.87 -4.36 19.04
N PRO B 323 3.84 -3.52 19.12
CA PRO B 323 3.72 -2.26 18.37
C PRO B 323 4.60 -1.12 18.93
N THR B 324 4.62 0.01 18.21
CA THR B 324 5.47 1.13 18.63
C THR B 324 4.94 1.70 19.93
N PRO B 325 5.79 1.96 20.91
CA PRO B 325 5.29 2.56 22.16
C PRO B 325 4.64 3.91 21.91
N ALA B 326 3.61 4.21 22.70
CA ALA B 326 3.05 5.56 22.70
C ALA B 326 4.09 6.59 23.16
N GLN B 327 4.02 7.78 22.58
CA GLN B 327 4.88 8.88 23.02
C GLN B 327 4.59 9.24 24.48
N ILE B 328 5.67 9.51 25.22
CA ILE B 328 5.64 9.83 26.68
C ILE B 328 5.60 11.35 26.87
N ALA B 329 4.68 11.88 27.67
CA ALA B 329 4.62 13.33 27.96
C ALA B 329 4.33 13.57 29.46
N ASP B 330 3.07 13.50 29.91
CA ASP B 330 2.69 13.80 31.32
C ASP B 330 2.22 12.52 32.01
N ALA C 1 -0.68 -23.82 -14.17
CA ALA C 1 -1.92 -23.06 -14.50
C ALA C 1 -1.97 -21.82 -13.60
N ASP C 2 -0.81 -21.24 -13.34
CA ASP C 2 -0.65 -20.22 -12.32
C ASP C 2 -0.90 -18.79 -12.82
N TRP C 3 -1.40 -18.62 -14.05
CA TRP C 3 -1.51 -17.27 -14.59
C TRP C 3 -2.44 -16.45 -13.69
N PRO C 4 -2.07 -15.22 -13.31
CA PRO C 4 -2.96 -14.44 -12.43
C PRO C 4 -4.31 -14.15 -13.05
N VAL C 5 -5.31 -13.89 -12.19
CA VAL C 5 -6.69 -13.79 -12.63
C VAL C 5 -7.34 -12.49 -12.13
N ASN C 6 -8.39 -12.06 -12.86
CA ASN C 6 -9.22 -10.95 -12.44
C ASN C 6 -10.32 -11.40 -11.49
N ASP C 7 -10.68 -10.52 -10.54
CA ASP C 7 -11.62 -10.91 -9.49
C ASP C 7 -12.90 -11.44 -10.12
N GLU C 8 -13.33 -10.76 -11.18
CA GLU C 8 -14.60 -11.01 -11.86
CA GLU C 8 -14.61 -11.03 -11.83
C GLU C 8 -14.57 -12.24 -12.76
N GLY C 9 -13.41 -12.80 -13.02
CA GLY C 9 -13.28 -13.83 -14.01
C GLY C 9 -12.31 -13.42 -15.08
N GLY C 10 -11.92 -14.39 -15.88
CA GLY C 10 -10.93 -14.13 -16.89
C GLY C 10 -9.57 -13.86 -16.28
N LEU C 11 -8.60 -13.71 -17.16
CA LEU C 11 -7.19 -13.71 -16.78
C LEU C 11 -6.67 -12.29 -16.75
N ALA C 12 -5.67 -12.06 -15.91
CA ALA C 12 -4.93 -10.79 -15.92
C ALA C 12 -3.98 -10.84 -17.12
N LEU C 13 -4.49 -10.40 -18.26
CA LEU C 13 -3.75 -10.52 -19.50
C LEU C 13 -2.80 -9.37 -19.74
N HIS C 14 -3.21 -8.17 -19.36
CA HIS C 14 -2.53 -6.93 -19.75
C HIS C 14 -1.85 -6.30 -18.54
N GLY C 15 -0.50 -6.36 -18.54
CA GLY C 15 0.31 -5.88 -17.45
C GLY C 15 1.21 -4.75 -17.88
N VAL C 16 2.23 -4.50 -17.07
CA VAL C 16 3.15 -3.39 -17.30
CA VAL C 16 3.14 -3.39 -17.29
C VAL C 16 4.57 -3.86 -17.02
N ASN C 17 5.53 -3.35 -17.83
CA ASN C 17 6.96 -3.45 -17.52
C ASN C 17 7.29 -2.42 -16.44
N ILE C 18 8.00 -2.83 -15.39
N ILE C 18 8.03 -2.84 -15.41
CA ILE C 18 8.36 -1.95 -14.28
CA ILE C 18 8.39 -1.99 -14.28
C ILE C 18 9.88 -1.77 -14.20
C ILE C 18 9.91 -1.77 -14.23
N SER C 19 10.31 -0.51 -14.29
CA SER C 19 11.70 -0.11 -14.16
C SER C 19 12.16 -0.30 -12.71
N GLY C 20 13.48 -0.11 -12.45
CA GLY C 20 14.48 0.27 -13.43
C GLY C 20 15.82 -0.39 -13.14
N ALA C 21 15.74 -1.67 -12.77
CA ALA C 21 16.92 -2.48 -12.45
C ALA C 21 17.87 -2.68 -13.63
N GLY C 22 17.41 -2.49 -14.87
CA GLY C 22 18.25 -2.57 -16.04
C GLY C 22 18.74 -1.25 -16.62
N PHE C 23 18.50 -0.14 -15.94
CA PHE C 23 18.89 1.17 -16.45
C PHE C 23 20.42 1.29 -16.55
N ALA C 24 20.85 2.22 -17.39
CA ALA C 24 22.24 2.43 -17.73
C ALA C 24 23.03 1.13 -17.74
N PRO C 25 22.76 0.21 -18.68
CA PRO C 25 23.47 -1.09 -18.66
C PRO C 25 24.95 -1.00 -18.97
N HIS C 26 25.45 0.15 -19.45
CA HIS C 26 26.87 0.35 -19.69
C HIS C 26 27.63 0.71 -18.43
N ILE C 27 26.92 1.03 -17.35
CA ILE C 27 27.52 1.31 -16.04
C ILE C 27 27.33 0.02 -15.25
N THR C 28 28.33 -0.87 -15.30
CA THR C 28 28.23 -2.08 -14.51
C THR C 28 29.38 -2.15 -13.50
N PRO C 29 29.11 -2.57 -12.25
CA PRO C 29 27.76 -2.89 -11.77
C PRO C 29 26.88 -1.67 -11.56
N GLY C 30 27.48 -0.47 -11.46
CA GLY C 30 26.73 0.72 -11.12
C GLY C 30 26.29 0.71 -9.66
N LYS C 31 25.54 1.76 -9.31
CA LYS C 31 25.08 2.00 -7.95
C LYS C 31 23.55 2.03 -7.93
N ASN C 32 22.96 1.13 -7.15
CA ASN C 32 21.52 1.16 -6.89
C ASN C 32 21.12 2.52 -6.33
N GLY C 33 20.07 3.08 -6.89
CA GLY C 33 19.59 4.37 -6.46
C GLY C 33 20.17 5.56 -7.19
N THR C 34 21.14 5.32 -8.07
CA THR C 34 21.87 6.39 -8.76
C THR C 34 21.80 6.12 -10.25
N HIS C 35 22.27 4.96 -10.68
CA HIS C 35 22.28 4.53 -12.08
C HIS C 35 21.11 3.63 -12.44
N TYR C 36 20.59 2.88 -11.50
CA TYR C 36 19.42 2.03 -11.66
C TYR C 36 18.61 2.10 -10.37
N PHE C 37 17.34 1.73 -10.50
CA PHE C 37 16.37 1.82 -9.39
C PHE C 37 15.46 0.59 -9.39
N TYR C 38 15.14 0.16 -8.20
CA TYR C 38 14.10 -0.83 -7.93
C TYR C 38 12.77 -0.17 -7.55
N PRO C 39 11.65 -0.73 -7.99
CA PRO C 39 10.35 -0.17 -7.57
C PRO C 39 10.15 -0.32 -6.05
N GLU C 40 9.15 0.39 -5.55
CA GLU C 40 8.74 0.32 -4.15
C GLU C 40 7.27 -0.07 -4.01
N LYS C 41 6.79 -0.13 -2.76
CA LYS C 41 5.44 -0.62 -2.49
C LYS C 41 4.38 0.20 -3.23
N LYS C 42 4.53 1.53 -3.26
CA LYS C 42 3.48 2.35 -3.86
C LYS C 42 3.33 2.08 -5.35
N HIS C 43 4.40 1.63 -6.01
CA HIS C 43 4.27 1.27 -7.42
C HIS C 43 3.38 0.05 -7.58
N PHE C 44 3.64 -1.00 -6.79
CA PHE C 44 2.82 -2.21 -6.93
C PHE C 44 1.38 -1.94 -6.50
N LYS C 45 1.21 -1.18 -5.40
CA LYS C 45 -0.13 -0.83 -4.96
C LYS C 45 -0.82 -0.01 -6.04
N TYR C 46 -0.10 0.91 -6.67
CA TYR C 46 -0.71 1.71 -7.70
C TYR C 46 -1.27 0.83 -8.81
N TYR C 47 -0.42 0.01 -9.41
CA TYR C 47 -0.89 -0.81 -10.52
C TYR C 47 -1.93 -1.81 -10.06
N ALA C 48 -1.79 -2.31 -8.83
CA ALA C 48 -2.84 -3.16 -8.27
C ALA C 48 -4.16 -2.41 -8.23
N ASP C 49 -4.13 -1.15 -7.78
CA ASP C 49 -5.33 -0.35 -7.69
C ASP C 49 -5.91 -0.06 -9.07
N GLN C 50 -5.12 -0.14 -10.15
CA GLN C 50 -5.64 0.04 -11.51
C GLN C 50 -6.26 -1.23 -12.09
N GLY C 51 -6.12 -2.35 -11.38
CA GLY C 51 -6.63 -3.63 -11.84
C GLY C 51 -5.60 -4.50 -12.51
N ILE C 52 -4.32 -4.20 -12.35
CA ILE C 52 -3.22 -4.77 -13.12
C ILE C 52 -2.51 -5.76 -12.22
N ARG C 53 -2.52 -7.04 -12.60
CA ARG C 53 -1.93 -8.08 -11.76
C ARG C 53 -0.72 -8.72 -12.38
N LEU C 54 -0.37 -8.32 -13.61
CA LEU C 54 0.74 -8.88 -14.36
C LEU C 54 1.86 -7.86 -14.47
N ILE C 55 3.07 -8.26 -14.05
CA ILE C 55 4.24 -7.39 -14.09
C ILE C 55 5.40 -8.10 -14.78
N ARG C 56 6.09 -7.37 -15.67
CA ARG C 56 7.34 -7.83 -16.28
C ARG C 56 8.45 -6.96 -15.70
N PHE C 57 9.50 -7.59 -15.19
CA PHE C 57 10.55 -6.86 -14.50
C PHE C 57 11.91 -7.10 -15.12
N PRO C 58 12.42 -6.16 -15.89
CA PRO C 58 13.80 -6.26 -16.37
C PRO C 58 14.84 -6.19 -15.26
N PHE C 59 15.85 -7.05 -15.38
CA PHE C 59 17.09 -6.98 -14.61
C PHE C 59 18.21 -7.40 -15.56
N ILE C 60 19.47 -7.09 -15.22
CA ILE C 60 20.57 -7.47 -16.09
C ILE C 60 21.49 -8.45 -15.38
N TRP C 61 22.02 -9.40 -16.16
CA TRP C 61 22.89 -10.43 -15.64
C TRP C 61 24.12 -9.83 -14.97
N GLU C 62 24.68 -8.75 -15.53
CA GLU C 62 25.91 -8.16 -15.02
C GLU C 62 25.76 -7.66 -13.58
N ARG C 63 24.52 -7.42 -13.13
CA ARG C 63 24.26 -7.03 -11.75
C ARG C 63 23.93 -8.22 -10.86
N VAL C 64 23.52 -9.37 -11.44
CA VAL C 64 23.34 -10.57 -10.63
C VAL C 64 24.64 -11.36 -10.49
N GLN C 65 25.57 -11.20 -11.42
CA GLN C 65 26.85 -11.92 -11.39
C GLN C 65 27.82 -11.02 -12.13
N HIS C 66 28.78 -10.42 -11.38
CA HIS C 66 29.67 -9.41 -11.95
C HIS C 66 30.67 -10.03 -12.93
N SER C 67 31.13 -11.25 -12.66
CA SER C 67 32.02 -11.95 -13.56
C SER C 67 31.66 -13.43 -13.58
N LEU C 68 32.00 -14.08 -14.71
CA LEU C 68 31.72 -15.51 -14.86
C LEU C 68 32.58 -16.34 -13.91
N ASP C 69 33.64 -15.76 -13.34
CA ASP C 69 34.53 -16.49 -12.45
C ASP C 69 33.93 -16.67 -11.04
N SER C 70 33.12 -15.74 -10.57
CA SER C 70 32.63 -15.78 -9.19
C SER C 70 31.13 -16.02 -9.18
N GLY C 71 30.56 -15.95 -7.97
CA GLY C 71 29.18 -16.29 -7.73
C GLY C 71 28.25 -15.10 -7.83
N LEU C 72 27.04 -15.27 -7.32
CA LEU C 72 26.01 -14.28 -7.51
C LEU C 72 26.12 -13.17 -6.47
N ASN C 73 25.53 -12.02 -6.81
CA ASN C 73 25.54 -10.87 -5.93
C ASN C 73 24.39 -10.97 -4.93
N PHE C 74 24.72 -10.96 -3.64
CA PHE C 74 23.71 -11.11 -2.59
C PHE C 74 22.72 -9.95 -2.63
N ASP C 75 23.22 -8.71 -2.68
CA ASP C 75 22.32 -7.55 -2.62
C ASP C 75 21.32 -7.54 -3.79
N GLN C 76 21.77 -7.89 -5.00
CA GLN C 76 20.87 -7.88 -6.15
C GLN C 76 19.83 -8.98 -6.08
N ILE C 77 20.18 -10.16 -5.53
CA ILE C 77 19.18 -11.18 -5.29
C ILE C 77 18.20 -10.75 -4.20
N ARG C 78 18.70 -10.12 -3.13
CA ARG C 78 17.83 -9.51 -2.13
C ARG C 78 16.89 -8.53 -2.82
N LEU C 79 17.42 -7.73 -3.74
CA LEU C 79 16.58 -6.74 -4.39
C LEU C 79 15.51 -7.40 -5.25
N LEU C 80 15.87 -8.50 -5.93
CA LEU C 80 14.92 -9.20 -6.78
C LEU C 80 13.87 -9.95 -5.95
N LYS C 81 14.30 -10.61 -4.87
CA LYS C 81 13.32 -11.23 -3.97
C LYS C 81 12.34 -10.19 -3.43
N LYS C 82 12.83 -9.02 -3.02
CA LYS C 82 11.95 -7.94 -2.54
C LYS C 82 10.89 -7.56 -3.59
N THR C 83 11.29 -7.49 -4.86
CA THR C 83 10.34 -7.18 -5.93
C THR C 83 9.20 -8.20 -6.02
N LEU C 84 9.54 -9.51 -5.93
CA LEU C 84 8.53 -10.54 -5.89
C LEU C 84 7.70 -10.44 -4.61
N ASP C 85 8.34 -10.11 -3.49
CA ASP C 85 7.62 -9.94 -2.23
C ASP C 85 6.58 -8.84 -2.37
N LEU C 86 6.96 -7.68 -2.94
CA LEU C 86 6.00 -6.57 -3.05
C LEU C 86 4.88 -6.92 -4.03
N ALA C 87 5.21 -7.58 -5.15
CA ALA C 87 4.19 -8.09 -6.06
C ALA C 87 3.25 -9.06 -5.34
N ALA C 88 3.82 -10.00 -4.58
CA ALA C 88 2.97 -10.95 -3.85
C ALA C 88 2.04 -10.24 -2.88
N GLN C 89 2.54 -9.18 -2.22
CA GLN C 89 1.72 -8.46 -1.24
C GLN C 89 0.52 -7.77 -1.89
N ASN C 90 0.64 -7.47 -3.19
CA ASN C 90 -0.39 -6.76 -3.92
C ASN C 90 -1.14 -7.66 -4.90
N GLY C 91 -1.06 -8.98 -4.72
CA GLY C 91 -1.84 -9.91 -5.53
C GLY C 91 -1.40 -10.04 -6.96
N GLN C 92 -0.15 -9.69 -7.25
CA GLN C 92 0.37 -9.61 -8.59
C GLN C 92 1.46 -10.67 -8.73
N LYS C 93 1.76 -11.01 -9.98
CA LYS C 93 2.78 -11.99 -10.32
C LYS C 93 3.73 -11.38 -11.31
N VAL C 94 4.99 -11.79 -11.21
CA VAL C 94 6.08 -11.16 -11.92
C VAL C 94 6.72 -12.14 -12.89
N ILE C 95 7.01 -11.64 -14.10
CA ILE C 95 7.86 -12.32 -15.07
C ILE C 95 9.24 -11.69 -14.97
N LEU C 96 10.24 -12.44 -14.51
CA LEU C 96 11.58 -11.87 -14.37
C LEU C 96 12.27 -11.94 -15.72
N ASP C 97 12.78 -10.81 -16.18
CA ASP C 97 13.27 -10.66 -17.54
C ASP C 97 14.76 -10.33 -17.46
N MET C 98 15.59 -11.25 -17.92
CA MET C 98 17.04 -11.02 -18.06
C MET C 98 17.20 -10.16 -19.30
N HIS C 99 17.45 -8.88 -19.09
CA HIS C 99 17.27 -7.84 -20.10
C HIS C 99 18.56 -7.64 -20.87
N ASN C 100 19.05 -8.69 -21.51
CA ASN C 100 20.46 -8.72 -21.89
C ASN C 100 20.81 -8.74 -23.37
N TYR C 101 19.84 -8.88 -24.26
CA TYR C 101 20.04 -8.68 -25.70
C TYR C 101 21.02 -9.70 -26.28
N GLY C 102 21.11 -10.87 -25.66
CA GLY C 102 21.96 -11.92 -26.15
C GLY C 102 23.40 -11.84 -25.72
N ARG C 103 23.75 -10.87 -24.88
CA ARG C 103 25.14 -10.59 -24.56
C ARG C 103 25.36 -10.53 -23.04
N TYR C 104 26.61 -10.79 -22.67
CA TYR C 104 27.09 -10.64 -21.30
C TYR C 104 28.36 -9.82 -21.34
N HIS C 105 28.39 -8.68 -20.64
CA HIS C 105 29.52 -7.76 -20.69
C HIS C 105 29.96 -7.56 -22.13
N GLY C 106 28.97 -7.37 -23.03
CA GLY C 106 29.23 -6.99 -24.40
C GLY C 106 29.61 -8.11 -25.34
N GLU C 107 29.64 -9.35 -24.86
CA GLU C 107 30.10 -10.51 -25.62
C GLU C 107 28.90 -11.42 -25.80
N LEU C 108 28.78 -12.02 -26.98
CA LEU C 108 27.62 -12.84 -27.28
C LEU C 108 27.62 -14.12 -26.45
N ILE C 109 26.45 -14.46 -25.93
CA ILE C 109 26.25 -15.77 -25.32
C ILE C 109 26.38 -16.85 -26.39
N GLY C 110 27.21 -17.85 -26.10
CA GLY C 110 27.66 -18.81 -27.07
C GLY C 110 29.04 -18.52 -27.61
N SER C 111 29.55 -17.31 -27.39
CA SER C 111 30.92 -17.00 -27.70
C SER C 111 31.83 -17.79 -26.79
N SER C 112 33.12 -17.78 -27.13
CA SER C 112 34.10 -18.42 -26.27
CA SER C 112 34.11 -18.42 -26.27
C SER C 112 34.13 -17.74 -24.91
N LYS C 113 33.97 -16.42 -24.87
CA LYS C 113 33.99 -15.65 -23.63
C LYS C 113 32.73 -15.81 -22.81
N VAL C 114 31.63 -16.21 -23.43
CA VAL C 114 30.38 -16.42 -22.69
C VAL C 114 29.81 -17.76 -23.10
N PRO C 115 30.37 -18.87 -22.64
CA PRO C 115 29.83 -20.19 -23.00
C PRO C 115 28.38 -20.39 -22.56
N TYR C 116 27.64 -21.18 -23.36
CA TYR C 116 26.28 -21.58 -22.97
C TYR C 116 26.22 -22.07 -21.52
N GLU C 117 27.27 -22.78 -21.06
CA GLU C 117 27.28 -23.28 -19.69
C GLU C 117 27.09 -22.14 -18.69
N ALA C 118 27.64 -20.95 -19.03
CA ALA C 118 27.61 -19.80 -18.12
C ALA C 118 26.20 -19.27 -17.98
N TYR C 119 25.48 -19.23 -19.10
CA TYR C 119 24.10 -18.79 -19.14
C TYR C 119 23.16 -19.77 -18.44
N ALA C 120 23.26 -21.06 -18.76
CA ALA C 120 22.46 -22.07 -18.07
C ALA C 120 22.67 -22.00 -16.56
N SER C 121 23.91 -21.78 -16.13
CA SER C 121 24.23 -21.85 -14.70
C SER C 121 23.58 -20.73 -13.92
N VAL C 122 23.66 -19.50 -14.43
CA VAL C 122 22.98 -18.40 -13.76
C VAL C 122 21.47 -18.61 -13.70
N TRP C 123 20.85 -19.09 -14.78
CA TRP C 123 19.42 -19.37 -14.70
C TRP C 123 19.15 -20.52 -13.77
N ARG C 124 20.00 -21.57 -13.82
CA ARG C 124 19.79 -22.70 -12.90
C ARG C 124 19.73 -22.19 -11.46
N LYS C 125 20.63 -21.26 -11.13
CA LYS C 125 20.81 -20.76 -9.78
C LYS C 125 19.71 -19.79 -9.37
N LEU C 126 19.26 -18.94 -10.28
CA LEU C 126 18.13 -18.07 -9.97
C LEU C 126 16.85 -18.87 -9.86
N ALA C 127 16.68 -19.93 -10.66
CA ALA C 127 15.48 -20.76 -10.56
C ALA C 127 15.45 -21.53 -9.24
N GLU C 128 16.61 -22.07 -8.84
CA GLU C 128 16.74 -22.66 -7.51
C GLU C 128 16.31 -21.67 -6.46
N ARG C 129 16.78 -20.43 -6.57
CA ARG C 129 16.57 -19.43 -5.52
C ARG C 129 15.13 -18.97 -5.48
N PHE C 130 14.50 -18.81 -6.65
CA PHE C 130 13.16 -18.20 -6.72
C PHE C 130 12.01 -19.21 -6.85
N LYS C 131 12.30 -20.47 -7.11
CA LYS C 131 11.26 -21.46 -7.27
CA LYS C 131 11.25 -21.47 -7.27
C LYS C 131 10.21 -21.31 -6.17
N GLY C 132 8.95 -21.17 -6.57
CA GLY C 132 7.82 -21.18 -5.67
C GLY C 132 7.52 -19.90 -4.93
N HIS C 133 8.24 -18.81 -5.20
CA HIS C 133 7.89 -17.52 -4.62
C HIS C 133 6.47 -17.14 -5.04
N PRO C 134 5.59 -16.72 -4.09
CA PRO C 134 4.19 -16.39 -4.46
C PRO C 134 4.05 -15.19 -5.44
N GLY C 135 5.04 -14.31 -5.56
CA GLY C 135 4.97 -13.25 -6.53
C GLY C 135 5.55 -13.56 -7.88
N LEU C 136 5.95 -14.81 -8.12
CA LEU C 136 6.63 -15.17 -9.37
C LEU C 136 5.67 -15.85 -10.33
N LEU C 137 5.70 -15.38 -11.57
CA LEU C 137 5.00 -16.06 -12.65
C LEU C 137 5.94 -16.91 -13.51
N GLY C 138 7.11 -16.39 -13.84
CA GLY C 138 8.02 -17.13 -14.67
C GLY C 138 9.25 -16.33 -15.07
N TYR C 139 10.04 -16.96 -15.92
CA TYR C 139 11.38 -16.51 -16.27
C TYR C 139 11.43 -16.16 -17.77
N ASP C 140 11.64 -14.90 -18.04
CA ASP C 140 11.88 -14.39 -19.39
C ASP C 140 13.40 -14.45 -19.53
N ILE C 141 13.89 -15.49 -20.18
CA ILE C 141 15.30 -15.82 -20.05
C ILE C 141 16.20 -14.85 -20.79
N MET C 142 15.68 -14.10 -21.77
CA MET C 142 16.47 -13.13 -22.50
C MET C 142 15.56 -12.12 -23.21
N ASN C 143 15.85 -10.84 -23.02
CA ASN C 143 15.18 -9.79 -23.77
C ASN C 143 15.86 -9.57 -25.11
N GLU C 144 15.06 -9.53 -26.17
CA GLU C 144 15.48 -9.07 -27.50
C GLU C 144 16.87 -9.54 -27.93
N PRO C 145 17.09 -10.84 -28.06
CA PRO C 145 18.27 -11.30 -28.78
C PRO C 145 18.28 -10.66 -30.15
N HIS C 146 19.47 -10.23 -30.58
CA HIS C 146 19.68 -9.64 -31.89
C HIS C 146 21.06 -10.02 -32.35
N SER C 147 21.20 -10.27 -33.65
CA SER C 147 22.48 -10.50 -34.30
C SER C 147 23.40 -11.35 -33.42
N THR C 148 22.93 -12.57 -33.12
CA THR C 148 23.69 -13.49 -32.28
C THR C 148 24.49 -14.52 -33.08
N VAL C 149 24.77 -14.23 -34.35
CA VAL C 149 25.40 -15.18 -35.27
C VAL C 149 24.91 -16.61 -35.06
N GLY C 150 23.59 -16.78 -34.96
CA GLY C 150 22.97 -18.09 -34.88
C GLY C 150 23.02 -18.77 -33.53
N LEU C 151 23.52 -18.10 -32.48
CA LEU C 151 23.77 -18.75 -31.21
C LEU C 151 22.57 -18.66 -30.25
N TRP C 152 21.55 -17.85 -30.58
CA TRP C 152 20.46 -17.67 -29.63
C TRP C 152 19.66 -18.94 -29.43
N PRO C 153 19.23 -19.66 -30.47
CA PRO C 153 18.39 -20.87 -30.22
C PRO C 153 19.08 -21.86 -29.31
N GLY C 154 20.40 -22.03 -29.44
CA GLY C 154 21.11 -22.97 -28.59
C GLY C 154 21.26 -22.45 -27.16
N ALA C 155 21.38 -21.15 -27.00
CA ALA C 155 21.47 -20.60 -25.66
C ALA C 155 20.14 -20.71 -24.93
N ALA C 156 19.02 -20.42 -25.62
CA ALA C 156 17.69 -20.61 -25.06
C ALA C 156 17.45 -22.06 -24.63
N GLN C 157 17.88 -23.04 -25.44
CA GLN C 157 17.70 -24.43 -25.06
C GLN C 157 18.53 -24.75 -23.84
N ALA C 158 19.75 -24.18 -23.76
CA ALA C 158 20.63 -24.41 -22.61
C ALA C 158 19.98 -23.94 -21.32
N ALA C 159 19.40 -22.74 -21.35
CA ALA C 159 18.77 -22.15 -20.17
C ALA C 159 17.50 -22.89 -19.77
N VAL C 160 16.70 -23.32 -20.75
CA VAL C 160 15.50 -24.09 -20.42
C VAL C 160 15.90 -25.41 -19.77
N ASP C 161 16.83 -26.15 -20.39
CA ASP C 161 17.27 -27.44 -19.84
C ASP C 161 17.74 -27.29 -18.39
N ALA C 162 18.56 -26.25 -18.14
CA ALA C 162 19.05 -25.98 -16.79
C ALA C 162 17.90 -25.68 -15.82
N ILE C 163 17.04 -24.72 -16.16
CA ILE C 163 15.88 -24.42 -15.32
C ILE C 163 15.08 -25.68 -15.03
N ARG C 164 14.88 -26.53 -16.05
CA ARG C 164 14.03 -27.69 -15.85
C ARG C 164 14.66 -28.71 -14.91
N GLU C 165 15.98 -28.67 -14.73
CA GLU C 165 16.63 -29.54 -13.75
C GLU C 165 16.14 -29.24 -12.32
N VAL C 166 15.86 -27.97 -12.03
CA VAL C 166 15.50 -27.54 -10.70
C VAL C 166 14.07 -27.09 -10.60
N ASP C 167 13.37 -26.87 -11.73
CA ASP C 167 12.00 -26.36 -11.72
C ASP C 167 11.28 -26.91 -12.95
N ASP C 168 10.49 -27.96 -12.76
CA ASP C 168 9.96 -28.66 -13.91
C ASP C 168 8.60 -28.13 -14.37
N GLN C 169 8.10 -27.04 -13.81
CA GLN C 169 6.82 -26.54 -14.30
C GLN C 169 6.68 -25.01 -14.37
N THR C 170 7.58 -24.22 -13.77
CA THR C 170 7.46 -22.78 -13.85
C THR C 170 7.46 -22.39 -15.32
N LEU C 171 6.54 -21.51 -15.68
CA LEU C 171 6.53 -21.02 -17.04
C LEU C 171 7.84 -20.30 -17.37
N ILE C 172 8.30 -20.52 -18.60
CA ILE C 172 9.47 -19.85 -19.17
C ILE C 172 9.05 -19.15 -20.47
N PHE C 173 9.50 -17.91 -20.63
CA PHE C 173 9.12 -17.03 -21.74
C PHE C 173 10.28 -16.98 -22.71
N ILE C 174 10.02 -17.36 -23.96
CA ILE C 174 11.05 -17.56 -24.97
C ILE C 174 10.91 -16.46 -26.03
N GLU C 175 11.91 -15.57 -26.10
CA GLU C 175 11.97 -14.53 -27.14
C GLU C 175 12.70 -15.05 -28.40
N GLY C 176 12.56 -14.27 -29.48
CA GLY C 176 13.19 -14.58 -30.75
C GLY C 176 14.21 -13.54 -31.20
N GLU C 177 14.92 -13.89 -32.25
CA GLU C 177 15.95 -13.06 -32.85
C GLU C 177 15.33 -11.81 -33.50
N ARG C 178 16.21 -10.90 -33.94
CA ARG C 178 15.81 -9.65 -34.57
C ARG C 178 15.02 -8.80 -33.58
N TRP C 179 15.48 -8.79 -32.35
CA TRP C 179 14.87 -7.99 -31.28
C TRP C 179 13.45 -8.47 -30.94
N SER C 180 13.19 -9.76 -31.19
CA SER C 180 11.92 -10.41 -30.87
C SER C 180 10.73 -9.70 -31.50
N SER C 181 10.94 -9.16 -32.69
CA SER C 181 9.90 -8.43 -33.39
C SER C 181 8.74 -9.34 -33.75
N ALA C 182 7.52 -8.87 -33.44
CA ALA C 182 6.32 -9.64 -33.75
C ALA C 182 6.06 -9.69 -35.25
N TYR C 183 6.22 -8.55 -35.93
CA TYR C 183 5.95 -8.51 -37.37
C TYR C 183 6.88 -9.46 -38.11
N HIS C 184 8.15 -9.50 -37.68
CA HIS C 184 9.19 -10.28 -38.35
C HIS C 184 9.31 -11.71 -37.87
N TRP C 185 8.56 -12.09 -36.88
CA TRP C 185 8.69 -13.42 -36.30
C TRP C 185 8.77 -14.58 -37.32
N PRO C 186 7.82 -14.72 -38.26
CA PRO C 186 7.90 -15.88 -39.18
C PRO C 186 9.11 -15.83 -40.08
N LEU C 187 9.59 -14.63 -40.38
CA LEU C 187 10.75 -14.50 -41.24
C LEU C 187 12.00 -14.96 -40.52
N VAL C 188 12.08 -14.66 -39.22
CA VAL C 188 13.30 -14.89 -38.46
C VAL C 188 13.29 -16.16 -37.63
N ASN C 189 12.10 -16.63 -37.26
CA ASN C 189 11.99 -17.77 -36.38
C ASN C 189 11.13 -18.86 -36.99
N ALA C 190 11.15 -19.05 -38.32
CA ALA C 190 10.10 -19.83 -38.97
C ALA C 190 9.89 -21.18 -38.29
N ASN C 191 10.97 -21.93 -38.09
CA ASN C 191 10.91 -23.24 -37.44
C ASN C 191 11.43 -23.25 -36.01
N PHE C 192 11.62 -22.07 -35.40
CA PHE C 192 12.10 -21.95 -34.03
C PHE C 192 11.22 -22.76 -33.11
N LEU C 193 11.84 -23.66 -32.33
CA LEU C 193 11.10 -24.48 -31.39
C LEU C 193 12.01 -24.95 -30.28
N ILE C 194 11.71 -24.52 -29.04
CA ILE C 194 12.46 -25.00 -27.88
C ILE C 194 11.78 -26.21 -27.29
N ASN C 195 12.59 -27.20 -26.92
CA ASN C 195 12.11 -28.47 -26.40
C ASN C 195 11.90 -28.34 -24.90
N ASP C 196 10.74 -28.72 -24.44
CA ASP C 196 10.40 -28.65 -23.02
C ASP C 196 9.44 -29.80 -22.76
N PRO C 197 9.89 -30.87 -22.10
CA PRO C 197 8.95 -31.96 -21.83
C PRO C 197 7.69 -31.53 -21.07
N ALA C 198 7.74 -30.41 -20.34
CA ALA C 198 6.60 -29.97 -19.53
C ALA C 198 5.57 -29.21 -20.33
N ASP C 199 5.95 -28.67 -21.49
CA ASP C 199 5.02 -27.86 -22.30
C ASP C 199 4.59 -26.58 -21.59
N ARG C 200 5.54 -25.97 -20.88
CA ARG C 200 5.31 -24.81 -20.02
C ARG C 200 6.14 -23.64 -20.53
N LEU C 201 6.20 -23.52 -21.85
CA LEU C 201 6.86 -22.42 -22.53
C LEU C 201 5.78 -21.53 -23.14
N ILE C 202 6.11 -20.23 -23.20
CA ILE C 202 5.33 -19.20 -23.88
C ILE C 202 6.29 -18.31 -24.68
N TYR C 203 5.99 -18.12 -25.97
CA TYR C 203 6.87 -17.38 -26.87
C TYR C 203 6.48 -15.92 -26.80
N GLU C 204 7.45 -15.03 -26.78
CA GLU C 204 7.18 -13.63 -26.51
C GLU C 204 7.77 -12.76 -27.60
N ALA C 205 6.94 -11.93 -28.23
CA ALA C 205 7.35 -10.97 -29.22
C ALA C 205 7.15 -9.58 -28.67
N HIS C 206 7.82 -8.60 -29.30
CA HIS C 206 7.63 -7.18 -29.01
C HIS C 206 7.18 -6.43 -30.25
N LEU C 207 6.46 -5.33 -30.01
CA LEU C 207 5.74 -4.65 -31.09
C LEU C 207 5.55 -3.18 -30.80
N TYR C 208 6.15 -2.34 -31.65
CA TYR C 208 5.98 -0.90 -31.59
C TYR C 208 5.43 -0.42 -32.91
N PHE C 209 4.91 0.80 -32.91
CA PHE C 209 4.13 1.30 -34.04
C PHE C 209 4.86 2.29 -34.94
N ASP C 210 6.12 2.62 -34.68
CA ASP C 210 6.87 3.54 -35.54
C ASP C 210 7.44 2.80 -36.76
N ASP C 211 7.87 3.60 -37.73
CA ASP C 211 8.23 3.07 -39.04
C ASP C 211 9.34 2.02 -38.96
N ASP C 212 10.34 2.29 -38.13
CA ASP C 212 11.53 1.47 -38.00
C ASP C 212 11.33 0.34 -37.00
N PHE C 213 10.12 0.16 -36.52
CA PHE C 213 9.76 -0.92 -35.60
C PHE C 213 10.46 -0.81 -34.24
N SER C 214 11.15 0.31 -33.94
CA SER C 214 12.11 0.36 -32.83
C SER C 214 11.51 0.73 -31.47
N GLY C 215 10.38 1.43 -31.44
CA GLY C 215 9.89 2.00 -30.20
C GLY C 215 10.52 3.31 -29.79
N LYS C 216 11.39 3.90 -30.64
CA LYS C 216 12.00 5.20 -30.35
C LYS C 216 11.03 6.34 -30.56
N TYR C 217 10.09 6.15 -31.48
CA TYR C 217 9.11 7.16 -31.83
C TYR C 217 9.77 8.52 -32.07
N MET C 218 10.78 8.48 -32.93
CA MET C 218 11.33 9.71 -33.48
C MET C 218 10.25 10.35 -34.31
N ALA C 219 10.25 11.69 -34.32
CA ALA C 219 9.22 12.46 -35.02
C ALA C 219 9.07 12.02 -36.47
N GLN C 220 10.20 11.85 -37.17
CA GLN C 220 10.14 11.55 -38.59
C GLN C 220 9.48 10.21 -38.86
N THR C 221 9.62 9.26 -37.93
CA THR C 221 9.21 7.87 -38.12
C THR C 221 7.87 7.54 -37.47
N SER C 222 7.16 8.54 -36.97
CA SER C 222 5.94 8.34 -36.20
C SER C 222 4.83 9.28 -36.67
N ARG C 223 4.81 9.56 -37.98
CA ARG C 223 3.76 10.39 -38.56
C ARG C 223 2.59 9.55 -39.08
N ASN C 224 1.37 10.07 -38.86
CA ASN C 224 0.17 9.54 -39.51
C ASN C 224 -0.01 8.04 -39.26
N ILE C 225 0.18 7.63 -38.00
CA ILE C 225 0.11 6.21 -37.64
C ILE C 225 -1.27 5.65 -37.98
N ASP C 226 -1.29 4.50 -38.67
CA ASP C 226 -2.55 3.84 -39.04
C ASP C 226 -3.16 3.16 -37.82
N PRO C 227 -4.48 3.28 -37.60
CA PRO C 227 -5.07 2.65 -36.39
C PRO C 227 -4.94 1.14 -36.35
N MET C 228 -4.60 0.49 -37.47
CA MET C 228 -4.52 -0.97 -37.54
C MET C 228 -3.10 -1.51 -37.66
N ILE C 229 -2.10 -0.64 -37.50
CA ILE C 229 -0.71 -1.07 -37.59
C ILE C 229 -0.38 -2.06 -36.47
N GLY C 230 -0.98 -1.90 -35.29
CA GLY C 230 -0.67 -2.81 -34.21
C GLY C 230 -1.20 -4.20 -34.49
N VAL C 231 -2.46 -4.26 -34.92
CA VAL C 231 -3.07 -5.52 -35.32
C VAL C 231 -2.29 -6.18 -36.47
N GLU C 232 -1.87 -5.39 -37.46
CA GLU C 232 -1.19 -5.93 -38.62
C GLU C 232 0.23 -6.43 -38.30
N ARG C 233 0.93 -5.83 -37.34
CA ARG C 233 2.25 -6.34 -36.96
C ARG C 233 2.13 -7.53 -36.01
N ALA C 234 1.04 -7.60 -35.24
CA ALA C 234 0.80 -8.72 -34.34
C ALA C 234 0.38 -9.97 -35.09
N ARG C 235 -0.43 -9.81 -36.15
CA ARG C 235 -0.98 -10.93 -36.90
C ARG C 235 0.04 -11.99 -37.28
N PRO C 236 1.19 -11.67 -37.91
CA PRO C 236 2.14 -12.76 -38.27
C PRO C 236 2.66 -13.58 -37.10
N PHE C 237 2.76 -12.98 -35.90
CA PHE C 237 3.11 -13.69 -34.68
C PHE C 237 1.96 -14.56 -34.18
N ILE C 238 0.74 -14.03 -34.14
CA ILE C 238 -0.38 -14.85 -33.70
C ILE C 238 -0.56 -16.04 -34.64
N GLU C 239 -0.45 -15.82 -35.96
CA GLU C 239 -0.65 -16.92 -36.92
C GLU C 239 0.45 -17.96 -36.78
N TRP C 240 1.69 -17.50 -36.60
CA TRP C 240 2.79 -18.41 -36.35
C TRP C 240 2.48 -19.28 -35.13
N LEU C 241 1.88 -18.67 -34.08
CA LEU C 241 1.65 -19.39 -32.83
C LEU C 241 0.54 -20.44 -33.00
N GLN C 242 -0.54 -20.08 -33.67
CA GLN C 242 -1.60 -21.03 -33.93
C GLN C 242 -1.09 -22.22 -34.74
N LYS C 243 -0.49 -21.95 -35.90
CA LYS C 243 0.08 -23.00 -36.74
C LYS C 243 0.87 -24.00 -35.90
N HIS C 244 1.80 -23.49 -35.07
CA HIS C 244 2.74 -24.31 -34.29
C HIS C 244 2.16 -24.77 -32.97
N GLY C 245 0.89 -24.48 -32.69
CA GLY C 245 0.26 -24.88 -31.45
C GLY C 245 0.96 -24.34 -30.22
N GLN C 246 1.44 -23.10 -30.27
CA GLN C 246 2.11 -22.49 -29.14
C GLN C 246 1.32 -21.29 -28.60
N LYS C 247 1.59 -20.96 -27.34
CA LYS C 247 1.04 -19.80 -26.62
C LYS C 247 1.97 -18.60 -26.73
N GLY C 248 1.37 -17.39 -26.69
CA GLY C 248 2.09 -16.16 -26.93
C GLY C 248 1.94 -15.12 -25.82
N PHE C 249 2.79 -14.10 -25.90
CA PHE C 249 2.87 -13.01 -24.92
C PHE C 249 3.47 -11.85 -25.68
N LEU C 250 2.80 -10.70 -25.65
CA LEU C 250 3.33 -9.50 -26.28
C LEU C 250 4.05 -8.69 -25.20
N GLY C 251 5.32 -9.04 -24.98
CA GLY C 251 6.05 -8.53 -23.81
C GLY C 251 6.35 -7.04 -23.78
N GLU C 252 6.31 -6.36 -24.91
CA GLU C 252 6.44 -4.92 -24.89
C GLU C 252 5.64 -4.34 -26.05
N TYR C 253 5.08 -3.17 -25.83
CA TYR C 253 4.43 -2.29 -26.80
C TYR C 253 4.35 -1.00 -25.98
N GLY C 254 4.25 0.14 -26.66
CA GLY C 254 4.17 1.41 -25.97
C GLY C 254 3.90 2.54 -26.94
N ILE C 255 3.43 3.67 -26.41
CA ILE C 255 3.12 4.82 -27.26
C ILE C 255 3.47 6.12 -26.54
N PRO C 256 3.91 7.12 -27.30
CA PRO C 256 4.09 8.45 -26.71
C PRO C 256 2.78 9.11 -26.37
N ASP C 257 2.76 9.86 -25.27
CA ASP C 257 1.56 10.59 -24.87
C ASP C 257 1.13 11.69 -25.86
N ASP C 258 1.88 11.96 -26.94
CA ASP C 258 1.67 13.14 -27.78
C ASP C 258 1.36 12.77 -29.22
N LEU C 259 1.00 11.51 -29.48
CA LEU C 259 0.55 11.10 -30.80
C LEU C 259 -0.86 10.52 -30.75
N PRO C 260 -1.89 11.33 -31.03
CA PRO C 260 -3.27 10.80 -31.02
C PRO C 260 -3.42 9.55 -31.86
N GLU C 261 -2.66 9.45 -32.95
CA GLU C 261 -2.76 8.30 -33.84
C GLU C 261 -2.27 7.02 -33.18
N ALA C 262 -1.34 7.13 -32.25
CA ALA C 262 -0.85 5.95 -31.57
C ALA C 262 -1.87 5.39 -30.59
N ALA C 263 -2.71 6.27 -30.02
CA ALA C 263 -3.72 5.85 -29.04
C ALA C 263 -4.76 4.91 -29.69
N GLN C 264 -5.27 5.29 -30.86
CA GLN C 264 -6.15 4.40 -31.61
CA GLN C 264 -6.15 4.40 -31.59
C GLN C 264 -5.46 3.08 -31.89
N ALA C 265 -4.22 3.13 -32.36
CA ALA C 265 -3.49 1.91 -32.66
C ALA C 265 -3.40 0.99 -31.43
N MET C 266 -3.15 1.57 -30.26
CA MET C 266 -3.02 0.77 -29.06
C MET C 266 -4.36 0.14 -28.70
N ASP C 267 -5.46 0.90 -28.89
CA ASP C 267 -6.80 0.39 -28.59
C ASP C 267 -7.10 -0.84 -29.42
N ASN C 268 -6.85 -0.74 -30.72
CA ASN C 268 -7.14 -1.84 -31.64
C ASN C 268 -6.21 -3.02 -31.39
N LEU C 269 -4.96 -2.74 -30.99
CA LEU C 269 -4.04 -3.83 -30.68
C LEU C 269 -4.55 -4.65 -29.51
N LEU C 270 -4.88 -3.98 -28.39
CA LEU C 270 -5.32 -4.67 -27.19
C LEU C 270 -6.64 -5.41 -27.41
N ALA C 271 -7.53 -4.84 -28.21
CA ALA C 271 -8.75 -5.55 -28.59
C ALA C 271 -8.42 -6.85 -29.32
N TYR C 272 -7.50 -6.78 -30.26
CA TYR C 272 -7.11 -7.95 -31.02
C TYR C 272 -6.46 -8.99 -30.11
N LEU C 273 -5.61 -8.55 -29.18
CA LEU C 273 -4.96 -9.47 -28.26
C LEU C 273 -5.98 -10.14 -27.33
N ASN C 274 -6.99 -9.38 -26.89
CA ASN C 274 -8.08 -9.97 -26.11
C ASN C 274 -8.81 -11.04 -26.90
N ASP C 275 -9.08 -10.78 -28.18
CA ASP C 275 -9.82 -11.77 -28.97
C ASP C 275 -9.05 -13.08 -29.10
N ASN C 276 -7.76 -13.06 -28.81
CA ASN C 276 -6.88 -14.22 -28.92
C ASN C 276 -6.37 -14.62 -27.57
N CYS C 277 -6.85 -13.96 -26.55
CA CYS C 277 -6.48 -14.36 -25.22
C CYS C 277 -4.96 -14.37 -25.05
N VAL C 278 -4.29 -13.35 -25.61
CA VAL C 278 -2.83 -13.20 -25.58
C VAL C 278 -2.47 -12.06 -24.64
N PRO C 279 -1.65 -12.32 -23.61
CA PRO C 279 -1.26 -11.26 -22.67
C PRO C 279 -0.26 -10.31 -23.29
N SER C 280 0.00 -9.23 -22.56
CA SER C 280 0.87 -8.17 -23.02
C SER C 280 1.50 -7.45 -21.82
N ALA C 281 2.54 -6.66 -22.08
CA ALA C 281 3.16 -5.84 -21.05
C ALA C 281 3.58 -4.47 -21.61
N TYR C 282 2.97 -3.43 -21.07
CA TYR C 282 3.17 -2.10 -21.60
C TYR C 282 4.55 -1.61 -21.21
N TRP C 283 5.24 -0.90 -22.13
CA TRP C 283 6.54 -0.30 -21.85
C TRP C 283 6.40 1.21 -21.79
N ALA C 284 6.59 1.80 -20.60
CA ALA C 284 6.92 1.14 -19.33
C ALA C 284 6.45 2.06 -18.20
N GLY C 285 6.41 1.54 -16.97
CA GLY C 285 6.27 2.39 -15.80
C GLY C 285 7.34 2.11 -14.75
N GLY C 286 7.07 2.51 -13.53
CA GLY C 286 8.02 2.36 -12.47
C GLY C 286 8.75 3.66 -12.24
N PRO C 287 9.81 3.63 -11.44
CA PRO C 287 10.55 4.86 -11.14
C PRO C 287 11.57 5.20 -12.22
N GLY C 288 11.99 6.45 -12.22
CA GLY C 288 13.14 6.82 -13.00
C GLY C 288 12.89 7.21 -14.45
N TRP C 289 11.64 7.29 -14.88
CA TRP C 289 11.37 7.66 -16.25
C TRP C 289 11.34 9.17 -16.50
N GLY C 290 11.09 9.99 -15.49
CA GLY C 290 10.99 11.43 -15.74
C GLY C 290 9.84 11.73 -16.68
N THR C 291 10.13 12.52 -17.72
CA THR C 291 9.16 12.98 -18.71
C THR C 291 9.11 12.08 -19.94
N TYR C 292 9.65 10.86 -19.85
CA TYR C 292 9.60 9.92 -20.97
C TYR C 292 8.19 9.84 -21.53
N LYS C 293 8.05 10.17 -22.82
CA LYS C 293 6.71 10.26 -23.41
CA LYS C 293 6.71 10.27 -23.40
C LYS C 293 5.98 8.93 -23.38
N LEU C 294 6.73 7.81 -23.39
CA LEU C 294 6.07 6.52 -23.38
C LEU C 294 5.65 6.08 -21.98
N ALA C 295 6.20 6.72 -20.94
CA ALA C 295 6.03 6.20 -19.58
C ALA C 295 4.56 6.26 -19.18
N ILE C 296 4.09 5.21 -18.50
CA ILE C 296 2.74 5.19 -17.94
C ILE C 296 2.72 5.49 -16.42
N GLU C 297 3.89 5.78 -15.81
CA GLU C 297 3.94 6.11 -14.38
C GLU C 297 3.20 7.41 -14.09
N PRO C 298 2.32 7.44 -13.08
CA PRO C 298 1.60 8.68 -12.78
C PRO C 298 2.55 9.83 -12.50
N ARG C 299 2.00 11.05 -12.60
CA ARG C 299 2.67 12.29 -12.23
C ARG C 299 1.64 13.14 -11.47
N ASN C 300 1.80 13.17 -10.12
CA ASN C 300 1.06 14.01 -9.17
C ASN C 300 -0.29 13.40 -8.84
N GLY C 301 -0.41 12.09 -8.95
CA GLY C 301 -1.69 11.49 -8.61
C GLY C 301 -2.72 11.62 -9.70
N LYS C 302 -2.29 11.93 -10.92
CA LYS C 302 -3.14 11.96 -12.11
C LYS C 302 -2.65 10.85 -13.07
N ASP C 303 -3.56 9.96 -13.45
CA ASP C 303 -3.21 8.84 -14.32
C ASP C 303 -2.79 9.35 -15.68
N ARG C 304 -1.85 8.65 -16.30
CA ARG C 304 -1.36 8.98 -17.63
C ARG C 304 -2.40 8.56 -18.66
N PRO C 305 -2.40 9.22 -19.83
CA PRO C 305 -3.41 8.88 -20.85
C PRO C 305 -3.36 7.43 -21.27
N GLN C 306 -2.17 6.81 -21.33
CA GLN C 306 -2.06 5.41 -21.74
C GLN C 306 -2.61 4.44 -20.70
N MET C 307 -2.79 4.89 -19.45
CA MET C 307 -3.44 4.06 -18.44
C MET C 307 -4.93 3.94 -18.70
N GLU C 308 -5.58 5.05 -19.11
CA GLU C 308 -6.99 5.00 -19.50
C GLU C 308 -7.21 4.08 -20.69
N LEU C 309 -6.24 4.04 -21.62
CA LEU C 309 -6.37 3.18 -22.79
C LEU C 309 -6.23 1.70 -22.44
N MET C 310 -5.23 1.32 -21.63
CA MET C 310 -5.12 -0.08 -21.25
C MET C 310 -6.27 -0.52 -20.33
N ARG C 311 -6.80 0.39 -19.51
CA ARG C 311 -7.90 0.03 -18.60
CA ARG C 311 -7.89 0.01 -18.61
C ARG C 311 -9.14 -0.40 -19.37
N LYS C 312 -9.37 0.20 -20.54
CA LYS C 312 -10.56 -0.16 -21.33
C LYS C 312 -10.52 -1.63 -21.73
N HIS C 313 -9.34 -2.27 -21.69
CA HIS C 313 -9.14 -3.59 -22.27
C HIS C 313 -8.84 -4.69 -21.24
N LEU C 314 -9.00 -4.39 -19.94
CA LEU C 314 -8.57 -5.32 -18.91
C LEU C 314 -9.56 -6.47 -18.73
N ALA C 315 -10.85 -6.24 -19.00
CA ALA C 315 -11.82 -7.31 -18.81
C ALA C 315 -11.78 -8.33 -19.94
N ASN C 316 -11.84 -9.61 -19.56
CA ASN C 316 -12.05 -10.68 -20.52
C ASN C 316 -12.69 -11.90 -19.88
N ASP C 317 -13.08 -12.84 -20.72
CA ASP C 317 -13.65 -14.12 -20.29
C ASP C 317 -12.69 -15.26 -20.55
N CYS C 318 -11.41 -14.97 -20.74
CA CYS C 318 -10.45 -16.01 -21.11
C CYS C 318 -10.30 -16.99 -19.96
N THR C 319 -9.99 -18.23 -20.30
CA THR C 319 -9.72 -19.29 -19.34
C THR C 319 -8.33 -19.88 -19.51
N ALA C 320 -7.65 -19.58 -20.62
CA ALA C 320 -6.34 -20.09 -20.93
C ALA C 320 -5.64 -19.08 -21.82
N ILE C 321 -4.31 -19.06 -21.70
CA ILE C 321 -3.47 -18.21 -22.53
C ILE C 321 -3.53 -18.74 -23.95
N GLY C 322 -3.77 -17.84 -24.91
CA GLY C 322 -3.93 -18.24 -26.29
C GLY C 322 -2.67 -17.96 -27.10
N PRO C 323 -2.81 -17.87 -28.43
CA PRO C 323 -4.04 -17.98 -29.24
C PRO C 323 -4.62 -19.41 -29.34
N THR C 324 -5.87 -19.58 -29.82
CA THR C 324 -6.44 -20.92 -29.83
C THR C 324 -5.79 -21.71 -30.96
N PRO C 325 -5.33 -22.92 -30.69
CA PRO C 325 -4.47 -23.64 -31.65
C PRO C 325 -5.22 -24.20 -32.86
N ALA D 1 28.48 20.28 -8.22
CA ALA D 1 29.35 20.68 -7.06
C ALA D 1 29.09 22.14 -6.67
N ASP D 2 28.51 22.32 -5.49
CA ASP D 2 28.28 23.68 -4.99
CA ASP D 2 28.18 23.64 -4.96
C ASP D 2 28.54 23.76 -3.48
N TRP D 3 29.28 22.80 -2.90
CA TRP D 3 29.60 22.87 -1.48
C TRP D 3 30.46 24.11 -1.22
N PRO D 4 30.21 24.86 -0.15
CA PRO D 4 31.10 25.97 0.17
C PRO D 4 32.56 25.52 0.34
N VAL D 5 33.48 26.40 -0.01
CA VAL D 5 34.89 26.07 0.12
C VAL D 5 35.53 27.05 1.09
N ASN D 6 36.73 26.70 1.58
CA ASN D 6 37.56 27.58 2.40
C ASN D 6 38.48 28.40 1.48
N ASP D 7 38.93 29.56 1.98
CA ASP D 7 39.78 30.43 1.16
C ASP D 7 41.07 29.74 0.70
N GLU D 8 41.77 29.11 1.63
CA GLU D 8 43.08 28.54 1.37
C GLU D 8 43.01 27.18 0.69
N GLY D 9 41.81 26.67 0.44
CA GLY D 9 41.62 25.33 -0.08
C GLY D 9 40.73 24.51 0.84
N GLY D 10 40.37 23.34 0.34
CA GLY D 10 39.52 22.44 1.08
C GLY D 10 38.07 22.88 1.02
N LEU D 11 37.25 22.17 1.78
CA LEU D 11 35.82 22.44 1.86
C LEU D 11 35.44 23.07 3.19
N ALA D 12 34.29 23.76 3.20
CA ALA D 12 33.73 24.33 4.41
C ALA D 12 32.90 23.20 5.00
N LEU D 13 33.56 22.34 5.78
CA LEU D 13 32.94 21.12 6.29
C LEU D 13 32.16 21.34 7.59
N HIS D 14 32.66 22.16 8.50
CA HIS D 14 32.07 22.29 9.83
C HIS D 14 31.39 23.64 10.01
N GLY D 15 30.07 23.61 10.11
CA GLY D 15 29.24 24.76 10.23
C GLY D 15 28.43 24.75 11.51
N VAL D 16 27.31 25.46 11.49
CA VAL D 16 26.54 25.71 12.70
CA VAL D 16 26.55 25.72 12.70
C VAL D 16 25.06 25.70 12.37
N ASN D 17 24.26 25.15 13.28
CA ASN D 17 22.81 25.30 13.29
C ASN D 17 22.47 26.68 13.87
N ILE D 18 21.59 27.42 13.19
CA ILE D 18 21.24 28.80 13.56
C ILE D 18 19.74 28.89 13.88
N SER D 19 19.44 29.45 15.05
CA SER D 19 18.09 29.63 15.55
C SER D 19 17.39 30.84 14.89
N GLY D 20 16.11 31.02 15.16
CA GLY D 20 15.27 30.10 15.91
C GLY D 20 13.85 30.06 15.35
N ALA D 21 13.78 29.81 14.03
CA ALA D 21 12.49 29.76 13.35
C ALA D 21 11.67 28.56 13.77
N GLY D 22 12.29 27.53 14.37
CA GLY D 22 11.58 26.37 14.86
C GLY D 22 11.26 26.40 16.35
N PHE D 23 11.54 27.51 17.03
CA PHE D 23 11.32 27.63 18.46
C PHE D 23 9.83 27.56 18.78
N ALA D 24 9.54 27.10 19.99
CA ALA D 24 8.19 27.00 20.49
C ALA D 24 7.20 26.37 19.48
N PRO D 25 7.48 25.17 18.99
CA PRO D 25 6.65 24.55 17.94
C PRO D 25 5.25 24.18 18.39
N HIS D 26 4.97 24.21 19.70
CA HIS D 26 3.62 24.03 20.20
C HIS D 26 2.76 25.26 19.93
N ILE D 27 3.35 26.39 19.60
CA ILE D 27 2.62 27.63 19.43
C ILE D 27 2.69 27.97 17.95
N THR D 28 1.64 27.59 17.20
CA THR D 28 1.53 27.87 15.77
C THR D 28 0.32 28.74 15.49
N PRO D 29 0.44 29.77 14.68
CA PRO D 29 1.70 30.19 14.05
C PRO D 29 2.79 30.83 14.95
N GLY D 30 2.38 31.32 16.11
CA GLY D 30 3.29 32.07 16.95
C GLY D 30 3.57 33.43 16.35
N LYS D 31 4.27 34.28 17.10
CA LYS D 31 4.68 35.59 16.60
C LYS D 31 6.20 35.69 16.50
N ASN D 32 6.70 36.16 15.36
CA ASN D 32 8.13 36.44 15.22
C ASN D 32 8.51 37.54 16.18
N GLY D 33 9.61 37.32 16.93
CA GLY D 33 10.04 38.18 18.00
C GLY D 33 9.49 37.83 19.37
N THR D 34 8.43 37.01 19.43
CA THR D 34 7.90 36.53 20.71
C THR D 34 8.20 35.06 20.91
N HIS D 35 7.60 34.19 20.10
CA HIS D 35 7.73 32.77 20.29
C HIS D 35 8.84 32.14 19.46
N TYR D 36 9.18 32.75 18.32
CA TYR D 36 10.27 32.27 17.48
C TYR D 36 11.01 33.47 16.95
N PHE D 37 12.19 33.22 16.38
CA PHE D 37 13.08 34.32 16.03
C PHE D 37 13.83 34.00 14.74
N TYR D 38 14.23 35.06 14.04
CA TYR D 38 15.00 34.90 12.84
C TYR D 38 16.34 35.62 12.98
N PRO D 39 17.41 35.05 12.42
CA PRO D 39 18.74 35.66 12.57
C PRO D 39 18.84 36.99 11.85
N GLU D 40 19.89 37.73 12.22
CA GLU D 40 20.22 39.02 11.64
C GLU D 40 21.62 38.96 11.04
N LYS D 41 22.02 40.05 10.40
CA LYS D 41 23.34 40.15 9.82
CA LYS D 41 23.34 40.15 9.82
C LYS D 41 24.43 39.79 10.82
N LYS D 42 24.29 40.23 12.07
CA LYS D 42 25.35 40.03 13.05
C LYS D 42 25.70 38.55 13.15
N HIS D 43 24.69 37.68 13.10
CA HIS D 43 24.92 36.25 13.27
C HIS D 43 25.74 35.70 12.12
N PHE D 44 25.31 35.93 10.88
CA PHE D 44 26.06 35.41 9.73
C PHE D 44 27.44 36.04 9.64
N LYS D 45 27.55 37.32 9.96
CA LYS D 45 28.85 37.96 9.90
C LYS D 45 29.82 37.34 10.88
N TYR D 46 29.42 37.20 12.13
CA TYR D 46 30.27 36.60 13.14
C TYR D 46 30.83 35.25 12.67
N TYR D 47 29.95 34.31 12.30
CA TYR D 47 30.40 32.98 11.91
C TYR D 47 31.27 33.03 10.67
N ALA D 48 30.92 33.89 9.74
CA ALA D 48 31.82 34.21 8.64
C ALA D 48 33.20 34.65 9.16
N ASP D 49 33.19 35.65 10.05
CA ASP D 49 34.43 36.16 10.62
C ASP D 49 35.27 35.05 11.23
N GLN D 50 34.63 33.97 11.67
CA GLN D 50 35.34 32.88 12.31
C GLN D 50 35.82 31.84 11.33
N GLY D 51 35.50 31.98 10.02
CA GLY D 51 35.89 31.01 9.00
C GLY D 51 34.80 30.04 8.56
N ILE D 52 33.58 30.21 9.03
CA ILE D 52 32.53 29.19 8.88
C ILE D 52 31.61 29.61 7.76
N ARG D 53 31.46 28.77 6.75
CA ARG D 53 30.60 29.10 5.63
C ARG D 53 29.46 28.13 5.40
N LEU D 54 29.23 27.20 6.33
CA LEU D 54 28.13 26.26 6.29
C LEU D 54 27.16 26.61 7.42
N ILE D 55 25.86 26.71 7.08
CA ILE D 55 24.77 26.97 8.02
C ILE D 55 23.69 25.93 7.79
N ARG D 56 23.11 25.42 8.87
CA ARG D 56 21.86 24.68 8.85
C ARG D 56 20.79 25.52 9.53
N PHE D 57 19.64 25.64 8.89
CA PHE D 57 18.61 26.54 9.39
C PHE D 57 17.26 25.88 9.57
N PRO D 58 16.93 25.50 10.79
CA PRO D 58 15.61 24.94 11.08
C PRO D 58 14.49 25.95 10.81
N PHE D 59 13.42 25.46 10.18
CA PHE D 59 12.10 26.10 10.17
C PHE D 59 11.09 24.97 10.33
N ILE D 60 9.82 25.32 10.60
CA ILE D 60 8.77 24.31 10.71
C ILE D 60 7.68 24.50 9.64
N TRP D 61 7.21 23.37 9.10
CA TRP D 61 6.17 23.39 8.08
C TRP D 61 4.97 24.18 8.54
N GLU D 62 4.60 24.05 9.81
CA GLU D 62 3.43 24.71 10.31
C GLU D 62 3.46 26.22 10.13
N ARG D 63 4.64 26.82 10.04
CA ARG D 63 4.78 28.26 9.85
C ARG D 63 4.94 28.66 8.39
N VAL D 64 5.22 27.69 7.52
CA VAL D 64 5.22 27.93 6.09
C VAL D 64 3.87 27.60 5.45
N GLN D 65 3.09 26.74 6.08
CA GLN D 65 1.80 26.33 5.56
C GLN D 65 0.92 26.09 6.79
N HIS D 66 0.06 27.05 7.11
CA HIS D 66 -0.74 26.96 8.32
C HIS D 66 -1.70 25.78 8.26
N SER D 67 -2.22 25.47 7.09
CA SER D 67 -3.22 24.43 6.91
C SER D 67 -3.04 23.75 5.56
N LEU D 68 -3.32 22.45 5.54
CA LEU D 68 -3.19 21.77 4.26
C LEU D 68 -4.24 22.22 3.26
N ASP D 69 -5.27 22.92 3.73
CA ASP D 69 -6.35 23.40 2.87
CA ASP D 69 -6.34 23.37 2.84
C ASP D 69 -6.03 24.70 2.15
N SER D 70 -4.80 25.18 2.22
CA SER D 70 -4.50 26.46 1.61
C SER D 70 -2.99 26.54 1.33
N GLY D 71 -2.57 27.66 0.76
CA GLY D 71 -1.23 27.82 0.26
C GLY D 71 -0.26 28.18 1.36
N LEU D 72 0.91 28.65 0.93
CA LEU D 72 2.02 28.95 1.81
C LEU D 72 1.90 30.36 2.37
N ASN D 73 2.60 30.59 3.48
CA ASN D 73 2.60 31.86 4.17
C ASN D 73 3.69 32.77 3.59
N PHE D 74 3.26 33.85 2.93
CA PHE D 74 4.15 34.77 2.24
C PHE D 74 5.16 35.33 3.21
N ASP D 75 4.71 35.74 4.37
CA ASP D 75 5.65 36.37 5.30
C ASP D 75 6.76 35.40 5.69
N GLN D 76 6.41 34.14 5.94
CA GLN D 76 7.42 33.19 6.40
C GLN D 76 8.42 32.90 5.29
N ILE D 77 7.93 32.74 4.06
CA ILE D 77 8.82 32.56 2.91
C ILE D 77 9.70 33.77 2.73
N ARG D 78 9.15 34.98 2.98
CA ARG D 78 9.96 36.20 2.99
C ARG D 78 11.11 36.12 4.02
N LEU D 79 10.79 35.70 5.22
CA LEU D 79 11.82 35.59 6.24
C LEU D 79 12.88 34.57 5.83
N LEU D 80 12.47 33.48 5.20
CA LEU D 80 13.44 32.48 4.76
C LEU D 80 14.31 33.04 3.64
N LYS D 81 13.71 33.77 2.69
CA LYS D 81 14.51 34.35 1.61
C LYS D 81 15.60 35.24 2.18
N LYS D 82 15.22 36.11 3.12
CA LYS D 82 16.16 37.05 3.73
C LYS D 82 17.25 36.29 4.47
N THR D 83 16.92 35.17 5.12
CA THR D 83 17.95 34.30 5.69
C THR D 83 18.93 33.84 4.59
N LEU D 84 18.41 33.39 3.44
CA LEU D 84 19.30 32.97 2.36
C LEU D 84 20.11 34.16 1.85
N ASP D 85 19.48 35.32 1.75
CA ASP D 85 20.16 36.55 1.34
C ASP D 85 21.32 36.87 2.25
N LEU D 86 21.07 36.86 3.57
CA LEU D 86 22.11 37.22 4.51
C LEU D 86 23.24 36.22 4.51
N ALA D 87 22.95 34.95 4.28
CA ALA D 87 24.04 33.98 4.11
C ALA D 87 24.87 34.33 2.87
N ALA D 88 24.21 34.60 1.75
CA ALA D 88 24.91 34.91 0.53
C ALA D 88 25.84 36.11 0.72
N GLN D 89 25.35 37.14 1.40
CA GLN D 89 26.13 38.36 1.62
C GLN D 89 27.36 38.16 2.49
N ASN D 90 27.48 37.00 3.14
CA ASN D 90 28.65 36.66 3.94
C ASN D 90 29.35 35.43 3.41
N GLY D 91 29.07 35.06 2.17
CA GLY D 91 29.78 33.97 1.53
C GLY D 91 29.50 32.63 2.14
N GLN D 92 28.30 32.45 2.73
CA GLN D 92 27.87 31.21 3.35
C GLN D 92 26.81 30.53 2.48
N LYS D 93 26.52 29.28 2.80
CA LYS D 93 25.47 28.54 2.12
CA LYS D 93 25.47 28.54 2.12
C LYS D 93 24.64 27.81 3.14
N VAL D 94 23.34 27.76 2.90
CA VAL D 94 22.37 27.29 3.89
C VAL D 94 21.69 25.99 3.47
N ILE D 95 21.55 25.12 4.46
CA ILE D 95 20.78 23.89 4.40
C ILE D 95 19.51 24.21 5.16
N LEU D 96 18.39 24.27 4.43
CA LEU D 96 17.08 24.58 5.01
C LEU D 96 16.49 23.29 5.56
N ASP D 97 16.18 23.28 6.84
CA ASP D 97 15.82 22.09 7.59
C ASP D 97 14.37 22.22 8.03
N MET D 98 13.50 21.44 7.40
CA MET D 98 12.10 21.34 7.84
C MET D 98 12.12 20.54 9.12
N HIS D 99 11.98 21.23 10.25
CA HIS D 99 12.36 20.73 11.57
C HIS D 99 11.17 20.02 12.23
N ASN D 100 10.71 18.95 11.60
CA ASN D 100 9.35 18.52 11.92
C ASN D 100 9.16 17.12 12.50
N TYR D 101 10.20 16.29 12.63
CA TYR D 101 10.14 15.04 13.40
C TYR D 101 9.22 14.00 12.75
N GLY D 102 8.99 14.09 11.42
CA GLY D 102 8.09 13.19 10.74
C GLY D 102 6.61 13.49 10.86
N ARG D 103 6.26 14.67 11.35
CA ARG D 103 4.90 15.03 11.71
C ARG D 103 4.54 16.42 11.18
N TYR D 104 3.22 16.62 11.08
CA TYR D 104 2.64 17.90 10.76
C TYR D 104 1.41 18.07 11.64
N HIS D 105 1.33 19.19 12.36
CA HIS D 105 0.27 19.42 13.33
C HIS D 105 -0.08 18.21 14.20
N GLY D 106 0.93 17.45 14.58
CA GLY D 106 0.73 16.39 15.51
C GLY D 106 0.49 15.02 14.90
N GLU D 107 0.26 14.95 13.61
CA GLU D 107 0.00 13.67 12.95
C GLU D 107 1.15 13.32 12.01
N LEU D 108 1.37 12.01 11.85
CA LEU D 108 2.48 11.50 11.05
C LEU D 108 2.26 11.77 9.58
N ILE D 109 3.32 12.21 8.89
CA ILE D 109 3.33 12.24 7.43
C ILE D 109 3.20 10.81 6.94
N GLY D 110 2.18 10.55 6.14
CA GLY D 110 1.81 9.20 5.77
C GLY D 110 0.47 8.80 6.32
N SER D 111 0.03 9.42 7.41
CA SER D 111 -1.29 9.18 7.95
C SER D 111 -2.36 9.73 7.00
N SER D 112 -3.61 9.44 7.32
CA SER D 112 -4.69 9.93 6.47
CA SER D 112 -4.68 9.94 6.46
C SER D 112 -4.76 11.45 6.53
N LYS D 113 -4.57 12.01 7.71
CA LYS D 113 -4.67 13.47 7.83
C LYS D 113 -3.49 14.17 7.17
N VAL D 114 -2.33 13.53 7.08
CA VAL D 114 -1.18 14.18 6.46
C VAL D 114 -0.60 13.27 5.38
N PRO D 115 -1.27 13.11 4.25
CA PRO D 115 -0.77 12.19 3.22
C PRO D 115 0.54 12.65 2.60
N TYR D 116 1.24 11.68 2.00
CA TYR D 116 2.54 11.95 1.43
C TYR D 116 2.46 13.06 0.39
N GLU D 117 1.33 13.15 -0.32
CA GLU D 117 1.18 14.13 -1.38
C GLU D 117 1.22 15.56 -0.82
N ALA D 118 0.83 15.73 0.44
CA ALA D 118 0.85 17.03 1.09
C ALA D 118 2.27 17.45 1.46
N TYR D 119 3.06 16.48 1.96
CA TYR D 119 4.48 16.67 2.23
C TYR D 119 5.27 16.90 0.94
N ALA D 120 4.98 16.13 -0.11
CA ALA D 120 5.69 16.34 -1.37
C ALA D 120 5.40 17.72 -1.96
N SER D 121 4.14 18.18 -1.89
CA SER D 121 3.76 19.41 -2.59
C SER D 121 4.37 20.64 -1.94
N VAL D 122 4.49 20.62 -0.61
CA VAL D 122 5.09 21.76 0.07
C VAL D 122 6.55 21.88 -0.33
N TRP D 123 7.28 20.75 -0.41
CA TRP D 123 8.69 20.83 -0.76
C TRP D 123 8.91 21.13 -2.22
N ARG D 124 8.06 20.61 -3.11
CA ARG D 124 8.09 21.06 -4.50
C ARG D 124 7.89 22.57 -4.56
N LYS D 125 6.99 23.10 -3.76
CA LYS D 125 6.72 24.54 -3.80
CA LYS D 125 6.72 24.54 -3.80
CA LYS D 125 6.72 24.54 -3.80
C LYS D 125 7.87 25.34 -3.21
N LEU D 126 8.50 24.83 -2.13
CA LEU D 126 9.66 25.51 -1.59
C LEU D 126 10.85 25.46 -2.56
N ALA D 127 11.05 24.33 -3.24
CA ALA D 127 12.11 24.25 -4.21
C ALA D 127 11.87 25.22 -5.36
N GLU D 128 10.59 25.42 -5.70
CA GLU D 128 10.24 26.43 -6.68
C GLU D 128 10.67 27.81 -6.19
N ARG D 129 10.38 28.13 -4.94
CA ARG D 129 10.60 29.50 -4.48
CA ARG D 129 10.60 29.50 -4.44
C ARG D 129 12.08 29.78 -4.21
N PHE D 130 12.89 28.76 -3.92
CA PHE D 130 14.27 29.01 -3.52
C PHE D 130 15.32 28.52 -4.50
N LYS D 131 14.94 27.79 -5.53
CA LYS D 131 15.90 27.29 -6.50
C LYS D 131 16.81 28.39 -6.99
N GLY D 132 18.10 28.08 -7.00
CA GLY D 132 19.09 28.96 -7.60
C GLY D 132 19.55 30.11 -6.75
N HIS D 133 19.12 30.19 -5.51
CA HIS D 133 19.51 31.29 -4.65
C HIS D 133 20.98 31.13 -4.26
N PRO D 134 21.82 32.18 -4.42
CA PRO D 134 23.26 32.04 -4.13
C PRO D 134 23.57 31.53 -2.74
N GLY D 135 22.64 31.71 -1.82
CA GLY D 135 22.91 31.33 -0.45
C GLY D 135 22.40 29.96 -0.06
N LEU D 136 21.90 29.21 -1.03
CA LEU D 136 21.24 27.94 -0.78
C LEU D 136 22.18 26.79 -1.09
N LEU D 137 22.35 25.90 -0.12
CA LEU D 137 23.10 24.66 -0.33
C LEU D 137 22.19 23.47 -0.58
N GLY D 138 21.05 23.38 0.10
CA GLY D 138 20.21 22.23 -0.11
C GLY D 138 19.06 22.17 0.87
N TYR D 139 18.25 21.11 0.69
CA TYR D 139 16.98 20.93 1.41
C TYR D 139 17.11 19.71 2.33
N ASP D 140 17.12 19.96 3.64
CA ASP D 140 17.09 18.93 4.69
C ASP D 140 15.60 18.68 4.94
N ILE D 141 15.05 17.67 4.27
CA ILE D 141 13.60 17.59 4.10
C ILE D 141 12.87 17.20 5.38
N MET D 142 13.58 16.67 6.37
CA MET D 142 12.95 16.40 7.67
C MET D 142 14.01 16.26 8.75
N ASN D 143 13.82 16.96 9.84
CA ASN D 143 14.63 16.75 11.02
C ASN D 143 14.11 15.55 11.78
N GLU D 144 15.02 14.61 12.09
CA GLU D 144 14.79 13.59 13.13
C GLU D 144 13.43 12.91 13.09
N PRO D 145 13.11 12.19 12.02
CA PRO D 145 11.95 11.29 12.08
C PRO D 145 12.18 10.32 13.21
N HIS D 146 11.09 10.02 13.94
CA HIS D 146 11.12 9.06 15.03
C HIS D 146 9.74 8.45 15.18
N SER D 147 9.70 7.15 15.48
CA SER D 147 8.44 6.44 15.70
C SER D 147 7.38 6.76 14.63
N THR D 148 7.77 6.62 13.37
CA THR D 148 6.87 6.87 12.24
C THR D 148 6.17 5.61 11.72
N VAL D 149 6.28 4.50 12.47
CA VAL D 149 5.64 3.24 12.10
C VAL D 149 5.77 2.92 10.62
N GLY D 150 7.00 2.96 10.13
CA GLY D 150 7.35 2.55 8.81
C GLY D 150 7.05 3.55 7.72
N LEU D 151 6.50 4.72 8.08
CA LEU D 151 6.04 5.68 7.08
C LEU D 151 7.12 6.63 6.58
N TRP D 152 8.22 6.84 7.34
CA TRP D 152 9.21 7.83 6.91
C TRP D 152 9.81 7.52 5.53
N PRO D 153 10.25 6.28 5.23
CA PRO D 153 10.99 6.09 3.95
C PRO D 153 10.14 6.47 2.74
N GLY D 154 8.86 6.18 2.79
CA GLY D 154 8.00 6.57 1.67
C GLY D 154 7.81 8.07 1.59
N ALA D 155 7.72 8.74 2.74
CA ALA D 155 7.61 10.20 2.75
C ALA D 155 8.87 10.85 2.18
N ALA D 156 10.04 10.30 2.53
CA ALA D 156 11.32 10.83 2.02
C ALA D 156 11.40 10.74 0.50
N GLN D 157 11.00 9.59 -0.06
CA GLN D 157 11.03 9.42 -1.50
C GLN D 157 10.01 10.31 -2.20
N ALA D 158 8.81 10.45 -1.62
CA ALA D 158 7.81 11.34 -2.18
C ALA D 158 8.34 12.76 -2.27
N ALA D 159 9.00 13.24 -1.21
CA ALA D 159 9.57 14.58 -1.24
C ALA D 159 10.68 14.71 -2.30
N VAL D 160 11.61 13.76 -2.31
CA VAL D 160 12.70 13.81 -3.27
C VAL D 160 12.15 13.83 -4.68
N ASP D 161 11.11 13.05 -4.94
CA ASP D 161 10.59 12.95 -6.31
C ASP D 161 9.97 14.25 -6.76
N ALA D 162 9.27 14.92 -5.85
CA ALA D 162 8.63 16.18 -6.16
C ALA D 162 9.67 17.27 -6.34
N ILE D 163 10.67 17.30 -5.47
CA ILE D 163 11.70 18.33 -5.62
C ILE D 163 12.40 18.21 -6.98
N ARG D 164 12.64 16.98 -7.43
CA ARG D 164 13.38 16.73 -8.67
C ARG D 164 12.56 17.11 -9.88
N GLU D 165 11.23 17.23 -9.72
CA GLU D 165 10.36 17.67 -10.80
C GLU D 165 10.61 19.12 -11.17
N VAL D 166 11.05 19.92 -10.19
CA VAL D 166 11.32 21.33 -10.40
C VAL D 166 12.79 21.70 -10.26
N ASP D 167 13.64 20.81 -9.72
CA ASP D 167 15.00 21.21 -9.34
C ASP D 167 15.86 19.95 -9.37
N ASP D 168 16.62 19.78 -10.45
CA ASP D 168 17.35 18.56 -10.68
C ASP D 168 18.81 18.66 -10.26
N GLN D 169 19.18 19.66 -9.45
CA GLN D 169 20.57 19.71 -8.99
C GLN D 169 20.76 20.03 -7.52
N THR D 170 19.88 20.80 -6.87
CA THR D 170 20.07 21.11 -5.47
C THR D 170 20.24 19.84 -4.65
N LEU D 171 21.22 19.86 -3.75
CA LEU D 171 21.45 18.75 -2.84
C LEU D 171 20.25 18.60 -1.92
N ILE D 172 19.97 17.34 -1.57
CA ILE D 172 18.89 17.00 -0.64
C ILE D 172 19.52 16.15 0.46
N PHE D 173 19.26 16.52 1.72
CA PHE D 173 19.80 15.81 2.88
C PHE D 173 18.71 14.94 3.51
N ILE D 174 19.03 13.64 3.62
CA ILE D 174 18.07 12.60 3.97
C ILE D 174 18.41 12.06 5.35
N GLU D 175 17.52 12.32 6.32
CA GLU D 175 17.69 11.83 7.67
C GLU D 175 16.98 10.48 7.84
N GLY D 176 17.32 9.79 8.94
CA GLY D 176 16.83 8.44 9.19
C GLY D 176 16.00 8.32 10.45
N GLU D 177 15.61 7.07 10.73
CA GLU D 177 14.75 6.82 11.86
C GLU D 177 15.54 6.90 13.17
N ARG D 178 14.80 6.73 14.28
CA ARG D 178 15.34 6.83 15.63
C ARG D 178 16.07 8.15 15.83
N TRP D 179 15.39 9.22 15.46
CA TRP D 179 15.88 10.58 15.59
C TRP D 179 17.16 10.77 14.81
N SER D 180 17.31 10.03 13.72
CA SER D 180 18.50 10.10 12.86
C SER D 180 19.80 9.89 13.63
N SER D 181 19.76 9.02 14.63
CA SER D 181 20.92 8.67 15.41
C SER D 181 21.99 8.11 14.49
N ALA D 182 23.19 8.66 14.61
CA ALA D 182 24.35 8.13 13.94
C ALA D 182 24.66 6.73 14.45
N TYR D 183 24.69 6.57 15.77
CA TYR D 183 25.15 5.30 16.33
C TYR D 183 24.23 4.15 15.95
N HIS D 184 22.92 4.40 15.88
CA HIS D 184 21.93 3.36 15.60
C HIS D 184 21.62 3.23 14.11
N TRP D 185 22.18 4.08 13.27
CA TRP D 185 21.82 4.15 11.87
C TRP D 185 21.84 2.80 11.16
N PRO D 186 22.93 2.04 11.21
CA PRO D 186 22.96 0.80 10.43
C PRO D 186 21.87 -0.14 10.85
N LEU D 187 21.44 -0.08 12.13
CA LEU D 187 20.43 -1.01 12.65
C LEU D 187 19.01 -0.57 12.31
N VAL D 188 18.69 0.73 12.38
CA VAL D 188 17.33 1.19 12.06
C VAL D 188 17.13 1.61 10.61
N ASN D 189 18.21 1.76 9.85
CA ASN D 189 18.14 2.09 8.44
C ASN D 189 18.98 1.14 7.56
N ALA D 190 19.02 -0.14 7.89
CA ALA D 190 19.97 -1.04 7.25
C ALA D 190 19.84 -1.03 5.74
N ASN D 191 18.63 -1.20 5.21
CA ASN D 191 18.35 -1.27 3.77
C ASN D 191 17.58 -0.04 3.28
N PHE D 192 17.87 1.12 3.88
CA PHE D 192 17.27 2.42 3.57
C PHE D 192 18.03 3.05 2.40
N LEU D 193 17.31 3.36 1.34
CA LEU D 193 17.95 3.93 0.16
C LEU D 193 16.93 4.71 -0.66
N ILE D 194 17.28 5.95 -0.95
CA ILE D 194 16.43 6.86 -1.70
C ILE D 194 16.94 6.88 -3.15
N ASN D 195 16.01 6.79 -4.08
CA ASN D 195 16.34 6.89 -5.49
C ASN D 195 16.43 8.35 -5.86
N ASP D 196 17.49 8.72 -6.57
CA ASP D 196 17.71 10.08 -7.02
C ASP D 196 18.62 10.00 -8.26
N PRO D 197 18.05 10.16 -9.45
CA PRO D 197 18.90 10.12 -10.67
C PRO D 197 19.90 11.25 -10.74
N ALA D 198 19.68 12.37 -10.04
CA ALA D 198 20.62 13.49 -10.10
C ALA D 198 21.93 13.21 -9.35
N ASP D 199 21.98 12.12 -8.54
CA ASP D 199 23.13 11.76 -7.68
C ASP D 199 23.45 12.94 -6.78
N ARG D 200 22.42 13.59 -6.26
CA ARG D 200 22.63 14.79 -5.46
C ARG D 200 22.01 14.64 -4.09
N LEU D 201 22.26 13.52 -3.46
CA LEU D 201 21.72 13.24 -2.13
C LEU D 201 22.86 13.09 -1.14
N ILE D 202 22.56 13.41 0.12
CA ILE D 202 23.49 13.33 1.23
C ILE D 202 22.70 12.86 2.44
N TYR D 203 23.13 11.79 3.07
CA TYR D 203 22.45 11.27 4.24
C TYR D 203 22.99 11.96 5.48
N GLU D 204 22.09 12.23 6.43
CA GLU D 204 22.40 13.07 7.58
C GLU D 204 21.98 12.38 8.87
N ALA D 205 22.94 12.26 9.81
CA ALA D 205 22.71 11.70 11.14
C ALA D 205 23.08 12.73 12.20
N HIS D 206 22.57 12.49 13.39
CA HIS D 206 22.78 13.37 14.53
C HIS D 206 23.47 12.59 15.66
N LEU D 207 24.31 13.28 16.42
CA LEU D 207 25.19 12.59 17.36
C LEU D 207 25.47 13.47 18.56
N TYR D 208 25.01 13.02 19.72
CA TYR D 208 25.32 13.60 21.01
C TYR D 208 26.08 12.57 21.86
N PHE D 209 26.73 13.08 22.92
CA PHE D 209 27.69 12.33 23.71
C PHE D 209 27.13 11.85 25.06
N ASP D 210 25.89 12.21 25.39
CA ASP D 210 25.36 11.83 26.69
C ASP D 210 24.83 10.40 26.63
N ASP D 211 24.59 9.82 27.80
CA ASP D 211 24.41 8.39 27.92
C ASP D 211 23.20 7.95 27.14
N ASP D 212 22.19 8.83 27.08
CA ASP D 212 20.90 8.47 26.54
C ASP D 212 20.78 8.89 25.09
N PHE D 213 21.86 9.39 24.50
CA PHE D 213 21.97 9.78 23.08
C PHE D 213 21.21 11.07 22.76
N SER D 214 20.58 11.69 23.75
CA SER D 214 19.56 12.70 23.50
C SER D 214 20.10 14.11 23.29
N GLY D 215 21.32 14.40 23.75
CA GLY D 215 21.83 15.75 23.70
C GLY D 215 21.28 16.70 24.74
N LYS D 216 20.57 16.20 25.74
CA LYS D 216 20.05 17.07 26.81
C LYS D 216 21.13 17.33 27.87
N TYR D 217 22.07 16.41 28.00
CA TYR D 217 23.14 16.49 28.98
C TYR D 217 22.63 16.70 30.41
N MET D 218 21.64 15.91 30.76
CA MET D 218 21.24 15.87 32.16
C MET D 218 22.43 15.42 32.99
N ALA D 219 22.52 15.93 34.23
CA ALA D 219 23.61 15.54 35.12
C ALA D 219 23.76 14.03 35.20
N GLN D 220 22.63 13.32 35.31
CA GLN D 220 22.66 11.88 35.56
C GLN D 220 23.24 11.11 34.39
N THR D 221 23.11 11.66 33.18
CA THR D 221 23.49 10.99 31.94
C THR D 221 24.63 11.71 31.24
N SER D 222 25.45 12.47 31.96
CA SER D 222 26.53 13.25 31.35
C SER D 222 27.86 13.07 32.08
N ARG D 223 27.94 12.11 32.99
CA ARG D 223 29.10 11.94 33.86
C ARG D 223 30.16 11.10 33.16
N ASN D 224 31.42 11.57 33.25
CA ASN D 224 32.62 10.80 32.89
C ASN D 224 32.66 10.43 31.41
N ILE D 225 32.36 11.41 30.55
CA ILE D 225 32.31 11.16 29.12
C ILE D 225 33.66 10.68 28.61
N ASP D 226 33.63 9.67 27.73
CA ASP D 226 34.85 9.07 27.20
C ASP D 226 35.34 9.88 26.02
N PRO D 227 36.63 10.23 25.96
CA PRO D 227 37.10 11.15 24.89
C PRO D 227 36.87 10.63 23.47
N MET D 228 36.51 9.37 23.28
CA MET D 228 36.22 8.83 21.95
C MET D 228 34.74 8.45 21.77
N ILE D 229 33.85 8.98 22.61
CA ILE D 229 32.44 8.65 22.49
C ILE D 229 31.88 9.15 21.15
N GLY D 230 32.33 10.31 20.70
CA GLY D 230 31.83 10.83 19.44
C GLY D 230 32.30 10.01 18.25
N VAL D 231 33.59 9.76 18.17
CA VAL D 231 34.12 8.87 17.12
C VAL D 231 33.43 7.51 17.15
N GLU D 232 33.22 6.94 18.34
CA GLU D 232 32.61 5.62 18.44
C GLU D 232 31.16 5.63 17.97
N ARG D 233 30.44 6.73 18.22
CA ARG D 233 29.05 6.81 17.81
C ARG D 233 28.88 7.29 16.38
N ALA D 234 29.92 7.88 15.78
CA ALA D 234 29.92 8.27 14.38
C ALA D 234 30.34 7.14 13.44
N ARG D 235 31.21 6.24 13.90
CA ARG D 235 31.73 5.19 13.03
C ARG D 235 30.63 4.32 12.46
N PRO D 236 29.58 3.91 13.21
CA PRO D 236 28.52 3.09 12.55
C PRO D 236 27.89 3.74 11.32
N PHE D 237 27.65 5.05 11.35
CA PHE D 237 27.13 5.77 10.21
C PHE D 237 28.15 5.83 9.09
N ILE D 238 29.41 6.17 9.41
CA ILE D 238 30.42 6.33 8.35
C ILE D 238 30.61 5.01 7.62
N GLU D 239 30.56 3.89 8.35
CA GLU D 239 30.77 2.58 7.75
C GLU D 239 29.55 2.10 6.94
N TRP D 240 28.35 2.50 7.30
CA TRP D 240 27.20 2.23 6.45
C TRP D 240 27.30 3.03 5.17
N LEU D 241 27.66 4.32 5.28
CA LEU D 241 27.84 5.18 4.12
C LEU D 241 28.92 4.65 3.19
N GLN D 242 30.03 4.16 3.75
CA GLN D 242 31.08 3.56 2.91
C GLN D 242 30.57 2.32 2.20
N LYS D 243 29.91 1.43 2.94
CA LYS D 243 29.40 0.21 2.33
CA LYS D 243 29.39 0.21 2.35
C LYS D 243 28.47 0.52 1.18
N HIS D 244 27.58 1.50 1.34
CA HIS D 244 26.59 1.84 0.33
C HIS D 244 27.05 2.92 -0.62
N GLY D 245 28.30 3.37 -0.50
CA GLY D 245 28.85 4.33 -1.44
C GLY D 245 28.21 5.69 -1.41
N GLN D 246 27.72 6.09 -0.24
CA GLN D 246 26.95 7.31 -0.10
C GLN D 246 27.73 8.37 0.68
N LYS D 247 27.25 9.61 0.54
CA LYS D 247 27.85 10.79 1.17
C LYS D 247 27.09 11.06 2.46
N GLY D 248 27.75 11.69 3.44
CA GLY D 248 27.17 11.85 4.75
C GLY D 248 27.35 13.25 5.30
N PHE D 249 26.63 13.53 6.39
CA PHE D 249 26.60 14.86 7.03
C PHE D 249 26.14 14.64 8.47
N LEU D 250 26.96 15.08 9.44
CA LEU D 250 26.57 14.99 10.87
C LEU D 250 25.88 16.27 11.25
N GLY D 251 24.58 16.34 11.01
CA GLY D 251 23.90 17.62 10.98
C GLY D 251 23.63 18.24 12.35
N GLU D 252 23.76 17.46 13.41
CA GLU D 252 23.76 18.03 14.74
C GLU D 252 24.70 17.27 15.65
N TYR D 253 25.44 18.02 16.47
CA TYR D 253 26.21 17.55 17.62
C TYR D 253 26.38 18.78 18.51
N GLY D 254 26.63 18.57 19.79
CA GLY D 254 26.79 19.70 20.68
C GLY D 254 27.22 19.26 22.06
N ILE D 255 27.81 20.19 22.79
CA ILE D 255 28.29 19.90 24.13
C ILE D 255 28.00 21.10 25.03
N PRO D 256 27.79 20.81 26.33
CA PRO D 256 27.75 21.93 27.29
C PRO D 256 29.12 22.51 27.59
N ASP D 257 29.14 23.79 27.98
CA ASP D 257 30.38 24.48 28.28
C ASP D 257 30.99 24.04 29.62
N ASP D 258 30.36 23.14 30.38
CA ASP D 258 30.80 22.82 31.74
C ASP D 258 31.21 21.35 31.89
N LEU D 259 31.46 20.66 30.79
CA LEU D 259 32.07 19.33 30.85
C LEU D 259 33.33 19.34 29.96
N PRO D 260 34.52 19.47 30.54
CA PRO D 260 35.74 19.35 29.71
C PRO D 260 35.97 17.95 29.19
N GLU D 261 35.27 16.94 29.68
CA GLU D 261 35.38 15.64 29.03
C GLU D 261 34.78 15.68 27.64
N ALA D 262 33.72 16.46 27.46
CA ALA D 262 33.06 16.57 26.18
C ALA D 262 33.86 17.41 25.21
N ALA D 263 34.65 18.37 25.71
CA ALA D 263 35.59 19.11 24.87
C ALA D 263 36.50 18.18 24.08
N GLN D 264 37.23 17.29 24.78
CA GLN D 264 38.11 16.34 24.10
C GLN D 264 37.34 15.44 23.13
N ALA D 265 36.14 15.01 23.51
CA ALA D 265 35.36 14.13 22.64
C ALA D 265 34.93 14.85 21.38
N MET D 266 34.75 16.18 21.46
CA MET D 266 34.41 16.98 20.30
C MET D 266 35.64 17.18 19.40
N ASP D 267 36.81 17.36 20.01
CA ASP D 267 38.02 17.53 19.22
C ASP D 267 38.31 16.29 18.37
N ASN D 268 38.29 15.11 19.00
CA ASN D 268 38.48 13.85 18.29
C ASN D 268 37.41 13.61 17.25
N LEU D 269 36.17 13.99 17.56
CA LEU D 269 35.09 13.83 16.60
C LEU D 269 35.37 14.65 15.35
N LEU D 270 35.68 15.94 15.51
CA LEU D 270 35.88 16.77 14.32
C LEU D 270 37.12 16.34 13.53
N ALA D 271 38.16 15.84 14.23
CA ALA D 271 39.34 15.26 13.59
C ALA D 271 38.99 13.99 12.83
N TYR D 272 38.19 13.10 13.44
CA TYR D 272 37.71 11.91 12.73
C TYR D 272 36.87 12.28 11.51
N LEU D 273 36.03 13.30 11.62
CA LEU D 273 35.24 13.71 10.48
C LEU D 273 36.11 14.31 9.37
N ASN D 274 37.12 15.11 9.74
CA ASN D 274 38.02 15.67 8.73
C ASN D 274 38.73 14.57 7.97
N ASP D 275 39.15 13.52 8.68
CA ASP D 275 39.83 12.40 8.06
C ASP D 275 38.99 11.73 6.99
N ASN D 276 37.66 11.81 7.12
CA ASN D 276 36.71 11.26 6.15
C ASN D 276 36.01 12.32 5.30
N CYS D 277 36.38 13.58 5.44
CA CYS D 277 35.79 14.66 4.64
C CYS D 277 34.28 14.71 4.79
N VAL D 278 33.82 14.46 6.01
CA VAL D 278 32.40 14.49 6.36
C VAL D 278 32.07 15.82 7.04
N PRO D 279 31.18 16.64 6.47
CA PRO D 279 30.79 17.90 7.14
C PRO D 279 29.89 17.63 8.34
N SER D 280 29.71 18.69 9.13
CA SER D 280 28.96 18.64 10.37
C SER D 280 28.29 19.98 10.62
N ALA D 281 27.38 19.99 11.59
CA ALA D 281 26.74 21.24 12.01
C ALA D 281 26.51 21.23 13.52
N TYR D 282 27.11 22.21 14.20
CA TYR D 282 27.05 22.28 15.66
C TYR D 282 25.71 22.82 16.11
N TRP D 283 25.19 22.29 17.22
CA TRP D 283 23.90 22.72 17.79
C TRP D 283 24.16 23.43 19.12
N ALA D 284 24.04 24.77 19.15
CA ALA D 284 23.61 25.60 18.03
C ALA D 284 24.04 27.04 18.35
N GLY D 285 23.89 27.94 17.38
CA GLY D 285 24.07 29.35 17.64
C GLY D 285 22.82 30.09 17.17
N GLY D 286 22.93 31.41 17.02
CA GLY D 286 21.81 32.22 16.60
C GLY D 286 21.13 32.93 17.75
N PRO D 287 20.02 33.59 17.45
CA PRO D 287 19.32 34.37 18.49
C PRO D 287 18.57 33.52 19.50
N GLY D 288 18.35 34.11 20.67
CA GLY D 288 17.32 33.66 21.60
C GLY D 288 17.68 32.50 22.50
N TRP D 289 18.94 32.12 22.54
CA TRP D 289 19.38 30.97 23.32
C TRP D 289 19.66 31.27 24.80
N GLY D 290 19.56 32.53 25.22
CA GLY D 290 20.04 32.91 26.54
C GLY D 290 21.29 32.20 26.99
N THR D 291 21.21 31.50 28.13
CA THR D 291 22.33 30.80 28.74
C THR D 291 22.33 29.30 28.46
N TYR D 292 21.55 28.85 27.47
CA TYR D 292 21.61 27.48 26.98
C TYR D 292 23.06 27.02 26.96
N LYS D 293 23.36 25.97 27.72
CA LYS D 293 24.75 25.61 27.97
C LYS D 293 25.41 24.99 26.75
N LEU D 294 24.64 24.48 25.80
CA LEU D 294 25.22 23.98 24.58
C LEU D 294 25.49 25.08 23.58
N ALA D 295 24.88 26.25 23.79
CA ALA D 295 24.89 27.31 22.80
C ALA D 295 26.31 27.85 22.52
N ILE D 296 26.59 28.06 21.24
CA ILE D 296 27.87 28.57 20.76
C ILE D 296 27.80 30.05 20.37
N GLU D 297 26.67 30.71 20.61
CA GLU D 297 26.50 32.10 20.29
C GLU D 297 27.27 32.97 21.28
N PRO D 298 28.12 33.88 20.82
CA PRO D 298 28.87 34.71 21.75
C PRO D 298 27.94 35.44 22.71
N ARG D 299 28.45 35.66 23.93
CA ARG D 299 27.85 36.49 24.96
C ARG D 299 28.87 37.56 25.38
N ASN D 300 28.40 38.81 25.48
CA ASN D 300 29.24 39.92 25.89
C ASN D 300 30.28 40.24 24.84
N GLY D 301 30.02 39.80 23.61
CA GLY D 301 31.02 39.81 22.57
C GLY D 301 32.15 38.85 22.88
N LYS D 302 32.01 38.05 23.93
CA LYS D 302 33.01 37.04 24.22
C LYS D 302 32.71 35.74 23.47
N ASP D 303 33.74 35.14 22.91
CA ASP D 303 33.58 33.85 22.27
C ASP D 303 33.22 32.78 23.31
N ARG D 304 32.53 31.75 22.87
CA ARG D 304 32.19 30.59 23.66
C ARG D 304 33.24 29.51 23.50
N PRO D 305 33.36 28.64 24.51
CA PRO D 305 34.46 27.64 24.49
C PRO D 305 34.38 26.66 23.34
N GLN D 306 33.16 26.32 22.90
CA GLN D 306 33.00 25.42 21.76
C GLN D 306 33.46 26.05 20.45
N MET D 307 33.51 27.39 20.36
CA MET D 307 34.02 28.04 19.15
C MET D 307 35.54 27.87 19.03
N GLU D 308 36.26 28.07 20.13
CA GLU D 308 37.69 27.79 20.08
C GLU D 308 37.94 26.37 19.65
N LEU D 309 37.10 25.41 20.03
CA LEU D 309 37.31 24.03 19.60
C LEU D 309 37.04 23.86 18.11
N MET D 310 35.94 24.45 17.63
CA MET D 310 35.60 24.34 16.23
C MET D 310 36.72 24.90 15.36
N ARG D 311 37.29 26.04 15.78
CA ARG D 311 38.25 26.74 14.93
C ARG D 311 39.51 25.95 14.72
N LYS D 312 39.81 25.04 15.65
CA LYS D 312 40.98 24.17 15.54
C LYS D 312 40.87 23.17 14.40
N HIS D 313 39.71 22.98 13.81
CA HIS D 313 39.53 21.89 12.85
C HIS D 313 39.00 22.37 11.52
N LEU D 314 39.01 23.66 11.26
CA LEU D 314 38.33 24.17 10.08
C LEU D 314 39.10 23.90 8.80
N ALA D 315 40.37 23.53 8.91
CA ALA D 315 41.22 23.30 7.73
C ALA D 315 41.25 21.82 7.33
N ASN D 316 41.25 21.60 6.01
CA ASN D 316 41.30 20.30 5.36
C ASN D 316 41.71 20.51 3.92
N ASP D 317 42.14 19.43 3.27
CA ASP D 317 42.39 19.44 1.82
C ASP D 317 41.41 18.54 1.07
N CYS D 318 40.16 18.48 1.54
CA CYS D 318 39.14 17.63 0.92
C CYS D 318 38.68 18.21 -0.41
N THR D 319 38.58 17.36 -1.41
CA THR D 319 38.10 17.81 -2.70
C THR D 319 36.65 17.45 -2.94
N ALA D 320 36.09 16.53 -2.14
CA ALA D 320 34.71 16.10 -2.29
C ALA D 320 34.16 15.66 -0.93
N ILE D 321 32.84 15.78 -0.77
CA ILE D 321 32.23 15.36 0.47
C ILE D 321 32.32 13.84 0.56
N GLY D 322 32.77 13.34 1.71
CA GLY D 322 32.98 11.91 1.92
C GLY D 322 31.82 11.24 2.66
N PRO D 323 32.08 10.09 3.31
CA PRO D 323 33.33 9.33 3.41
C PRO D 323 33.61 8.62 2.07
N THR D 324 34.82 8.07 1.89
CA THR D 324 35.18 7.53 0.58
C THR D 324 34.43 6.23 0.35
N PRO D 325 33.77 6.06 -0.81
CA PRO D 325 33.07 4.79 -1.06
C PRO D 325 34.05 3.63 -0.94
N ALA D 326 33.57 2.55 -0.33
CA ALA D 326 34.30 1.27 -0.37
C ALA D 326 34.57 0.85 -1.80
N GLN D 327 35.73 0.25 -2.04
CA GLN D 327 36.08 -0.18 -3.39
C GLN D 327 35.19 -1.35 -3.83
N ILE D 328 35.04 -1.49 -5.16
CA ILE D 328 34.30 -2.61 -5.75
C ILE D 328 35.29 -3.70 -6.17
N ALA D 329 34.80 -4.95 -6.17
CA ALA D 329 35.58 -6.10 -6.57
C ALA D 329 35.00 -6.69 -7.85
C2 BGC E . -46.72 5.18 -8.69
C3 BGC E . -45.73 6.31 -8.64
C4 BGC E . -46.54 7.44 -9.21
C5 BGC E . -47.85 7.75 -8.40
C6 BGC E . -48.77 8.83 -9.03
C1 BGC E . -47.83 5.41 -7.66
O1 BGC E . -48.72 4.35 -7.46
O2 BGC E . -46.16 3.90 -8.38
O3 BGC E . -44.59 6.21 -9.51
O4 BGC E . -46.02 8.76 -9.31
O5 BGC E . -48.70 6.62 -7.97
O6 BGC E . -47.92 9.85 -9.55
H2 BGC E . -47.03 5.13 -9.61
H3 BGC E . -45.35 6.37 -7.75
H4 BGC E . -46.60 7.07 -10.10
H5 BGC E . -47.45 8.13 -7.59
H61 BGC E . -49.28 8.43 -9.75
H62 BGC E . -49.36 9.19 -8.37
H1 BGC E . -47.33 5.50 -6.83
HO1 BGC E . -49.51 4.62 -7.54
HO2 BGC E . -46.31 3.73 -7.55
HO6 BGC E . -47.55 9.58 -10.27
C2 BGC E . -44.33 10.00 -9.06
C3 BGC E . -42.98 10.64 -9.10
C4 BGC E . -42.08 9.53 -9.55
C5 BGC E . -42.65 8.51 -10.50
C6 BGC E . -41.48 7.62 -10.77
C1 BGC E . -44.84 8.81 -9.92
O2 BGC E . -45.28 11.13 -8.92
O3 BGC E . -42.57 11.13 -7.83
O4 BGC E . -41.00 10.33 -9.96
O5 BGC E . -43.77 7.80 -9.77
O6 BGC E . -42.01 6.36 -11.28
H2 BGC E . -44.28 9.38 -8.31
H3 BGC E . -42.96 11.42 -9.66
H4 BGC E . -41.82 8.86 -8.90
H5 BGC E . -43.00 8.85 -11.34
H61 BGC E . -40.98 7.46 -9.97
H62 BGC E . -40.90 8.03 -11.44
H1 BGC E . -45.01 8.79 -10.89
HO2 BGC E . -45.30 11.59 -9.63
HO3 BGC E . -43.24 11.19 -7.31
HO4 BGC E . -41.18 10.70 -10.70
HO6 BGC E . -41.47 6.03 -11.85
C2 BGC F . 15.23 12.01 23.35
C3 BGC F . 15.87 11.78 21.99
C4 BGC F . 16.92 10.71 22.13
C5 BGC F . 16.51 9.37 22.82
C6 BGC F . 17.78 8.53 22.89
C1 BGC F . 14.65 10.65 23.79
O1 BGC F . 13.86 10.80 24.90
O2 BGC F . 14.33 13.11 23.27
O3 BGC F . 16.45 12.99 21.44
O4 BGC F . 17.44 10.33 20.84
O5 BGC F . 15.79 9.66 24.07
O6 BGC F . 17.80 7.75 24.06
H2 BGC F . 15.82 12.30 24.06
H3 BGC F . 15.18 11.54 21.35
H4 BGC F . 17.58 11.14 22.69
H5 BGC F . 15.89 8.81 22.32
H61 BGC F . 18.54 9.11 22.90
H62 BGC F . 17.81 7.95 22.12
H1 BGC F . 14.08 10.30 23.10
HO1 BGC F . 13.31 11.45 24.77
HO2 BGC F . 13.72 12.94 22.71
HO3 BGC F . 16.66 12.85 20.62
HO6 BGC F . 18.47 7.25 24.06
C2 BGC F . 18.62 9.87 19.21
C3 BGC F . 19.41 10.33 18.03
C4 BGC F . 19.41 11.80 17.78
C5 BGC F . 19.56 12.63 19.01
C6 BGC F . 19.46 14.03 18.51
C1 BGC F . 18.55 10.91 20.32
O2 BGC F . 19.07 8.55 19.64
O3 BGC F . 18.83 9.68 16.88
O4 BGC F . 20.43 11.96 16.80
O5 BGC F . 18.37 12.31 19.85
O6 BGC F . 19.10 14.86 19.65
H2 BGC F . 17.71 9.74 18.93
H3 BGC F . 20.34 10.07 18.19
H4 BGC F . 18.58 12.16 17.43
H5 BGC F . 20.38 12.51 19.51
H61 BGC F . 18.79 14.09 17.83
H62 BGC F . 20.32 14.31 18.16
H1 BGC F . 19.30 11.05 20.90
HO2 BGC F . 19.91 8.52 19.63
HO3 BGC F . 18.85 10.21 16.21
HO4 BGC F . 21.19 11.92 17.19
HO6 BGC F . 19.28 15.68 19.48
C TRS G . -39.15 3.35 -11.05
C1 TRS G . -37.84 3.10 -10.30
C2 TRS G . -38.96 3.21 -12.58
C3 TRS G . -40.24 2.38 -10.56
N TRS G . -39.53 4.76 -10.80
O1 TRS G . -37.62 4.14 -9.38
O2 TRS G . -40.10 3.70 -13.29
O3 TRS G . -40.37 2.47 -9.15
H21 TRS G . -38.79 2.16 -12.83
H22 TRS G . -38.08 3.78 -12.89
H31 TRS G . -39.97 1.36 -10.83
H32 TRS G . -41.19 2.62 -11.04
HO2 TRS G . -39.96 3.57 -14.25
HO3 TRS G . -41.09 1.89 -8.85
C TRS H . -7.87 -23.16 20.98
C1 TRS H . -6.49 -23.58 21.55
C2 TRS H . -8.01 -23.59 19.52
C3 TRS H . -9.06 -23.80 21.71
N TRS H . -8.03 -21.69 21.03
O1 TRS H . -5.87 -22.55 22.33
O2 TRS H . -9.24 -23.10 19.00
O3 TRS H . -8.83 -23.89 23.09
H21 TRS H . -7.98 -24.68 19.45
H22 TRS H . -7.18 -23.20 18.93
H31 TRS H . -9.23 -24.79 21.30
H32 TRS H . -9.95 -23.21 21.53
HO2 TRS H . -9.42 -23.51 18.13
HO3 TRS H . -9.59 -24.36 23.50
C TRS I . 13.40 -1.86 -25.39
C1 TRS I . 14.82 -1.72 -25.94
C2 TRS I . 13.44 -2.69 -24.12
C3 TRS I . 12.69 -0.52 -25.19
N TRS I . 12.63 -2.65 -26.35
O1 TRS I . 15.73 -1.26 -24.95
O2 TRS I . 13.54 -4.07 -24.51
O3 TRS I . 12.69 0.27 -26.38
H21 TRS I . 12.54 -2.54 -23.53
H22 TRS I . 14.29 -2.40 -23.50
H31 TRS I . 13.18 0.03 -24.39
H32 TRS I . 11.65 -0.71 -24.88
HO2 TRS I . 13.45 -4.64 -23.73
HO3 TRS I . 12.23 1.11 -26.21
C TRS J . 17.51 18.63 18.65
C1 TRS J . 18.60 19.57 19.19
C2 TRS J . 16.33 18.58 19.66
C3 TRS J . 17.34 19.14 17.21
N TRS J . 18.05 17.29 18.49
O1 TRS J . 17.97 20.69 19.75
O2 TRS J . 15.28 17.76 19.21
O3 TRS J . 16.91 18.25 16.22
H21 TRS J . 15.96 19.59 19.82
H22 TRS J . 16.70 18.21 20.62
H31 TRS J . 18.29 19.55 16.88
H32 TRS J . 16.62 19.96 17.24
HO2 TRS J . 15.55 17.32 18.38
HO3 TRS J . 17.18 18.57 15.33
#